data_9FAV
#
_entry.id   9FAV
#
_cell.length_a   1.00
_cell.length_b   1.00
_cell.length_c   1.00
_cell.angle_alpha   90.00
_cell.angle_beta   90.00
_cell.angle_gamma   90.00
#
_symmetry.space_group_name_H-M   'P 1'
#
loop_
_entity.id
_entity.type
_entity.pdbx_description
1 polymer 'Gamma-aminobutyric acid receptor subunit beta-3'
2 polymer 'Isoform 2 of Gamma-aminobutyric acid receptor subunit gamma-2'
3 polymer Neuroligin-2
4 polymer 'LHFPL tetraspan subfamily member 4 protein'
5 polymer Megabody25
6 branched beta-D-mannopyranose-(1-4)-2-acetamido-2-deoxy-beta-D-glucopyranose-(1-4)-2-acetamido-2-deoxy-beta-D-glucopyranose
7 branched alpha-D-mannopyranose-(1-3)-[alpha-D-mannopyranose-(1-6)]alpha-D-mannopyranose-(1-6)-[alpha-D-mannopyranose-(1-3)]beta-D-mannopyranose-(1-4)-2-acetamido-2-deoxy-beta-D-glucopyranose-(1-4)-2-acetamido-2-deoxy-beta-D-glucopyranose
8 branched 2-acetamido-2-deoxy-beta-D-glucopyranose-(1-4)-2-acetamido-2-deoxy-beta-D-glucopyranose
9 branched alpha-D-mannopyranose-(1-3)-alpha-D-mannopyranose-(1-6)-[alpha-D-mannopyranose-(1-3)]beta-D-mannopyranose-(1-4)-2-acetamido-2-deoxy-beta-D-glucopyranose-(1-4)-2-acetamido-2-deoxy-beta-D-glucopyranose
10 branched alpha-D-mannopyranose-(1-2)-alpha-D-mannopyranose-(1-3)-[alpha-D-mannopyranose-(1-6)]alpha-D-mannopyranose-(1-6)-[alpha-D-mannopyranose-(1-3)]beta-D-mannopyranose-(1-4)-2-acetamido-2-deoxy-beta-D-glucopyranose-(1-4)-2-acetamido-2-deoxy-beta-D-glucopyranose
11 branched alpha-D-mannopyranose-(1-3)-[alpha-D-mannopyranose-(1-6)]beta-D-mannopyranose-(1-4)-2-acetamido-2-deoxy-beta-D-glucopyranose-(1-4)-2-acetamido-2-deoxy-beta-D-glucopyranose
12 non-polymer HEXANE
13 non-polymer DECANE
14 non-polymer HEXADECANE
15 non-polymer '(1R)-2-{[(S)-{[(2S)-2,3-dihydroxypropyl]oxy}(hydroxy)phosphoryl]oxy}-1-[(hexadecanoyloxy)methyl]ethyl (9Z)-octadec-9-enoate'
16 non-polymer 1,2-DILAUROYL-SN-GLYCERO-3-PHOSPHATE
17 non-polymer 2-acetamido-2-deoxy-beta-D-glucopyranose
18 non-polymer CHOLESTEROL
#
loop_
_entity_poly.entity_id
_entity_poly.type
_entity_poly.pdbx_seq_one_letter_code
_entity_poly.pdbx_strand_id
1 'polypeptide(L)'
;MSFVKETVDKLLKGYDIRLRPDFGGPPVCVGMNIDIASIDMVSEVNMDYTLTMYFQQYWRDKRLAYSGIPLNLTLDNRVA
DQLWVPDTYFLNDKKSFVHGVTVKNRMIRLHPDGTVLYGLRITTTAACMMDLRRYPLDEQNCTLEIESYGYTTDDIEFYW
RGGDKAVTGVERIELPQFSIVEHRLVSRNVVFATGAYPRLSLSFRLKRNIGYFILQTYMPSILITILSWVSFWINYDASA
ARVALGITTVLTMTTINTHLRETLPKIPYVKAIDMYLMGCFVFVFLALLEYAFVNYIFFGRGPQRQKKLAEKTAKAKNDR
SKSESNRVDAHGNILLTSLEVHNEMNEVSGGIGDTRNSAISFDNSGIQYRKQSMPREGHGRFLGDRSLPHKKTHLRRRSS
QLKIKIPDLTDVNAIDRWSRIVFPFTFSLFNLVYWLYYV
;
B,E,A,D
2 'polypeptide(L)'
;GDVTVILNNLLEGYDNKLRPDIGVKPTLIHTDMYVNSIGPVNAINMEYTIDIFFAQTWYDRRLKFNSTIKVLRLNSNMVG
KIWIPDTFFRNSKKADAHWITTPNRMLRIWNDGRVLYTLRLTIDAECQLQLHNFPMDEHSCPLEFSSYGYPREEIVYQWK
RSSVEVGDTRSWRLYQFSFVGLRNTTEVVKTTSGDYVVMSVYFDLSRRMGYFTIQTYIPCTLIVVLSWVSFWINKDAVPA
RTSLGITTVLTMTTLSTIARKSLPKVSYVTAMDLFVSVCFIFVFSALVEYGTLHYFVSNRKPSKDKDKKKKNPAPTIDIR
PRSATIQMNNATHLQERDEEYGYECLDGKDCASFF(P1L)(P1L)FED(P1L)RTGAWRHGRIHIRIAKMDSYARIFFPT
AFCLFNLVYWVSYLYLG
;
C
3 'polypeptide(L)' DSRDYSTELSVTVAVGASLLFLNILAFAALYYK H
4 'polypeptide(L)'
;RNSRAIGVLWAIFTICFAIINVVVFIQPYWVGDSVSTPKPGYFGLFHYCVGSGLAGRELTCRGSFTDFSTIPSSAFKAAA
FFVLLSMVLILGCITCFSLFFFCNTATVYKICAWMQLLAALCLVLGCMIFPDGWDAETIRDMCGAKTGKYSLGDCSVRWA
YILAIIGILNALILSFLAFVLGNRQ
;
L
5 'polypeptide(L)'
;QVQLVESGGGLVQTKTTTSVIDTTNDAQNLLTQAQTIVNTLKDYCPILIAKSSSSNGGTNNANTPSWQTAGGGKNSCATF
GAEFSAASDMINNAQKIVQETQQLSANQPKNITQPHNLNLNSPSSLTALAQKMLKNAQSQAEILKLANQVESDFNKLSSG
HLKDYIGKCDASAISSANMTMQNQKNNWGNGCAGVEETQSLLKTSAADFNNQTPQINQAQNLANTLIQELGNNTYEQLSR
LLTNDNGTNSKTSAQAINQAVNNLNERAKTLAGGTTNSPAYQATLLALRSVLGLWNSMGYAVICGGYTKSPGENNQKDFH
YTDENGNGTTINCGGSTNSNGTHSYNGTNTLKADKNVSLSIEQYEKIHEAYQILSKALKQAGLAPLNSKGEKLEAHVTTS
KYGSLRLSCAASGHTFNYPIMGWFRQAPGKEREFVGAISWSGGSTSYADSVKDRFTISRDNAKNTVYLEMNNLKPEDTAV
YYCAAKGRYSGGLYYPTNYDYWGQGTQVTVSSHHHHHHEPEA
;
K,O,F
#
# COMPACT_ATOMS: atom_id res chain seq x y z
N MET A 1 -42.81 -34.57 0.13
CA MET A 1 -41.86 -33.97 -0.80
C MET A 1 -42.59 -33.43 -2.02
N SER A 2 -43.53 -34.23 -2.55
CA SER A 2 -44.33 -33.75 -3.68
C SER A 2 -45.21 -32.57 -3.27
N PHE A 3 -45.81 -32.66 -2.09
CA PHE A 3 -46.65 -31.57 -1.60
C PHE A 3 -45.87 -30.28 -1.44
N VAL A 4 -44.67 -30.37 -0.86
CA VAL A 4 -43.84 -29.18 -0.67
C VAL A 4 -43.42 -28.60 -2.01
N LYS A 5 -43.03 -29.45 -2.96
CA LYS A 5 -42.63 -28.96 -4.28
C LYS A 5 -43.79 -28.27 -4.99
N GLU A 6 -44.99 -28.87 -4.95
CA GLU A 6 -46.15 -28.24 -5.57
C GLU A 6 -46.51 -26.94 -4.88
N THR A 7 -46.40 -26.88 -3.56
CA THR A 7 -46.68 -25.64 -2.85
C THR A 7 -45.71 -24.54 -3.25
N VAL A 8 -44.42 -24.88 -3.34
CA VAL A 8 -43.43 -23.89 -3.75
C VAL A 8 -43.71 -23.42 -5.18
N ASP A 9 -44.04 -24.35 -6.07
CA ASP A 9 -44.37 -23.98 -7.44
C ASP A 9 -45.59 -23.06 -7.48
N LYS A 10 -46.61 -23.36 -6.68
CA LYS A 10 -47.80 -22.50 -6.63
C LYS A 10 -47.44 -21.11 -6.13
N LEU A 11 -46.58 -21.03 -5.11
CA LEU A 11 -46.17 -19.72 -4.60
C LEU A 11 -45.42 -18.93 -5.66
N LEU A 12 -44.51 -19.58 -6.39
CA LEU A 12 -43.73 -18.90 -7.41
C LEU A 12 -44.47 -18.77 -8.74
N LYS A 13 -45.56 -19.52 -8.95
CA LYS A 13 -46.34 -19.39 -10.16
C LYS A 13 -47.25 -18.17 -10.06
N GLY A 14 -47.35 -17.44 -11.18
CA GLY A 14 -48.18 -16.25 -11.21
C GLY A 14 -47.73 -15.17 -10.24
N TYR A 15 -46.43 -15.11 -9.95
CA TYR A 15 -45.85 -14.14 -9.04
C TYR A 15 -45.12 -13.07 -9.83
N ASP A 16 -45.40 -11.81 -9.52
CA ASP A 16 -44.69 -10.67 -10.08
C ASP A 16 -43.63 -10.20 -9.10
N ILE A 17 -42.42 -9.97 -9.61
CA ILE A 17 -41.28 -9.57 -8.79
C ILE A 17 -41.13 -8.06 -8.85
N ARG A 18 -42.22 -7.36 -9.18
CA ARG A 18 -42.16 -5.97 -9.59
C ARG A 18 -43.14 -5.08 -8.84
N LEU A 19 -43.84 -5.61 -7.85
CA LEU A 19 -44.75 -4.83 -7.03
C LEU A 19 -44.43 -5.14 -5.58
N ARG A 20 -44.30 -4.09 -4.76
CA ARG A 20 -43.99 -4.28 -3.36
C ARG A 20 -45.14 -5.02 -2.68
N PRO A 21 -44.88 -5.69 -1.56
CA PRO A 21 -45.99 -6.27 -0.79
C PRO A 21 -47.00 -5.22 -0.40
N ASP A 22 -48.26 -5.47 -0.73
CA ASP A 22 -49.34 -4.48 -0.57
C ASP A 22 -49.00 -3.21 -1.35
N PHE A 23 -48.98 -3.38 -2.67
CA PHE A 23 -48.61 -2.28 -3.56
C PHE A 23 -49.51 -1.07 -3.36
N GLY A 24 -50.80 -1.24 -3.61
CA GLY A 24 -51.77 -0.20 -3.30
C GLY A 24 -52.25 -0.32 -1.87
N GLY A 25 -51.66 0.43 -0.96
CA GLY A 25 -51.97 0.30 0.44
C GLY A 25 -50.91 0.96 1.31
N PRO A 26 -50.90 0.64 2.61
CA PRO A 26 -49.90 1.23 3.51
C PRO A 26 -48.51 0.77 3.13
N PRO A 27 -47.48 1.53 3.52
CA PRO A 27 -46.11 1.13 3.13
C PRO A 27 -45.69 -0.16 3.81
N VAL A 28 -44.84 -0.91 3.11
CA VAL A 28 -44.31 -2.15 3.65
C VAL A 28 -43.23 -1.83 4.68
N CYS A 29 -43.34 -2.43 5.85
CA CYS A 29 -42.40 -2.20 6.95
C CYS A 29 -41.34 -3.30 6.92
N VAL A 30 -40.08 -2.90 6.78
CA VAL A 30 -38.95 -3.81 6.69
C VAL A 30 -38.16 -3.70 7.98
N GLY A 31 -38.13 -4.78 8.76
CA GLY A 31 -37.36 -4.81 9.99
C GLY A 31 -35.98 -5.40 9.72
N MET A 32 -34.91 -4.71 10.13
CA MET A 32 -33.55 -5.09 9.75
C MET A 32 -32.67 -5.18 10.98
N ASN A 33 -31.77 -6.17 10.99
CA ASN A 33 -30.78 -6.30 12.05
C ASN A 33 -29.47 -6.82 11.46
N ILE A 34 -28.38 -6.55 12.17
CA ILE A 34 -27.03 -6.76 11.68
C ILE A 34 -26.26 -7.51 12.75
N ASP A 35 -25.36 -8.39 12.33
CA ASP A 35 -24.40 -9.05 13.20
C ASP A 35 -23.00 -8.72 12.68
N ILE A 36 -22.26 -7.93 13.44
CA ILE A 36 -20.95 -7.42 13.00
C ILE A 36 -19.93 -8.52 13.23
N ALA A 37 -19.47 -9.14 12.15
CA ALA A 37 -18.47 -10.20 12.27
C ALA A 37 -17.13 -9.62 12.71
N SER A 38 -16.69 -8.53 12.10
CA SER A 38 -15.42 -7.91 12.45
C SER A 38 -15.35 -6.52 11.85
N ILE A 39 -14.51 -5.69 12.45
CA ILE A 39 -14.10 -4.41 11.88
C ILE A 39 -12.59 -4.46 11.71
N ASP A 40 -12.15 -4.61 10.45
CA ASP A 40 -10.77 -4.96 10.17
C ASP A 40 -9.85 -3.76 10.10
N MET A 41 -10.10 -2.83 9.18
CA MET A 41 -9.22 -1.70 8.92
C MET A 41 -9.95 -0.41 9.25
N VAL A 42 -9.24 0.54 9.85
CA VAL A 42 -9.73 1.88 10.10
C VAL A 42 -8.65 2.86 9.66
N SER A 43 -8.78 3.36 8.43
CA SER A 43 -7.72 4.14 7.78
C SER A 43 -8.03 5.62 7.93
N GLU A 44 -7.16 6.35 8.62
CA GLU A 44 -7.29 7.80 8.71
C GLU A 44 -6.80 8.49 7.44
N VAL A 45 -5.81 7.92 6.75
CA VAL A 45 -5.32 8.53 5.52
C VAL A 45 -6.43 8.56 4.47
N ASN A 46 -7.21 7.50 4.39
CA ASN A 46 -8.38 7.44 3.52
C ASN A 46 -9.67 7.87 4.21
N MET A 47 -9.67 7.96 5.54
CA MET A 47 -10.84 8.35 6.31
C MET A 47 -12.01 7.41 6.05
N ASP A 48 -11.78 6.13 6.28
CA ASP A 48 -12.83 5.12 6.10
C ASP A 48 -12.52 3.92 6.98
N TYR A 49 -13.40 2.92 6.91
CA TYR A 49 -13.20 1.70 7.67
C TYR A 49 -13.93 0.55 7.01
N THR A 50 -13.34 -0.64 7.10
CA THR A 50 -13.89 -1.86 6.54
C THR A 50 -14.68 -2.62 7.60
N LEU A 51 -15.83 -3.13 7.21
CA LEU A 51 -16.78 -3.75 8.14
C LEU A 51 -17.45 -4.93 7.46
N THR A 52 -17.39 -6.09 8.10
CA THR A 52 -18.04 -7.30 7.63
C THR A 52 -19.24 -7.61 8.52
N MET A 53 -20.36 -7.99 7.92
CA MET A 53 -21.60 -8.12 8.67
C MET A 53 -22.50 -9.17 8.03
N TYR A 54 -23.41 -9.68 8.85
CA TYR A 54 -24.52 -10.53 8.40
C TYR A 54 -25.78 -9.68 8.38
N PHE A 55 -25.95 -8.92 7.31
CA PHE A 55 -27.15 -8.11 7.15
C PHE A 55 -28.36 -9.02 7.03
N GLN A 56 -29.46 -8.67 7.71
CA GLN A 56 -30.67 -9.47 7.64
C GLN A 56 -31.88 -8.53 7.63
N GLN A 57 -32.84 -8.84 6.77
CA GLN A 57 -34.04 -8.05 6.58
C GLN A 57 -35.25 -8.97 6.64
N TYR A 58 -36.34 -8.45 7.19
CA TYR A 58 -37.59 -9.20 7.38
C TYR A 58 -38.71 -8.33 6.83
N TRP A 59 -39.55 -8.92 5.98
CA TRP A 59 -40.80 -8.26 5.60
C TRP A 59 -41.91 -9.30 5.54
N ARG A 60 -43.12 -8.82 5.25
CA ARG A 60 -44.32 -9.67 5.21
C ARG A 60 -44.94 -9.54 3.84
N ASP A 61 -44.92 -10.64 3.07
CA ASP A 61 -45.53 -10.70 1.75
C ASP A 61 -46.62 -11.75 1.78
N LYS A 62 -47.87 -11.31 1.60
CA LYS A 62 -49.00 -12.24 1.58
C LYS A 62 -48.99 -13.12 0.34
N ARG A 63 -48.30 -12.69 -0.73
CA ARG A 63 -48.24 -13.50 -1.95
C ARG A 63 -47.46 -14.79 -1.74
N LEU A 64 -46.58 -14.85 -0.74
CA LEU A 64 -45.78 -16.02 -0.43
C LEU A 64 -46.26 -16.71 0.85
N ALA A 65 -47.57 -16.75 1.04
CA ALA A 65 -48.18 -17.40 2.19
C ALA A 65 -48.64 -18.80 1.79
N TYR A 66 -48.29 -19.79 2.60
CA TYR A 66 -48.65 -21.18 2.37
C TYR A 66 -49.19 -21.80 3.65
N SER A 67 -50.01 -22.83 3.49
CA SER A 67 -50.67 -23.50 4.60
C SER A 67 -50.55 -25.00 4.44
N GLY A 68 -50.63 -25.71 5.57
CA GLY A 68 -50.53 -27.15 5.59
C GLY A 68 -49.13 -27.69 5.77
N ILE A 69 -48.11 -26.85 5.67
CA ILE A 69 -46.71 -27.25 5.83
C ILE A 69 -46.23 -26.68 7.16
N PRO A 70 -46.12 -27.49 8.24
CA PRO A 70 -45.74 -26.93 9.55
C PRO A 70 -44.24 -26.83 9.74
N LEU A 71 -43.58 -26.06 8.88
CA LEU A 71 -42.14 -25.83 9.00
C LEU A 71 -41.76 -24.60 8.18
N ASN A 72 -40.60 -24.06 8.49
CA ASN A 72 -40.10 -22.83 7.88
C ASN A 72 -39.22 -23.21 6.70
N LEU A 73 -39.70 -22.98 5.48
CA LEU A 73 -38.96 -23.39 4.30
C LEU A 73 -37.76 -22.48 4.06
N THR A 74 -36.57 -23.03 4.24
CA THR A 74 -35.31 -22.33 3.94
C THR A 74 -34.93 -22.71 2.51
N LEU A 75 -35.23 -21.82 1.57
CA LEU A 75 -35.08 -22.15 0.16
C LEU A 75 -33.65 -21.89 -0.29
N ASP A 76 -33.32 -22.41 -1.48
CA ASP A 76 -32.02 -22.16 -2.08
C ASP A 76 -31.88 -20.66 -2.37
N ASN A 77 -30.65 -20.17 -2.29
CA ASN A 77 -30.39 -18.75 -2.39
C ASN A 77 -30.83 -18.15 -3.73
N ARG A 78 -30.73 -18.91 -4.82
CA ARG A 78 -31.06 -18.38 -6.14
C ARG A 78 -32.50 -17.92 -6.25
N VAL A 79 -33.41 -18.44 -5.41
CA VAL A 79 -34.80 -18.00 -5.45
C VAL A 79 -34.93 -16.52 -5.09
N ALA A 80 -33.91 -15.91 -4.48
CA ALA A 80 -33.93 -14.48 -4.26
C ALA A 80 -34.10 -13.72 -5.57
N ASP A 81 -33.57 -14.25 -6.67
CA ASP A 81 -33.76 -13.60 -7.96
C ASP A 81 -35.21 -13.68 -8.44
N GLN A 82 -35.98 -14.65 -7.95
CA GLN A 82 -37.36 -14.84 -8.36
C GLN A 82 -38.37 -14.17 -7.43
N LEU A 83 -37.92 -13.38 -6.47
CA LEU A 83 -38.80 -12.76 -5.48
C LEU A 83 -38.45 -11.28 -5.34
N TRP A 84 -39.44 -10.51 -4.88
CA TRP A 84 -39.22 -9.09 -4.59
C TRP A 84 -38.39 -8.96 -3.32
N VAL A 85 -37.43 -8.04 -3.35
CA VAL A 85 -36.60 -7.72 -2.19
C VAL A 85 -36.45 -6.21 -2.11
N PRO A 86 -36.18 -5.63 -0.94
CA PRO A 86 -35.97 -4.18 -0.88
C PRO A 86 -34.73 -3.76 -1.66
N ASP A 87 -34.71 -2.47 -2.02
CA ASP A 87 -33.59 -1.86 -2.74
C ASP A 87 -32.65 -1.13 -1.79
N THR A 88 -32.46 -1.69 -0.60
CA THR A 88 -31.65 -1.06 0.42
C THR A 88 -30.21 -0.89 -0.04
N TYR A 89 -29.59 0.21 0.37
CA TYR A 89 -28.19 0.46 0.04
C TYR A 89 -27.56 1.31 1.13
N PHE A 90 -26.24 1.24 1.22
CA PHE A 90 -25.46 1.99 2.20
C PHE A 90 -25.04 3.31 1.58
N LEU A 91 -25.47 4.42 2.20
CA LEU A 91 -25.27 5.72 1.58
C LEU A 91 -23.82 6.18 1.65
N ASN A 92 -23.15 5.93 2.77
CA ASN A 92 -21.78 6.39 2.99
C ASN A 92 -20.75 5.32 2.65
N ASP A 93 -21.05 4.46 1.69
CA ASP A 93 -20.16 3.37 1.29
C ASP A 93 -19.32 3.80 0.09
N LYS A 94 -18.05 3.37 0.09
CA LYS A 94 -17.13 3.63 -1.01
C LYS A 94 -16.93 2.42 -1.91
N LYS A 95 -17.05 1.22 -1.36
CA LYS A 95 -16.92 -0.01 -2.13
C LYS A 95 -17.37 -1.17 -1.24
N SER A 96 -18.17 -2.07 -1.80
CA SER A 96 -18.71 -3.18 -1.05
C SER A 96 -19.02 -4.33 -2.00
N PHE A 97 -19.17 -5.52 -1.43
CA PHE A 97 -19.44 -6.71 -2.21
C PHE A 97 -20.03 -7.78 -1.29
N VAL A 98 -20.63 -8.79 -1.92
CA VAL A 98 -21.19 -9.95 -1.23
C VAL A 98 -20.28 -11.14 -1.52
N HIS A 99 -19.90 -11.86 -0.47
CA HIS A 99 -18.99 -12.98 -0.63
C HIS A 99 -19.64 -14.10 -1.44
N GLY A 100 -18.82 -14.75 -2.27
CA GLY A 100 -19.30 -15.74 -3.22
C GLY A 100 -18.55 -17.05 -3.18
N VAL A 101 -18.18 -17.51 -1.99
CA VAL A 101 -17.50 -18.78 -1.78
C VAL A 101 -18.15 -19.47 -0.58
N THR A 102 -18.53 -20.74 -0.69
CA THR A 102 -18.45 -21.61 -1.89
C THR A 102 -19.49 -21.22 -2.93
N VAL A 103 -20.60 -20.63 -2.47
CA VAL A 103 -21.64 -20.09 -3.32
C VAL A 103 -21.92 -18.65 -2.86
N LYS A 104 -22.90 -18.03 -3.50
CA LYS A 104 -23.30 -16.68 -3.09
C LYS A 104 -23.84 -16.72 -1.67
N ASN A 105 -23.19 -15.98 -0.77
CA ASN A 105 -23.56 -15.97 0.64
C ASN A 105 -24.87 -15.20 0.80
N ARG A 106 -25.97 -15.92 0.61
CA ARG A 106 -27.29 -15.33 0.60
C ARG A 106 -28.28 -16.33 1.20
N MET A 107 -29.36 -15.78 1.75
CA MET A 107 -30.32 -16.56 2.55
C MET A 107 -31.73 -16.11 2.19
N ILE A 108 -32.60 -17.07 1.91
CA ILE A 108 -34.03 -16.83 1.73
C ILE A 108 -34.79 -17.86 2.57
N ARG A 109 -35.66 -17.38 3.45
CA ARG A 109 -36.47 -18.25 4.29
C ARG A 109 -37.91 -17.73 4.32
N LEU A 110 -38.85 -18.58 3.92
CA LEU A 110 -40.27 -18.22 3.83
C LEU A 110 -41.03 -18.90 4.96
N HIS A 111 -41.48 -18.11 5.92
CA HIS A 111 -42.31 -18.59 7.03
C HIS A 111 -43.73 -18.78 6.52
N PRO A 112 -44.57 -19.57 7.18
CA PRO A 112 -45.90 -19.87 6.64
C PRO A 112 -46.94 -18.77 6.79
N ASP A 113 -46.57 -17.62 7.36
CA ASP A 113 -47.45 -16.47 7.46
C ASP A 113 -47.09 -15.38 6.46
N GLY A 114 -46.31 -15.70 5.43
CA GLY A 114 -45.86 -14.73 4.46
C GLY A 114 -44.61 -13.97 4.86
N THR A 115 -44.09 -14.21 6.06
CA THR A 115 -42.93 -13.46 6.53
C THR A 115 -41.66 -13.99 5.85
N VAL A 116 -41.04 -13.14 5.03
CA VAL A 116 -39.83 -13.47 4.30
C VAL A 116 -38.63 -12.92 5.06
N LEU A 117 -37.63 -13.78 5.27
CA LEU A 117 -36.35 -13.41 5.85
C LEU A 117 -35.30 -13.49 4.74
N TYR A 118 -34.51 -12.43 4.60
CA TYR A 118 -33.52 -12.30 3.54
C TYR A 118 -32.20 -11.90 4.17
N GLY A 119 -31.16 -12.70 3.96
CA GLY A 119 -29.88 -12.50 4.61
C GLY A 119 -28.74 -12.41 3.60
N LEU A 120 -27.75 -11.57 3.92
CA LEU A 120 -26.59 -11.37 3.07
C LEU A 120 -25.35 -11.13 3.93
N ARG A 121 -24.26 -11.81 3.59
CA ARG A 121 -22.96 -11.56 4.22
C ARG A 121 -22.24 -10.50 3.38
N ILE A 122 -22.07 -9.31 3.94
CA ILE A 122 -21.63 -8.13 3.20
C ILE A 122 -20.38 -7.55 3.86
N THR A 123 -19.39 -7.22 3.03
CA THR A 123 -18.24 -6.43 3.44
C THR A 123 -18.32 -5.07 2.78
N THR A 124 -18.23 -4.01 3.59
CA THR A 124 -18.36 -2.63 3.12
C THR A 124 -17.19 -1.79 3.62
N THR A 125 -16.68 -0.94 2.73
CA THR A 125 -15.70 0.08 3.08
C THR A 125 -16.47 1.38 3.25
N ALA A 126 -16.93 1.63 4.47
CA ALA A 126 -17.75 2.79 4.74
C ALA A 126 -16.88 4.00 5.08
N ALA A 127 -17.28 5.15 4.55
CA ALA A 127 -16.59 6.40 4.81
C ALA A 127 -16.83 6.85 6.25
N CYS A 128 -15.77 7.33 6.89
CA CYS A 128 -15.82 7.83 8.26
C CYS A 128 -14.97 9.09 8.33
N MET A 129 -15.60 10.25 8.18
CA MET A 129 -14.90 11.51 8.34
C MET A 129 -14.39 11.64 9.76
N MET A 130 -13.16 12.13 9.90
CA MET A 130 -12.45 12.16 11.17
C MET A 130 -11.93 13.57 11.43
N ASP A 131 -11.78 13.89 12.71
CA ASP A 131 -11.27 15.17 13.18
C ASP A 131 -10.01 14.90 13.98
N LEU A 132 -8.87 14.84 13.29
CA LEU A 132 -7.58 14.59 13.92
C LEU A 132 -6.90 15.90 14.33
N ARG A 133 -7.62 16.75 15.05
CA ARG A 133 -7.03 17.95 15.63
C ARG A 133 -6.43 17.68 17.00
N ARG A 134 -6.95 16.68 17.72
CA ARG A 134 -6.42 16.26 19.01
C ARG A 134 -5.68 14.94 18.92
N TYR A 135 -5.20 14.57 17.73
CA TYR A 135 -4.57 13.29 17.53
C TYR A 135 -3.28 13.21 18.37
N PRO A 136 -3.01 12.09 19.07
CA PRO A 136 -3.75 10.83 19.23
C PRO A 136 -4.80 10.84 20.34
N LEU A 137 -5.08 12.01 20.90
CA LEU A 137 -6.05 12.15 21.99
C LEU A 137 -7.43 12.49 21.44
N ASP A 138 -7.91 11.63 20.54
CA ASP A 138 -9.10 11.89 19.75
C ASP A 138 -10.14 10.78 19.95
N GLU A 139 -11.40 11.14 19.71
CA GLU A 139 -12.54 10.23 19.84
C GLU A 139 -13.45 10.44 18.64
N GLN A 140 -13.46 9.48 17.73
CA GLN A 140 -14.17 9.61 16.46
C GLN A 140 -15.61 9.11 16.56
N ASN A 141 -16.41 9.54 15.59
CA ASN A 141 -17.77 9.08 15.34
C ASN A 141 -17.82 8.47 13.94
N CYS A 142 -17.69 7.16 13.83
CA CYS A 142 -17.93 6.48 12.57
C CYS A 142 -19.37 6.00 12.52
N THR A 143 -19.92 5.95 11.31
CA THR A 143 -21.34 5.70 11.12
C THR A 143 -21.55 4.86 9.86
N LEU A 144 -22.66 4.15 9.86
CA LEU A 144 -23.15 3.42 8.68
C LEU A 144 -24.59 3.85 8.45
N GLU A 145 -24.86 4.39 7.28
CA GLU A 145 -26.17 4.93 6.92
C GLU A 145 -26.81 4.00 5.91
N ILE A 146 -28.03 3.55 6.21
CA ILE A 146 -28.78 2.59 5.41
C ILE A 146 -30.04 3.27 4.93
N GLU A 147 -30.32 3.15 3.62
CA GLU A 147 -31.43 3.90 3.05
C GLU A 147 -31.98 3.18 1.81
N SER A 148 -33.27 3.39 1.56
CA SER A 148 -33.90 2.89 0.35
C SER A 148 -33.54 3.78 -0.83
N TYR A 149 -33.23 3.16 -1.97
CA TYR A 149 -32.76 3.91 -3.13
C TYR A 149 -33.92 4.58 -3.87
N GLY A 150 -34.89 3.79 -4.32
CA GLY A 150 -35.96 4.30 -5.16
C GLY A 150 -37.20 4.68 -4.39
N TYR A 151 -37.67 3.81 -3.50
CA TYR A 151 -38.91 4.04 -2.80
C TYR A 151 -38.73 5.14 -1.74
N THR A 152 -39.87 5.64 -1.26
CA THR A 152 -39.94 6.70 -0.25
C THR A 152 -40.79 6.22 0.91
N THR A 153 -40.89 7.06 1.94
CA THR A 153 -41.57 6.68 3.18
C THR A 153 -43.04 6.32 2.96
N ASP A 154 -43.67 6.85 1.92
CA ASP A 154 -45.03 6.49 1.60
C ASP A 154 -45.17 5.08 1.02
N ASP A 155 -44.05 4.42 0.69
CA ASP A 155 -44.05 3.09 0.12
C ASP A 155 -43.29 2.07 0.95
N ILE A 156 -42.15 2.45 1.54
CA ILE A 156 -41.32 1.55 2.32
C ILE A 156 -40.95 2.23 3.63
N GLU A 157 -40.95 1.46 4.71
CA GLU A 157 -40.61 1.96 6.04
C GLU A 157 -39.58 1.05 6.67
N PHE A 158 -38.59 1.65 7.32
CA PHE A 158 -37.51 0.92 7.96
C PHE A 158 -37.62 1.06 9.48
N TYR A 159 -37.22 0.00 10.18
CA TYR A 159 -37.16 0.01 11.63
C TYR A 159 -36.18 -1.06 12.09
N TRP A 160 -35.53 -0.80 13.22
CA TRP A 160 -34.58 -1.75 13.78
C TRP A 160 -35.33 -2.87 14.48
N ARG A 161 -35.20 -4.09 13.97
CA ARG A 161 -35.87 -5.23 14.56
C ARG A 161 -35.22 -5.57 15.90
N GLY A 162 -36.02 -5.55 16.96
CA GLY A 162 -35.53 -5.80 18.30
C GLY A 162 -35.06 -4.59 19.06
N GLY A 163 -35.37 -3.39 18.58
CA GLY A 163 -34.97 -2.19 19.30
C GLY A 163 -33.47 -2.03 19.35
N ASP A 164 -32.96 -1.74 20.55
CA ASP A 164 -31.52 -1.52 20.72
C ASP A 164 -30.69 -2.80 20.59
N LYS A 165 -31.32 -3.97 20.64
CA LYS A 165 -30.62 -5.24 20.50
C LYS A 165 -30.53 -5.71 19.06
N ALA A 166 -30.83 -4.84 18.08
CA ALA A 166 -30.77 -5.25 16.68
C ALA A 166 -29.34 -5.58 16.27
N VAL A 167 -28.38 -4.72 16.61
CA VAL A 167 -26.99 -4.88 16.24
C VAL A 167 -26.28 -5.66 17.34
N THR A 168 -25.72 -6.80 16.99
CA THR A 168 -25.01 -7.68 17.91
C THR A 168 -23.58 -7.87 17.44
N GLY A 169 -22.76 -8.43 18.32
CA GLY A 169 -21.37 -8.71 18.01
C GLY A 169 -20.43 -7.53 18.16
N VAL A 170 -20.93 -6.36 18.52
CA VAL A 170 -20.07 -5.19 18.70
C VAL A 170 -19.13 -5.41 19.89
N GLU A 171 -19.61 -6.08 20.94
CA GLU A 171 -18.82 -6.26 22.13
C GLU A 171 -17.60 -7.15 21.88
N ARG A 172 -17.70 -8.07 20.92
CA ARG A 172 -16.62 -9.02 20.65
C ARG A 172 -15.55 -8.46 19.71
N ILE A 173 -15.71 -7.23 19.22
CA ILE A 173 -14.75 -6.66 18.29
C ILE A 173 -13.52 -6.19 19.06
N GLU A 174 -12.34 -6.61 18.61
CA GLU A 174 -11.06 -6.27 19.23
C GLU A 174 -10.25 -5.48 18.21
N LEU A 175 -10.40 -4.15 18.22
CA LEU A 175 -9.61 -3.34 17.31
C LEU A 175 -8.18 -3.19 17.84
N PRO A 176 -7.16 -3.10 16.98
CA PRO A 176 -5.80 -3.03 17.51
C PRO A 176 -5.47 -1.70 18.15
N GLN A 177 -5.85 -0.60 17.51
CA GLN A 177 -5.52 0.75 17.96
C GLN A 177 -6.66 1.45 18.69
N PHE A 178 -7.90 1.24 18.24
CA PHE A 178 -9.07 1.89 18.80
C PHE A 178 -9.76 0.99 19.82
N SER A 179 -10.69 1.58 20.57
CA SER A 179 -11.57 0.86 21.48
C SER A 179 -12.98 1.35 21.23
N ILE A 180 -13.92 0.42 21.04
CA ILE A 180 -15.31 0.81 20.81
C ILE A 180 -15.94 1.11 22.16
N VAL A 181 -16.39 2.35 22.33
CA VAL A 181 -16.96 2.82 23.59
C VAL A 181 -18.46 2.63 23.62
N GLU A 182 -19.14 2.89 22.50
CA GLU A 182 -20.59 2.86 22.45
C GLU A 182 -21.03 2.57 21.04
N HIS A 183 -22.26 2.08 20.90
CA HIS A 183 -22.92 1.98 19.61
C HIS A 183 -24.36 2.44 19.78
N ARG A 184 -24.85 3.21 18.81
CA ARG A 184 -26.19 3.77 18.83
C ARG A 184 -26.93 3.46 17.55
N LEU A 185 -28.22 3.15 17.67
CA LEU A 185 -29.11 2.89 16.55
C LEU A 185 -30.11 4.02 16.47
N VAL A 186 -30.27 4.59 15.27
CA VAL A 186 -31.12 5.74 15.05
C VAL A 186 -31.95 5.51 13.79
N SER A 187 -33.20 5.96 13.81
CA SER A 187 -34.12 5.85 12.69
C SER A 187 -34.69 7.23 12.38
N ARG A 188 -34.64 7.63 11.11
CA ARG A 188 -35.10 8.95 10.69
C ARG A 188 -35.81 8.89 9.34
N ASN A 189 -36.36 10.04 8.92
CA ASN A 189 -36.99 10.20 7.61
C ASN A 189 -36.38 11.47 7.00
N VAL A 190 -35.38 11.28 6.12
CA VAL A 190 -34.72 12.43 5.53
C VAL A 190 -35.60 13.00 4.43
N VAL A 191 -35.82 14.31 4.48
CA VAL A 191 -36.75 14.98 3.57
C VAL A 191 -35.97 15.48 2.37
N PHE A 192 -36.40 15.07 1.18
CA PHE A 192 -35.82 15.48 -0.10
C PHE A 192 -36.90 16.17 -0.93
N ALA A 193 -36.49 16.71 -2.07
CA ALA A 193 -37.44 17.36 -2.96
C ALA A 193 -38.50 16.39 -3.45
N THR A 194 -38.09 15.18 -3.83
CA THR A 194 -39.05 14.18 -4.27
C THR A 194 -39.97 13.75 -3.14
N GLY A 195 -39.41 13.56 -1.94
CA GLY A 195 -40.20 13.16 -0.81
C GLY A 195 -39.31 12.74 0.34
N ALA A 196 -39.94 12.18 1.37
CA ALA A 196 -39.24 11.72 2.56
C ALA A 196 -38.81 10.26 2.38
N TYR A 197 -37.52 10.01 2.57
CA TYR A 197 -36.92 8.69 2.43
C TYR A 197 -36.59 8.13 3.79
N PRO A 198 -36.90 6.86 4.10
CA PRO A 198 -36.51 6.31 5.41
C PRO A 198 -35.01 6.14 5.49
N ARG A 199 -34.49 6.18 6.72
CA ARG A 199 -33.06 5.99 6.93
C ARG A 199 -32.82 5.37 8.30
N LEU A 200 -31.81 4.52 8.36
CA LEU A 200 -31.31 3.97 9.61
C LEU A 200 -29.83 4.29 9.72
N SER A 201 -29.36 4.43 10.96
CA SER A 201 -27.98 4.80 11.22
C SER A 201 -27.44 3.98 12.37
N LEU A 202 -26.27 3.39 12.16
CA LEU A 202 -25.53 2.65 13.19
C LEU A 202 -24.24 3.42 13.44
N SER A 203 -24.11 4.00 14.64
CA SER A 203 -23.03 4.94 14.94
C SER A 203 -22.16 4.36 16.05
N PHE A 204 -20.88 4.11 15.72
CA PHE A 204 -19.88 3.74 16.71
C PHE A 204 -19.05 4.95 17.09
N ARG A 205 -18.67 5.01 18.36
CA ARG A 205 -17.81 6.06 18.92
C ARG A 205 -16.49 5.43 19.34
N LEU A 206 -15.55 5.39 18.40
CA LEU A 206 -14.23 4.84 18.67
C LEU A 206 -13.41 5.83 19.50
N LYS A 207 -12.58 5.29 20.39
CA LYS A 207 -11.65 6.09 21.19
C LYS A 207 -10.26 5.53 20.97
N ARG A 208 -9.32 6.39 20.58
CA ARG A 208 -7.97 5.92 20.32
C ARG A 208 -7.24 5.58 21.61
N ASN A 209 -6.41 4.54 21.55
CA ASN A 209 -5.63 4.07 22.68
C ASN A 209 -4.27 4.74 22.66
N ILE A 210 -4.00 5.56 23.68
CA ILE A 210 -2.68 6.17 23.83
C ILE A 210 -1.81 5.25 24.69
N GLY A 211 -1.28 4.20 24.08
CA GLY A 211 -0.29 3.35 24.70
C GLY A 211 0.94 3.17 23.82
N TYR A 212 0.75 3.31 22.50
CA TYR A 212 1.84 3.24 21.55
C TYR A 212 2.56 4.58 21.45
N PHE A 213 1.81 5.68 21.42
CA PHE A 213 2.41 6.99 21.31
C PHE A 213 3.17 7.36 22.59
N ILE A 214 2.59 7.02 23.75
CA ILE A 214 3.24 7.33 25.02
C ILE A 214 4.57 6.60 25.14
N LEU A 215 4.68 5.43 24.53
CA LEU A 215 5.92 4.66 24.60
C LEU A 215 6.94 5.09 23.55
N GLN A 216 6.48 5.48 22.36
CA GLN A 216 7.38 5.82 21.25
C GLN A 216 7.60 7.33 21.09
N THR A 217 6.60 8.16 21.38
CA THR A 217 6.68 9.59 21.07
C THR A 217 7.16 10.42 22.26
N TYR A 218 6.40 10.40 23.35
CA TYR A 218 6.58 11.42 24.39
C TYR A 218 7.82 11.15 25.24
N MET A 219 8.07 9.88 25.55
CA MET A 219 9.16 9.52 26.45
C MET A 219 10.52 9.88 25.86
N PRO A 220 10.85 9.53 24.58
CA PRO A 220 12.15 9.96 24.03
C PRO A 220 12.33 11.46 24.03
N SER A 221 11.26 12.19 23.70
CA SER A 221 11.35 13.64 23.64
C SER A 221 11.65 14.23 25.01
N ILE A 222 10.95 13.73 26.04
CA ILE A 222 11.18 14.22 27.40
C ILE A 222 12.61 13.92 27.84
N LEU A 223 13.09 12.71 27.55
CA LEU A 223 14.44 12.36 27.98
C LEU A 223 15.49 13.19 27.23
N ILE A 224 15.26 13.48 25.95
CA ILE A 224 16.23 14.31 25.22
C ILE A 224 16.25 15.72 25.76
N THR A 225 15.08 16.27 26.11
CA THR A 225 15.05 17.59 26.73
C THR A 225 15.79 17.58 28.06
N ILE A 226 15.64 16.49 28.82
CA ILE A 226 16.38 16.38 30.08
C ILE A 226 17.87 16.31 29.81
N LEU A 227 18.29 15.69 28.70
CA LEU A 227 19.72 15.67 28.37
C LEU A 227 20.23 17.06 28.00
N SER A 228 19.41 17.88 27.36
CA SER A 228 19.82 19.28 27.17
C SER A 228 19.97 19.98 28.52
N TRP A 229 19.07 19.68 29.46
CA TRP A 229 19.27 20.24 30.80
C TRP A 229 20.57 19.75 31.40
N VAL A 230 20.98 18.51 31.12
CA VAL A 230 22.28 18.03 31.56
C VAL A 230 23.40 18.84 30.91
N SER A 231 23.21 19.23 29.64
CA SER A 231 24.21 20.06 28.98
C SER A 231 24.40 21.38 29.71
N PHE A 232 23.33 21.89 30.33
CA PHE A 232 23.48 23.15 31.07
C PHE A 232 24.48 23.06 32.22
N TRP A 233 24.61 21.89 32.86
CA TRP A 233 25.38 21.77 34.09
C TRP A 233 26.89 21.58 33.85
N ILE A 234 27.37 21.80 32.63
CA ILE A 234 28.76 21.55 32.28
C ILE A 234 29.50 22.89 32.33
N ASN A 235 30.83 22.82 32.49
CA ASN A 235 31.66 24.01 32.54
C ASN A 235 31.47 24.87 31.28
N TYR A 236 31.70 26.17 31.43
CA TYR A 236 31.50 27.08 30.30
C TYR A 236 32.65 27.01 29.31
N ASP A 237 33.88 26.81 29.80
CA ASP A 237 35.03 26.82 28.90
C ASP A 237 35.09 25.56 28.05
N ALA A 238 34.51 24.46 28.54
CA ALA A 238 34.48 23.20 27.78
C ALA A 238 33.46 23.34 26.67
N SER A 239 33.89 24.02 25.60
CA SER A 239 32.95 24.37 24.53
C SER A 239 32.62 23.17 23.66
N ALA A 240 33.60 22.30 23.40
CA ALA A 240 33.36 21.15 22.52
C ALA A 240 32.28 20.25 23.09
N ALA A 241 32.34 19.95 24.38
CA ALA A 241 31.37 19.04 24.99
C ALA A 241 29.97 19.64 24.94
N ARG A 242 29.82 20.89 25.36
CA ARG A 242 28.50 21.51 25.40
C ARG A 242 27.91 21.65 24.01
N VAL A 243 28.71 22.11 23.05
CA VAL A 243 28.21 22.29 21.69
C VAL A 243 27.82 20.95 21.09
N ALA A 244 28.66 19.92 21.26
CA ALA A 244 28.34 18.61 20.72
C ALA A 244 27.08 18.05 21.34
N LEU A 245 26.93 18.18 22.66
CA LEU A 245 25.75 17.65 23.33
C LEU A 245 24.49 18.35 22.85
N GLY A 246 24.51 19.68 22.78
CA GLY A 246 23.33 20.40 22.34
C GLY A 246 22.96 20.09 20.90
N ILE A 247 23.94 20.12 19.99
CA ILE A 247 23.62 19.92 18.59
C ILE A 247 23.21 18.47 18.33
N THR A 248 23.78 17.52 19.07
CA THR A 248 23.38 16.14 18.88
C THR A 248 22.00 15.89 19.48
N THR A 249 21.63 16.61 20.54
CA THR A 249 20.25 16.54 21.01
C THR A 249 19.28 17.07 19.95
N VAL A 250 19.66 18.17 19.29
CA VAL A 250 18.82 18.68 18.21
C VAL A 250 18.69 17.66 17.09
N LEU A 251 19.81 17.02 16.73
CA LEU A 251 19.79 16.00 15.68
C LEU A 251 18.91 14.82 16.10
N THR A 252 18.98 14.41 17.36
CA THR A 252 18.15 13.32 17.83
C THR A 252 16.68 13.68 17.78
N MET A 253 16.35 14.93 18.13
CA MET A 253 14.95 15.36 18.04
C MET A 253 14.45 15.34 16.61
N THR A 254 15.27 15.82 15.66
CA THR A 254 14.87 15.76 14.26
C THR A 254 14.70 14.32 13.79
N THR A 255 15.60 13.44 14.22
CA THR A 255 15.50 12.03 13.85
C THR A 255 14.21 11.42 14.39
N ILE A 256 13.88 11.71 15.64
CA ILE A 256 12.64 11.21 16.24
C ILE A 256 11.44 11.70 15.45
N ASN A 257 11.40 13.01 15.17
CA ASN A 257 10.25 13.57 14.46
C ASN A 257 10.10 12.94 13.08
N THR A 258 11.20 12.85 12.32
CA THR A 258 11.13 12.33 10.96
C THR A 258 10.68 10.86 10.96
N HIS A 259 11.36 10.02 11.73
CA HIS A 259 11.01 8.60 11.71
C HIS A 259 9.61 8.37 12.25
N LEU A 260 9.21 9.11 13.30
CA LEU A 260 7.87 8.97 13.84
C LEU A 260 6.81 9.30 12.80
N ARG A 261 6.89 10.49 12.20
CA ARG A 261 5.82 10.90 11.29
C ARG A 261 5.87 10.11 10.00
N GLU A 262 7.03 9.53 9.64
CA GLU A 262 7.07 8.60 8.53
C GLU A 262 6.32 7.32 8.87
N THR A 263 6.57 6.77 10.07
CA THR A 263 5.85 5.56 10.47
C THR A 263 4.38 5.82 10.68
N LEU A 264 4.03 6.96 11.28
CA LEU A 264 2.64 7.24 11.59
C LEU A 264 1.87 7.61 10.31
N PRO A 265 0.53 7.51 10.34
CA PRO A 265 -0.25 8.03 9.21
C PRO A 265 0.05 9.49 8.93
N LYS A 266 0.03 9.84 7.65
CA LYS A 266 0.29 11.20 7.18
C LYS A 266 -1.03 11.91 6.97
N ILE A 267 -1.31 12.90 7.80
CA ILE A 267 -2.51 13.72 7.73
C ILE A 267 -2.07 15.16 7.60
N PRO A 268 -2.29 15.85 6.45
CA PRO A 268 -1.68 17.19 6.28
C PRO A 268 -2.48 18.32 6.93
N TYR A 269 -2.53 18.31 8.26
CA TYR A 269 -2.87 19.51 9.02
C TYR A 269 -2.44 19.29 10.46
N VAL A 270 -2.55 20.36 11.26
CA VAL A 270 -1.93 20.39 12.57
C VAL A 270 -2.56 19.35 13.49
N LYS A 271 -1.71 18.71 14.29
CA LYS A 271 -2.13 17.70 15.26
C LYS A 271 -1.42 17.98 16.57
N ALA A 272 -1.99 17.45 17.67
CA ALA A 272 -1.42 17.70 18.99
C ALA A 272 -0.02 17.13 19.10
N ILE A 273 0.22 15.97 18.50
CA ILE A 273 1.54 15.34 18.56
C ILE A 273 2.58 16.24 17.90
N ASP A 274 2.20 16.93 16.83
CA ASP A 274 3.11 17.87 16.19
C ASP A 274 3.45 19.02 17.13
N MET A 275 2.45 19.54 17.86
CA MET A 275 2.71 20.63 18.80
C MET A 275 3.65 20.19 19.91
N TYR A 276 3.46 18.97 20.43
CA TYR A 276 4.35 18.50 21.49
C TYR A 276 5.77 18.32 20.98
N LEU A 277 5.93 17.64 19.84
CA LEU A 277 7.27 17.44 19.29
C LEU A 277 7.95 18.77 18.99
N MET A 278 7.18 19.75 18.53
CA MET A 278 7.78 21.02 18.16
C MET A 278 8.12 21.85 19.40
N GLY A 279 7.33 21.73 20.46
CA GLY A 279 7.72 22.35 21.72
C GLY A 279 9.03 21.78 22.23
N CYS A 280 9.19 20.47 22.16
CA CYS A 280 10.46 19.86 22.57
C CYS A 280 11.61 20.34 21.68
N PHE A 281 11.37 20.43 20.38
CA PHE A 281 12.39 20.94 19.46
C PHE A 281 12.79 22.36 19.81
N VAL A 282 11.82 23.21 20.10
CA VAL A 282 12.11 24.59 20.46
C VAL A 282 12.90 24.65 21.76
N PHE A 283 12.58 23.79 22.72
CA PHE A 283 13.32 23.80 23.97
C PHE A 283 14.78 23.40 23.78
N VAL A 284 15.03 22.34 23.00
CA VAL A 284 16.42 21.93 22.79
C VAL A 284 17.18 22.98 21.99
N PHE A 285 16.49 23.66 21.06
CA PHE A 285 17.11 24.76 20.33
C PHE A 285 17.47 25.91 21.27
N LEU A 286 16.56 26.24 22.18
CA LEU A 286 16.80 27.32 23.13
C LEU A 286 17.97 27.00 24.05
N ALA A 287 18.17 25.72 24.36
CA ALA A 287 19.32 25.34 25.19
C ALA A 287 20.64 25.70 24.51
N LEU A 288 20.77 25.39 23.22
CA LEU A 288 22.00 25.71 22.52
C LEU A 288 22.16 27.21 22.34
N LEU A 289 21.06 27.92 22.11
CA LEU A 289 21.15 29.39 22.07
C LEU A 289 21.63 29.94 23.41
N GLU A 290 21.14 29.36 24.51
CA GLU A 290 21.58 29.79 25.84
C GLU A 290 23.06 29.58 26.02
N TYR A 291 23.58 28.42 25.57
CA TYR A 291 25.02 28.24 25.63
C TYR A 291 25.77 29.26 24.78
N ALA A 292 25.23 29.61 23.60
CA ALA A 292 25.88 30.61 22.77
C ALA A 292 25.97 31.94 23.51
N PHE A 293 24.89 32.33 24.18
CA PHE A 293 24.90 33.56 24.98
C PHE A 293 25.95 33.48 26.07
N VAL A 294 26.02 32.34 26.78
CA VAL A 294 27.00 32.19 27.86
C VAL A 294 28.41 32.31 27.32
N ASN A 295 28.69 31.65 26.20
CA ASN A 295 30.04 31.64 25.66
C ASN A 295 30.44 33.04 25.20
N TYR A 296 29.54 33.74 24.52
CA TYR A 296 29.89 35.07 24.02
C TYR A 296 30.08 36.05 25.17
N ILE A 297 29.17 36.04 26.15
CA ILE A 297 29.19 37.06 27.19
C ILE A 297 30.43 36.93 28.06
N PHE A 298 30.72 35.71 28.54
CA PHE A 298 31.75 35.51 29.55
C PHE A 298 33.09 35.14 28.89
N PHE A 299 33.12 34.01 28.19
CA PHE A 299 34.38 33.51 27.64
C PHE A 299 34.80 34.23 26.37
N GLY A 300 33.84 34.63 25.54
CA GLY A 300 34.16 35.31 24.30
C GLY A 300 34.66 36.72 24.51
N ARG A 301 33.82 37.58 25.06
CA ARG A 301 34.17 38.97 25.29
C ARG A 301 33.24 39.58 26.34
N ASP A 411 33.30 32.66 37.44
CA ASP A 411 32.96 31.35 37.96
C ASP A 411 31.46 31.24 38.26
N VAL A 412 30.82 32.38 38.52
CA VAL A 412 29.39 32.35 38.87
C VAL A 412 28.56 31.83 37.70
N ASN A 413 28.81 32.33 36.49
CA ASN A 413 28.03 31.98 35.31
C ASN A 413 26.54 32.16 35.57
N ALA A 414 26.16 33.42 35.78
CA ALA A 414 24.82 33.74 36.25
C ALA A 414 23.75 33.24 35.28
N ILE A 415 24.01 33.31 33.97
CA ILE A 415 23.04 32.86 32.99
C ILE A 415 22.76 31.37 33.17
N ASP A 416 23.80 30.58 33.44
CA ASP A 416 23.60 29.17 33.72
C ASP A 416 22.75 28.97 34.98
N ARG A 417 23.00 29.79 36.01
CA ARG A 417 22.25 29.66 37.25
C ARG A 417 20.77 29.94 37.02
N TRP A 418 20.45 30.98 36.26
CA TRP A 418 19.04 31.21 35.92
C TRP A 418 18.48 30.09 35.07
N SER A 419 19.24 29.60 34.09
CA SER A 419 18.72 28.59 33.18
C SER A 419 18.39 27.29 33.90
N ARG A 420 19.24 26.89 34.86
CA ARG A 420 19.05 25.62 35.56
C ARG A 420 17.67 25.54 36.22
N ILE A 421 17.14 26.66 36.68
CA ILE A 421 15.82 26.70 37.30
C ILE A 421 14.74 27.04 36.28
N VAL A 422 15.03 27.91 35.32
CA VAL A 422 14.00 28.39 34.41
C VAL A 422 13.57 27.28 33.46
N PHE A 423 14.54 26.59 32.83
CA PHE A 423 14.18 25.64 31.77
C PHE A 423 13.36 24.48 32.29
N PRO A 424 13.74 23.78 33.38
CA PRO A 424 12.84 22.74 33.90
C PRO A 424 11.47 23.26 34.28
N PHE A 425 11.40 24.44 34.92
CA PHE A 425 10.12 25.01 35.31
C PHE A 425 9.27 25.35 34.09
N THR A 426 9.89 25.97 33.08
CA THR A 426 9.17 26.33 31.87
C THR A 426 8.67 25.09 31.14
N PHE A 427 9.51 24.05 31.04
CA PHE A 427 9.08 22.83 30.38
C PHE A 427 7.95 22.14 31.15
N SER A 428 8.03 22.15 32.48
CA SER A 428 6.94 21.57 33.26
C SER A 428 5.64 22.34 33.06
N LEU A 429 5.73 23.68 33.01
CA LEU A 429 4.53 24.48 32.76
C LEU A 429 3.95 24.19 31.39
N PHE A 430 4.81 24.10 30.37
CA PHE A 430 4.33 23.79 29.03
C PHE A 430 3.71 22.40 28.98
N ASN A 431 4.33 21.43 29.65
CA ASN A 431 3.78 20.09 29.68
C ASN A 431 2.41 20.05 30.35
N LEU A 432 2.25 20.77 31.45
CA LEU A 432 0.95 20.82 32.12
C LEU A 432 -0.09 21.51 31.24
N VAL A 433 0.30 22.59 30.56
CA VAL A 433 -0.64 23.27 29.67
C VAL A 433 -1.07 22.34 28.54
N TYR A 434 -0.12 21.60 27.97
CA TYR A 434 -0.45 20.67 26.90
C TYR A 434 -1.37 19.55 27.39
N TRP A 435 -1.07 18.97 28.55
CA TRP A 435 -1.86 17.86 29.06
C TRP A 435 -3.17 18.31 29.70
N LEU A 436 -3.39 19.61 29.88
CA LEU A 436 -4.68 20.14 30.29
C LEU A 436 -5.54 20.53 29.09
N TYR A 437 -4.94 21.18 28.09
CA TYR A 437 -5.69 21.63 26.93
C TYR A 437 -6.24 20.44 26.13
N TYR A 438 -5.42 19.43 25.92
CA TYR A 438 -5.78 18.29 25.07
C TYR A 438 -6.36 17.12 25.84
N VAL A 439 -6.46 17.20 27.16
CA VAL A 439 -7.08 16.14 27.96
C VAL A 439 -7.93 16.77 29.05
N MET B 1 -40.30 6.29 -40.87
CA MET B 1 -39.35 6.26 -39.76
C MET B 1 -39.15 4.81 -39.39
N SER B 2 -40.25 4.06 -39.30
CA SER B 2 -40.19 2.68 -38.86
C SER B 2 -39.37 1.79 -39.77
N PHE B 3 -39.29 2.14 -41.07
CA PHE B 3 -38.71 1.24 -42.07
C PHE B 3 -37.29 0.80 -41.70
N VAL B 4 -36.56 1.64 -40.97
CA VAL B 4 -35.18 1.32 -40.59
C VAL B 4 -35.13 -0.03 -39.89
N LYS B 5 -36.03 -0.25 -38.93
CA LYS B 5 -36.09 -1.52 -38.22
C LYS B 5 -36.18 -2.68 -39.19
N GLU B 6 -37.11 -2.61 -40.14
CA GLU B 6 -37.29 -3.69 -41.10
C GLU B 6 -36.00 -3.99 -41.85
N THR B 7 -35.31 -2.94 -42.34
CA THR B 7 -34.13 -3.24 -43.14
C THR B 7 -33.05 -3.89 -42.29
N VAL B 8 -32.90 -3.44 -41.03
CA VAL B 8 -31.84 -4.04 -40.23
C VAL B 8 -32.20 -5.48 -39.91
N ASP B 9 -33.50 -5.79 -39.83
CA ASP B 9 -33.89 -7.19 -39.65
C ASP B 9 -33.41 -8.02 -40.82
N LYS B 10 -33.61 -7.52 -42.05
CA LYS B 10 -33.11 -8.27 -43.20
C LYS B 10 -31.59 -8.22 -43.27
N LEU B 11 -30.95 -7.27 -42.57
CA LEU B 11 -29.50 -7.30 -42.49
C LEU B 11 -29.04 -8.40 -41.53
N LEU B 12 -29.86 -8.71 -40.52
CA LEU B 12 -29.50 -9.70 -39.52
C LEU B 12 -30.11 -11.07 -39.77
N LYS B 13 -31.12 -11.16 -40.63
CA LYS B 13 -31.79 -12.44 -40.86
C LYS B 13 -30.89 -13.36 -41.68
N GLY B 14 -29.94 -14.00 -41.00
CA GLY B 14 -28.96 -14.86 -41.62
C GLY B 14 -27.62 -14.16 -41.77
N TYR B 15 -26.72 -14.39 -40.80
CA TYR B 15 -25.41 -13.77 -40.82
C TYR B 15 -24.51 -14.60 -39.91
N ASP B 16 -23.68 -15.44 -40.50
CA ASP B 16 -22.79 -16.27 -39.70
C ASP B 16 -21.78 -15.40 -38.97
N ILE B 17 -21.70 -15.56 -37.65
CA ILE B 17 -20.85 -14.72 -36.81
C ILE B 17 -19.48 -15.38 -36.61
N ARG B 18 -19.16 -16.39 -37.43
CA ARG B 18 -17.89 -17.10 -37.35
C ARG B 18 -17.11 -17.09 -38.67
N LEU B 19 -17.68 -16.52 -39.73
CA LEU B 19 -17.03 -16.46 -41.04
C LEU B 19 -16.70 -15.02 -41.37
N ARG B 20 -15.45 -14.76 -41.72
CA ARG B 20 -15.02 -13.42 -42.06
C ARG B 20 -15.66 -13.00 -43.39
N PRO B 21 -15.74 -11.69 -43.66
CA PRO B 21 -16.19 -11.25 -44.99
C PRO B 21 -15.25 -11.77 -46.06
N ASP B 22 -15.83 -12.26 -47.16
CA ASP B 22 -15.08 -12.87 -48.25
C ASP B 22 -14.23 -14.04 -47.71
N PHE B 23 -14.95 -15.06 -47.24
CA PHE B 23 -14.30 -16.18 -46.55
C PHE B 23 -13.31 -16.88 -47.46
N GLY B 24 -13.70 -17.14 -48.71
CA GLY B 24 -12.81 -17.72 -49.69
C GLY B 24 -12.07 -16.69 -50.52
N GLY B 25 -12.57 -15.46 -50.53
CA GLY B 25 -12.00 -14.41 -51.36
C GLY B 25 -10.69 -13.88 -50.81
N PRO B 26 -10.21 -12.76 -51.38
CA PRO B 26 -8.99 -12.15 -50.87
C PRO B 26 -9.16 -11.68 -49.44
N PRO B 27 -8.08 -11.33 -48.74
CA PRO B 27 -8.20 -10.93 -47.34
C PRO B 27 -8.98 -9.64 -47.17
N VAL B 28 -9.67 -9.55 -46.03
CA VAL B 28 -10.36 -8.32 -45.67
C VAL B 28 -9.34 -7.28 -45.24
N CYS B 29 -9.45 -6.08 -45.79
CA CYS B 29 -8.47 -5.02 -45.57
C CYS B 29 -8.95 -4.17 -44.38
N VAL B 30 -8.33 -4.38 -43.23
CA VAL B 30 -8.76 -3.77 -41.98
C VAL B 30 -7.88 -2.56 -41.70
N GLY B 31 -8.43 -1.37 -41.94
CA GLY B 31 -7.74 -0.16 -41.54
C GLY B 31 -7.94 0.12 -40.06
N MET B 32 -6.98 0.86 -39.49
CA MET B 32 -6.96 1.10 -38.05
C MET B 32 -6.58 2.56 -37.79
N ASN B 33 -7.07 3.07 -36.67
CA ASN B 33 -6.78 4.42 -36.22
C ASN B 33 -6.74 4.43 -34.70
N ILE B 34 -5.92 5.34 -34.15
CA ILE B 34 -5.79 5.51 -32.70
C ILE B 34 -5.83 6.99 -32.40
N ASP B 35 -6.51 7.34 -31.30
CA ASP B 35 -6.47 8.69 -30.75
C ASP B 35 -6.07 8.57 -29.29
N ILE B 36 -4.87 9.04 -28.95
CA ILE B 36 -4.32 8.86 -27.61
C ILE B 36 -4.95 9.90 -26.69
N ALA B 37 -5.56 9.43 -25.59
CA ALA B 37 -6.08 10.36 -24.60
C ALA B 37 -4.98 10.81 -23.65
N SER B 38 -4.22 9.87 -23.11
CA SER B 38 -3.12 10.18 -22.20
C SER B 38 -2.33 8.90 -21.94
N ILE B 39 -1.06 9.08 -21.58
CA ILE B 39 -0.22 8.02 -21.07
C ILE B 39 -0.08 8.27 -19.57
N ASP B 40 -0.90 7.58 -18.78
CA ASP B 40 -1.01 7.91 -17.36
C ASP B 40 0.30 7.65 -16.62
N MET B 41 0.73 6.40 -16.58
CA MET B 41 1.87 5.97 -15.78
C MET B 41 2.98 5.44 -16.68
N VAL B 42 4.22 5.64 -16.24
CA VAL B 42 5.39 5.06 -16.86
C VAL B 42 6.24 4.52 -15.71
N SER B 43 6.09 3.23 -15.40
CA SER B 43 6.69 2.63 -14.22
C SER B 43 8.00 1.95 -14.62
N GLU B 44 9.10 2.46 -14.07
CA GLU B 44 10.40 1.83 -14.31
C GLU B 44 10.55 0.54 -13.51
N VAL B 45 9.88 0.46 -12.36
CA VAL B 45 9.97 -0.75 -11.53
C VAL B 45 9.31 -1.93 -12.25
N ASN B 46 8.10 -1.72 -12.75
CA ASN B 46 7.33 -2.76 -13.40
C ASN B 46 7.64 -2.92 -14.89
N MET B 47 8.38 -1.99 -15.49
CA MET B 47 8.72 -2.03 -16.90
C MET B 47 7.46 -2.06 -17.77
N ASP B 48 6.57 -1.10 -17.54
CA ASP B 48 5.35 -0.99 -18.31
C ASP B 48 4.84 0.44 -18.23
N TYR B 49 3.82 0.73 -19.04
CA TYR B 49 3.19 2.04 -19.05
C TYR B 49 1.72 1.88 -19.34
N THR B 50 0.89 2.68 -18.65
CA THR B 50 -0.54 2.71 -18.88
C THR B 50 -0.87 3.70 -19.98
N LEU B 51 -1.91 3.40 -20.75
CA LEU B 51 -2.26 4.20 -21.91
C LEU B 51 -3.75 4.07 -22.17
N THR B 52 -4.44 5.21 -22.22
CA THR B 52 -5.85 5.28 -22.58
C THR B 52 -5.96 5.80 -24.00
N MET B 53 -6.81 5.15 -24.80
CA MET B 53 -6.86 5.48 -26.22
C MET B 53 -8.23 5.14 -26.79
N TYR B 54 -8.52 5.78 -27.92
CA TYR B 54 -9.69 5.48 -28.74
CA TYR B 54 -9.69 5.49 -28.73
C TYR B 54 -9.22 4.69 -29.95
N PHE B 55 -9.72 3.47 -30.07
CA PHE B 55 -9.30 2.52 -31.09
C PHE B 55 -10.40 2.39 -32.13
N GLN B 56 -10.12 2.81 -33.37
CA GLN B 56 -11.07 2.76 -34.46
C GLN B 56 -10.63 1.70 -35.48
N GLN B 57 -11.59 0.92 -35.95
CA GLN B 57 -11.36 -0.13 -36.94
C GLN B 57 -12.33 0.05 -38.10
N TYR B 58 -11.80 -0.15 -39.31
CA TYR B 58 -12.53 0.09 -40.56
CA TYR B 58 -12.53 0.08 -40.55
C TYR B 58 -12.39 -1.15 -41.44
N TRP B 59 -13.50 -1.64 -41.98
CA TRP B 59 -13.43 -2.76 -42.91
C TRP B 59 -14.74 -2.88 -43.66
N ARG B 60 -14.64 -3.34 -44.91
CA ARG B 60 -15.80 -3.46 -45.78
C ARG B 60 -16.45 -4.82 -45.60
N ASP B 61 -17.77 -4.84 -45.52
CA ASP B 61 -18.55 -6.07 -45.38
C ASP B 61 -19.84 -5.90 -46.17
N LYS B 62 -19.93 -6.57 -47.32
CA LYS B 62 -21.13 -6.47 -48.13
C LYS B 62 -22.31 -7.24 -47.53
N ARG B 63 -22.04 -8.17 -46.61
CA ARG B 63 -23.13 -8.88 -45.95
C ARG B 63 -24.04 -7.93 -45.18
N LEU B 64 -23.47 -6.86 -44.62
CA LEU B 64 -24.21 -5.83 -43.89
C LEU B 64 -24.40 -4.57 -44.71
N ALA B 65 -24.59 -4.73 -46.03
CA ALA B 65 -24.81 -3.61 -46.93
C ALA B 65 -26.31 -3.40 -47.12
N TYR B 66 -26.76 -2.16 -46.95
CA TYR B 66 -28.16 -1.79 -47.08
C TYR B 66 -28.30 -0.72 -48.16
N SER B 67 -29.52 -0.63 -48.70
CA SER B 67 -29.84 0.30 -49.79
C SER B 67 -31.07 1.11 -49.41
N GLY B 68 -31.28 2.19 -50.16
CA GLY B 68 -32.42 3.07 -49.95
C GLY B 68 -32.14 4.20 -48.99
N ILE B 69 -31.75 3.85 -47.77
CA ILE B 69 -31.50 4.88 -46.75
C ILE B 69 -30.23 5.63 -47.10
N PRO B 70 -30.23 6.96 -47.19
CA PRO B 70 -29.00 7.69 -47.54
C PRO B 70 -28.14 8.12 -46.35
N LEU B 71 -28.57 7.87 -45.12
CA LEU B 71 -27.87 8.34 -43.93
C LEU B 71 -27.03 7.22 -43.33
N ASN B 72 -26.15 7.61 -42.41
CA ASN B 72 -25.30 6.68 -41.69
C ASN B 72 -26.05 6.18 -40.46
N LEU B 73 -26.14 4.86 -40.32
CA LEU B 73 -26.86 4.26 -39.20
C LEU B 73 -25.93 4.17 -38.00
N THR B 74 -26.06 5.13 -37.08
CA THR B 74 -25.24 5.17 -35.87
C THR B 74 -25.90 4.27 -34.83
N LEU B 75 -25.65 2.97 -34.96
CA LEU B 75 -26.25 2.00 -34.07
C LEU B 75 -25.68 2.13 -32.66
N ASP B 76 -26.38 1.51 -31.71
CA ASP B 76 -25.96 1.56 -30.32
C ASP B 76 -24.79 0.59 -30.09
N ASN B 77 -24.32 0.55 -28.85
CA ASN B 77 -23.20 -0.31 -28.47
C ASN B 77 -23.57 -1.79 -28.36
N ARG B 78 -24.86 -2.12 -28.30
CA ARG B 78 -25.30 -3.49 -28.04
C ARG B 78 -25.35 -4.36 -29.28
N VAL B 79 -25.27 -3.78 -30.48
CA VAL B 79 -25.33 -4.58 -31.70
C VAL B 79 -24.02 -5.31 -31.98
N ALA B 80 -22.91 -4.89 -31.35
CA ALA B 80 -21.61 -5.46 -31.67
C ALA B 80 -21.54 -6.95 -31.34
N ASP B 81 -22.32 -7.40 -30.36
CA ASP B 81 -22.33 -8.82 -30.04
C ASP B 81 -22.92 -9.65 -31.17
N GLN B 82 -23.80 -9.06 -31.97
CA GLN B 82 -24.45 -9.80 -33.05
C GLN B 82 -23.59 -9.87 -34.31
N LEU B 83 -22.79 -8.85 -34.57
CA LEU B 83 -22.00 -8.78 -35.80
C LEU B 83 -20.64 -9.45 -35.60
N TRP B 84 -19.88 -9.54 -36.69
CA TRP B 84 -18.52 -10.05 -36.68
C TRP B 84 -17.54 -8.88 -36.59
N VAL B 85 -16.44 -9.09 -35.88
CA VAL B 85 -15.39 -8.08 -35.74
C VAL B 85 -14.04 -8.75 -35.85
N PRO B 86 -12.99 -7.99 -36.19
CA PRO B 86 -11.65 -8.60 -36.28
C PRO B 86 -11.18 -9.13 -34.94
N ASP B 87 -10.38 -10.19 -34.98
CA ASP B 87 -9.79 -10.79 -33.79
C ASP B 87 -8.46 -10.12 -33.46
N THR B 88 -8.53 -8.80 -33.25
CA THR B 88 -7.36 -7.97 -33.01
C THR B 88 -7.07 -7.90 -31.52
N TYR B 89 -5.79 -7.86 -31.17
CA TYR B 89 -5.39 -7.71 -29.78
C TYR B 89 -4.01 -7.07 -29.75
N PHE B 90 -3.55 -6.78 -28.53
CA PHE B 90 -2.25 -6.16 -28.29
C PHE B 90 -1.28 -7.20 -27.76
N LEU B 91 -0.14 -7.34 -28.43
CA LEU B 91 0.79 -8.42 -28.11
C LEU B 91 1.41 -8.22 -26.73
N ASN B 92 1.78 -6.99 -26.37
CA ASN B 92 2.58 -6.71 -25.19
C ASN B 92 1.78 -6.09 -24.06
N ASP B 93 0.48 -6.38 -23.99
CA ASP B 93 -0.37 -5.86 -22.93
C ASP B 93 -0.34 -6.80 -21.74
N LYS B 94 -0.20 -6.22 -20.54
CA LYS B 94 -0.25 -6.99 -19.30
C LYS B 94 -1.63 -6.99 -18.67
N LYS B 95 -2.41 -5.93 -18.89
CA LYS B 95 -3.78 -5.87 -18.39
C LYS B 95 -4.48 -4.74 -19.13
N SER B 96 -5.60 -5.06 -19.78
CA SER B 96 -6.33 -4.08 -20.57
C SER B 96 -7.82 -4.25 -20.33
N PHE B 97 -8.55 -3.16 -20.54
CA PHE B 97 -10.01 -3.22 -20.39
C PHE B 97 -10.66 -2.09 -21.17
N VAL B 98 -11.96 -2.24 -21.36
CA VAL B 98 -12.80 -1.24 -22.03
C VAL B 98 -13.65 -0.57 -20.97
N HIS B 99 -13.69 0.75 -20.99
CA HIS B 99 -14.44 1.50 -19.97
C HIS B 99 -15.93 1.20 -20.11
N GLY B 100 -16.60 1.00 -18.98
CA GLY B 100 -17.98 0.56 -18.93
C GLY B 100 -19.01 1.55 -18.44
N VAL B 101 -18.59 2.73 -17.97
CA VAL B 101 -19.47 3.70 -17.34
C VAL B 101 -19.67 4.86 -18.33
N THR B 102 -20.90 5.36 -18.50
CA THR B 102 -22.16 4.87 -17.90
C THR B 102 -22.64 3.60 -18.60
N VAL B 103 -22.28 3.46 -19.88
CA VAL B 103 -22.57 2.26 -20.66
C VAL B 103 -21.25 1.79 -21.27
N LYS B 104 -21.29 0.58 -21.84
CA LYS B 104 -20.10 0.03 -22.45
C LYS B 104 -19.70 0.87 -23.66
N ASN B 105 -18.51 1.45 -23.59
CA ASN B 105 -18.05 2.41 -24.58
C ASN B 105 -17.70 1.70 -25.88
N ARG B 106 -18.64 1.66 -26.82
CA ARG B 106 -18.42 1.08 -28.13
C ARG B 106 -19.28 1.83 -29.14
N MET B 107 -18.90 1.72 -30.41
CA MET B 107 -19.62 2.39 -31.48
C MET B 107 -19.60 1.51 -32.72
N ILE B 108 -20.74 1.44 -33.40
CA ILE B 108 -20.84 0.88 -34.74
C ILE B 108 -21.64 1.85 -35.59
N ARG B 109 -21.14 2.16 -36.78
CA ARG B 109 -21.70 3.18 -37.67
C ARG B 109 -21.79 2.63 -39.09
N LEU B 110 -22.44 1.47 -39.23
CA LEU B 110 -22.61 0.78 -40.50
C LEU B 110 -23.06 1.73 -41.61
N HIS B 111 -22.40 1.61 -42.77
CA HIS B 111 -22.60 2.47 -43.92
C HIS B 111 -23.36 1.73 -45.01
N PRO B 112 -24.02 2.44 -45.94
CA PRO B 112 -24.77 1.74 -46.99
C PRO B 112 -23.91 0.86 -47.88
N ASP B 113 -22.66 1.26 -48.15
CA ASP B 113 -21.78 0.42 -48.96
C ASP B 113 -21.49 -0.91 -48.26
N GLY B 114 -21.30 -0.87 -46.94
CA GLY B 114 -20.99 -2.05 -46.16
C GLY B 114 -19.76 -1.88 -45.29
N THR B 115 -19.29 -0.64 -45.11
CA THR B 115 -18.09 -0.37 -44.35
C THR B 115 -18.45 -0.10 -42.89
N VAL B 116 -17.90 -0.92 -42.00
CA VAL B 116 -18.17 -0.81 -40.57
C VAL B 116 -17.16 0.14 -39.96
N LEU B 117 -17.56 0.76 -38.84
CA LEU B 117 -16.72 1.68 -38.07
C LEU B 117 -16.81 1.23 -36.62
N TYR B 118 -15.91 0.35 -36.21
CA TYR B 118 -15.94 -0.25 -34.88
C TYR B 118 -15.02 0.55 -33.95
N GLY B 119 -15.62 1.25 -32.99
CA GLY B 119 -14.87 2.09 -32.07
C GLY B 119 -14.85 1.53 -30.66
N LEU B 120 -13.72 1.67 -29.98
CA LEU B 120 -13.55 1.24 -28.60
C LEU B 120 -12.79 2.30 -27.83
N ARG B 121 -12.99 2.34 -26.52
CA ARG B 121 -12.22 3.18 -25.61
C ARG B 121 -11.52 2.27 -24.63
N ILE B 122 -10.21 2.12 -24.78
CA ILE B 122 -9.44 1.06 -24.12
C ILE B 122 -8.37 1.70 -23.24
N THR B 123 -8.26 1.21 -22.01
CA THR B 123 -7.12 1.49 -21.14
C THR B 123 -6.30 0.21 -21.02
N THR B 124 -5.02 0.30 -21.38
CA THR B 124 -4.13 -0.86 -21.45
C THR B 124 -2.80 -0.54 -20.81
N THR B 125 -2.27 -1.49 -20.04
CA THR B 125 -0.94 -1.43 -19.47
C THR B 125 -0.03 -2.28 -20.34
N ALA B 126 0.83 -1.64 -21.12
CA ALA B 126 1.68 -2.31 -22.10
C ALA B 126 3.10 -2.38 -21.56
N ALA B 127 3.73 -3.54 -21.72
CA ALA B 127 5.09 -3.73 -21.25
C ALA B 127 6.07 -2.93 -22.12
N CYS B 128 6.95 -2.19 -21.47
CA CYS B 128 8.00 -1.42 -22.13
C CYS B 128 9.31 -1.70 -21.40
N MET B 129 10.09 -2.62 -21.95
CA MET B 129 11.38 -2.96 -21.34
C MET B 129 12.36 -1.82 -21.53
N MET B 130 12.99 -1.39 -20.44
CA MET B 130 13.76 -0.16 -20.40
C MET B 130 15.24 -0.46 -20.19
N ASP B 131 16.08 0.34 -20.84
CA ASP B 131 17.53 0.30 -20.66
C ASP B 131 17.90 1.43 -19.71
N LEU B 132 17.75 1.17 -18.41
CA LEU B 132 18.06 2.15 -17.37
C LEU B 132 19.53 2.17 -16.99
N ARG B 133 20.41 1.57 -17.79
CA ARG B 133 21.83 1.55 -17.45
C ARG B 133 22.42 2.95 -17.38
N ARG B 134 21.88 3.89 -18.14
CA ARG B 134 22.32 5.28 -18.13
C ARG B 134 21.42 6.17 -17.28
N TYR B 135 20.66 5.57 -16.36
CA TYR B 135 19.72 6.34 -15.55
C TYR B 135 20.47 7.36 -14.70
N PRO B 136 19.95 8.60 -14.56
CA PRO B 136 18.73 9.22 -15.09
C PRO B 136 18.93 9.93 -16.44
N LEU B 137 20.05 9.64 -17.11
CA LEU B 137 20.38 10.24 -18.40
C LEU B 137 20.17 9.17 -19.48
N ASP B 138 18.93 9.04 -19.94
CA ASP B 138 18.60 7.97 -20.85
C ASP B 138 17.41 8.36 -21.72
N GLU B 139 17.32 7.69 -22.87
CA GLU B 139 16.17 7.78 -23.76
C GLU B 139 15.62 6.37 -23.96
N GLN B 140 14.32 6.21 -23.77
CA GLN B 140 13.65 4.92 -23.82
C GLN B 140 12.75 4.85 -25.05
N ASN B 141 12.55 3.64 -25.56
CA ASN B 141 11.63 3.38 -26.66
C ASN B 141 10.54 2.46 -26.12
N CYS B 142 9.29 2.90 -26.26
CA CYS B 142 8.13 2.14 -25.79
C CYS B 142 7.20 1.89 -26.96
N THR B 143 6.85 0.62 -27.18
CA THR B 143 6.10 0.21 -28.36
C THR B 143 4.79 -0.43 -27.94
N LEU B 144 3.77 -0.20 -28.77
CA LEU B 144 2.50 -0.91 -28.70
C LEU B 144 2.34 -1.70 -29.99
N GLU B 145 2.19 -3.01 -29.87
CA GLU B 145 2.08 -3.93 -31.00
C GLU B 145 0.64 -4.40 -31.11
N ILE B 146 0.10 -4.38 -32.32
CA ILE B 146 -1.28 -4.77 -32.60
C ILE B 146 -1.23 -5.90 -33.62
N GLU B 147 -1.91 -7.00 -33.31
CA GLU B 147 -1.82 -8.21 -34.13
C GLU B 147 -3.15 -8.95 -34.10
N SER B 148 -3.42 -9.69 -35.17
CA SER B 148 -4.57 -10.59 -35.22
C SER B 148 -4.24 -11.88 -34.48
N TYR B 149 -5.18 -12.36 -33.66
CA TYR B 149 -4.88 -13.46 -32.76
C TYR B 149 -4.70 -14.77 -33.52
N GLY B 150 -5.61 -15.08 -34.43
CA GLY B 150 -5.63 -16.38 -35.08
C GLY B 150 -5.93 -16.35 -36.57
N TYR B 151 -5.48 -15.29 -37.26
CA TYR B 151 -5.72 -15.14 -38.69
C TYR B 151 -4.40 -14.87 -39.40
N THR B 152 -4.09 -15.70 -40.40
CA THR B 152 -2.93 -15.53 -41.25
C THR B 152 -3.14 -14.34 -42.18
N THR B 153 -2.02 -13.78 -42.68
CA THR B 153 -2.08 -12.60 -43.53
C THR B 153 -2.94 -12.80 -44.78
N ASP B 154 -3.10 -14.03 -45.25
CA ASP B 154 -3.99 -14.29 -46.37
C ASP B 154 -5.46 -14.08 -46.03
N ASP B 155 -5.80 -13.98 -44.74
CA ASP B 155 -7.18 -13.78 -44.30
C ASP B 155 -7.48 -12.33 -43.91
N ILE B 156 -6.63 -11.73 -43.09
CA ILE B 156 -6.80 -10.35 -42.61
C ILE B 156 -5.52 -9.58 -42.90
N GLU B 157 -5.67 -8.38 -43.42
CA GLU B 157 -4.57 -7.49 -43.74
C GLU B 157 -4.79 -6.15 -43.06
N PHE B 158 -3.79 -5.71 -42.29
CA PHE B 158 -3.85 -4.48 -41.52
C PHE B 158 -3.13 -3.36 -42.25
N TYR B 159 -3.57 -2.13 -42.00
CA TYR B 159 -2.87 -0.94 -42.48
C TYR B 159 -3.29 0.24 -41.63
N TRP B 160 -2.42 1.25 -41.58
CA TRP B 160 -2.70 2.48 -40.85
C TRP B 160 -3.56 3.38 -41.72
N ARG B 161 -4.83 3.53 -41.36
CA ARG B 161 -5.71 4.42 -42.10
C ARG B 161 -5.24 5.86 -41.94
N GLY B 162 -5.17 6.58 -43.06
CA GLY B 162 -4.61 7.92 -43.09
C GLY B 162 -3.13 7.97 -43.40
N GLY B 163 -2.45 6.82 -43.48
CA GLY B 163 -1.07 6.78 -43.90
C GLY B 163 -0.09 7.08 -42.78
N ASP B 164 0.04 8.37 -42.43
CA ASP B 164 0.95 8.82 -41.38
C ASP B 164 0.26 9.60 -40.27
N LYS B 165 -0.90 10.19 -40.52
CA LYS B 165 -1.70 10.83 -39.49
C LYS B 165 -2.70 9.88 -38.85
N ALA B 166 -2.42 8.57 -38.89
CA ALA B 166 -3.35 7.60 -38.31
C ALA B 166 -3.47 7.80 -36.81
N VAL B 167 -2.35 8.05 -36.13
CA VAL B 167 -2.33 8.24 -34.69
C VAL B 167 -2.36 9.73 -34.40
N THR B 168 -3.42 10.19 -33.74
CA THR B 168 -3.61 11.58 -33.37
C THR B 168 -3.60 11.70 -31.84
N GLY B 169 -3.51 12.94 -31.37
CA GLY B 169 -3.55 13.21 -29.95
C GLY B 169 -2.25 12.99 -29.21
N VAL B 170 -1.14 12.75 -29.94
CA VAL B 170 0.14 12.63 -29.28
C VAL B 170 0.53 13.94 -28.60
N GLU B 171 0.08 15.07 -29.15
CA GLU B 171 0.41 16.37 -28.56
C GLU B 171 -0.13 16.51 -27.14
N ARG B 172 -1.29 15.92 -26.85
CA ARG B 172 -1.94 16.11 -25.57
C ARG B 172 -1.41 15.17 -24.49
N ILE B 173 -0.42 14.34 -24.80
CA ILE B 173 0.19 13.47 -23.80
C ILE B 173 1.12 14.35 -22.95
N GLU B 174 0.79 14.48 -21.66
CA GLU B 174 1.56 15.28 -20.72
C GLU B 174 2.10 14.36 -19.64
N LEU B 175 3.40 14.04 -19.72
CA LEU B 175 4.11 13.28 -18.71
C LEU B 175 5.03 14.21 -17.94
N PRO B 176 5.03 14.20 -16.61
CA PRO B 176 5.86 15.18 -15.90
C PRO B 176 7.35 14.91 -16.03
N GLN B 177 7.77 13.65 -15.89
CA GLN B 177 9.19 13.33 -15.89
C GLN B 177 9.72 13.09 -17.30
N PHE B 178 8.92 12.49 -18.18
CA PHE B 178 9.32 12.16 -19.54
C PHE B 178 8.76 13.18 -20.52
N SER B 179 9.27 13.13 -21.75
CA SER B 179 8.81 13.97 -22.84
C SER B 179 8.92 13.19 -24.14
N ILE B 180 7.91 13.31 -24.99
CA ILE B 180 7.84 12.54 -26.23
C ILE B 180 8.59 13.33 -27.30
N VAL B 181 9.83 12.92 -27.59
CA VAL B 181 10.60 13.60 -28.62
C VAL B 181 10.08 13.23 -30.01
N GLU B 182 9.65 11.98 -30.19
CA GLU B 182 9.24 11.50 -31.50
C GLU B 182 8.36 10.27 -31.34
N HIS B 183 7.48 10.07 -32.33
CA HIS B 183 6.66 8.87 -32.44
C HIS B 183 6.73 8.36 -33.87
N ARG B 184 6.64 7.04 -34.03
CA ARG B 184 6.77 6.38 -35.33
C ARG B 184 5.71 5.31 -35.47
N LEU B 185 5.34 5.01 -36.72
CA LEU B 185 4.36 3.99 -37.06
C LEU B 185 4.98 3.07 -38.10
N VAL B 186 4.84 1.75 -37.89
CA VAL B 186 5.36 0.78 -38.84
C VAL B 186 4.38 -0.37 -38.99
N SER B 187 4.35 -0.96 -40.19
CA SER B 187 3.51 -2.11 -40.50
C SER B 187 4.39 -3.22 -41.06
N ARG B 188 4.18 -4.44 -40.59
CA ARG B 188 5.02 -5.56 -40.98
C ARG B 188 4.22 -6.86 -40.90
N ASN B 189 4.86 -7.94 -41.31
CA ASN B 189 4.31 -9.30 -41.21
C ASN B 189 5.28 -10.17 -40.42
N VAL B 190 4.79 -10.75 -39.33
CA VAL B 190 5.61 -11.58 -38.45
C VAL B 190 5.27 -13.03 -38.73
N VAL B 191 6.30 -13.84 -39.01
CA VAL B 191 6.13 -15.20 -39.48
C VAL B 191 6.38 -16.15 -38.32
N PHE B 192 5.35 -16.89 -37.93
CA PHE B 192 5.43 -17.97 -36.97
C PHE B 192 5.43 -19.30 -37.73
N ALA B 193 5.36 -20.41 -36.98
CA ALA B 193 5.27 -21.73 -37.60
C ALA B 193 3.99 -21.85 -38.42
N THR B 194 2.87 -21.35 -37.89
CA THR B 194 1.61 -21.45 -38.61
C THR B 194 1.66 -20.68 -39.94
N GLY B 195 2.21 -19.47 -39.91
CA GLY B 195 2.28 -18.65 -41.10
C GLY B 195 2.68 -17.23 -40.79
N ALA B 196 2.22 -16.28 -41.61
CA ALA B 196 2.53 -14.87 -41.44
C ALA B 196 1.29 -14.15 -40.92
N TYR B 197 1.46 -13.41 -39.83
CA TYR B 197 0.42 -12.64 -39.20
C TYR B 197 0.71 -11.16 -39.39
N PRO B 198 -0.30 -10.32 -39.67
CA PRO B 198 -0.02 -8.88 -39.77
C PRO B 198 0.33 -8.29 -38.41
N ARG B 199 1.07 -7.19 -38.43
CA ARG B 199 1.43 -6.48 -37.22
C ARG B 199 1.53 -4.99 -37.51
N LEU B 200 0.96 -4.18 -36.63
CA LEU B 200 1.07 -2.73 -36.67
C LEU B 200 1.66 -2.26 -35.36
N SER B 201 2.76 -1.52 -35.41
CA SER B 201 3.48 -1.10 -34.22
C SER B 201 3.54 0.43 -34.17
N LEU B 202 3.17 0.96 -33.01
CA LEU B 202 3.29 2.37 -32.68
C LEU B 202 4.36 2.56 -31.62
N SER B 203 5.41 3.30 -31.97
CA SER B 203 6.57 3.48 -31.10
C SER B 203 6.65 4.92 -30.64
N PHE B 204 6.99 5.12 -29.37
CA PHE B 204 7.24 6.42 -28.79
C PHE B 204 8.67 6.44 -28.27
N ARG B 205 9.34 7.58 -28.37
CA ARG B 205 10.65 7.78 -27.75
C ARG B 205 10.51 8.80 -26.64
N LEU B 206 10.94 8.41 -25.44
CA LEU B 206 10.76 9.18 -24.21
C LEU B 206 12.12 9.64 -23.72
N LYS B 207 12.27 10.93 -23.48
CA LYS B 207 13.50 11.52 -22.94
C LYS B 207 13.22 12.05 -21.55
N ARG B 208 14.01 11.60 -20.58
CA ARG B 208 13.81 12.00 -19.20
C ARG B 208 14.29 13.43 -18.97
N ASN B 209 13.68 14.08 -17.98
CA ASN B 209 14.06 15.42 -17.55
C ASN B 209 15.00 15.31 -16.35
N ILE B 210 16.08 16.09 -16.38
CA ILE B 210 17.15 15.97 -15.38
C ILE B 210 17.12 17.10 -14.36
N GLY B 211 16.10 17.96 -14.39
CA GLY B 211 16.02 19.04 -13.41
C GLY B 211 15.91 18.51 -11.99
N TYR B 212 15.23 17.38 -11.82
CA TYR B 212 15.03 16.81 -10.49
C TYR B 212 16.35 16.34 -9.89
N PHE B 213 17.15 15.63 -10.69
CA PHE B 213 18.34 14.98 -10.14
C PHE B 213 19.49 15.96 -9.96
N ILE B 214 19.66 16.89 -10.90
CA ILE B 214 20.77 17.84 -10.87
C ILE B 214 20.67 18.69 -9.62
N LEU B 215 19.46 18.96 -9.17
CA LEU B 215 19.23 19.81 -8.02
C LEU B 215 19.53 19.15 -6.70
N GLN B 216 19.28 17.84 -6.55
CA GLN B 216 19.01 17.27 -5.25
C GLN B 216 19.70 15.94 -4.99
N THR B 217 20.33 15.32 -6.00
CA THR B 217 21.20 14.16 -5.77
C THR B 217 22.64 14.42 -6.19
N TYR B 218 22.84 15.17 -7.28
CA TYR B 218 24.19 15.45 -7.74
C TYR B 218 24.84 16.57 -6.93
N MET B 219 24.21 17.73 -6.92
CA MET B 219 24.85 18.91 -6.33
C MET B 219 24.98 18.81 -4.81
N PRO B 220 24.03 18.26 -4.06
CA PRO B 220 24.31 18.01 -2.63
C PRO B 220 25.51 17.11 -2.39
N SER B 221 25.68 16.08 -3.21
CA SER B 221 26.84 15.21 -3.07
C SER B 221 28.13 15.98 -3.36
N ILE B 222 28.10 16.84 -4.38
CA ILE B 222 29.28 17.64 -4.70
C ILE B 222 29.62 18.57 -3.54
N LEU B 223 28.60 19.20 -2.96
CA LEU B 223 28.84 20.11 -1.84
C LEU B 223 29.38 19.38 -0.62
N ILE B 224 28.86 18.17 -0.35
CA ILE B 224 29.37 17.38 0.77
C ILE B 224 30.82 16.99 0.53
N THR B 225 31.17 16.66 -0.72
CA THR B 225 32.56 16.32 -1.01
C THR B 225 33.47 17.53 -0.83
N ILE B 226 32.99 18.73 -1.20
CA ILE B 226 33.77 19.94 -0.97
C ILE B 226 33.95 20.17 0.53
N LEU B 227 32.90 19.94 1.31
CA LEU B 227 33.03 20.05 2.77
C LEU B 227 34.02 19.02 3.30
N SER B 228 34.12 17.86 2.66
CA SER B 228 35.16 16.92 3.01
C SER B 228 36.55 17.50 2.73
N TRP B 229 36.70 18.17 1.59
CA TRP B 229 37.98 18.79 1.27
C TRP B 229 38.33 19.92 2.22
N VAL B 230 37.34 20.53 2.87
CA VAL B 230 37.61 21.65 3.77
C VAL B 230 38.58 21.25 4.89
N SER B 231 38.62 19.96 5.25
CA SER B 231 39.47 19.50 6.33
C SER B 231 40.96 19.74 6.09
N PHE B 232 41.39 19.86 4.83
CA PHE B 232 42.81 20.01 4.57
C PHE B 232 43.35 21.36 5.05
N TRP B 233 42.50 22.39 5.08
CA TRP B 233 42.94 23.72 5.48
C TRP B 233 42.88 23.96 6.99
N ILE B 234 42.46 22.97 7.77
CA ILE B 234 42.47 23.04 9.23
C ILE B 234 43.85 22.59 9.70
N ASN B 235 44.30 23.14 10.82
CA ASN B 235 45.61 22.79 11.36
C ASN B 235 45.67 21.30 11.69
N TYR B 236 46.83 20.70 11.43
CA TYR B 236 46.96 19.25 11.59
C TYR B 236 46.81 18.83 13.04
N ASP B 237 47.24 19.65 13.99
CA ASP B 237 47.14 19.29 15.40
C ASP B 237 45.70 19.23 15.90
N ALA B 238 44.74 19.84 15.20
CA ALA B 238 43.35 19.82 15.61
C ALA B 238 42.72 18.49 15.21
N SER B 239 43.08 17.45 15.97
CA SER B 239 42.66 16.09 15.62
C SER B 239 41.15 15.93 15.75
N ALA B 240 40.56 16.46 16.82
CA ALA B 240 39.13 16.28 17.05
C ALA B 240 38.31 16.90 15.92
N ALA B 241 38.65 18.12 15.54
CA ALA B 241 37.87 18.83 14.52
C ALA B 241 37.95 18.11 13.18
N ARG B 242 39.16 17.77 12.73
CA ARG B 242 39.31 17.16 11.42
C ARG B 242 38.71 15.76 11.38
N VAL B 243 38.91 14.97 12.44
CA VAL B 243 38.35 13.63 12.47
C VAL B 243 36.82 13.68 12.49
N ALA B 244 36.26 14.58 13.30
CA ALA B 244 34.81 14.73 13.34
C ALA B 244 34.26 15.17 11.99
N LEU B 245 34.94 16.13 11.35
CA LEU B 245 34.50 16.59 10.04
C LEU B 245 34.49 15.46 9.02
N GLY B 246 35.58 14.69 8.96
CA GLY B 246 35.66 13.61 8.00
C GLY B 246 34.62 12.54 8.24
N ILE B 247 34.50 12.10 9.49
CA ILE B 247 33.57 11.00 9.77
C ILE B 247 32.13 11.45 9.60
N THR B 248 31.82 12.71 9.93
CA THR B 248 30.45 13.19 9.75
C THR B 248 30.14 13.42 8.27
N THR B 249 31.13 13.80 7.46
CA THR B 249 30.91 13.84 6.03
C THR B 249 30.62 12.46 5.48
N VAL B 250 31.35 11.44 5.97
CA VAL B 250 31.07 10.07 5.56
C VAL B 250 29.65 9.69 5.96
N LEU B 251 29.24 10.07 7.18
CA LEU B 251 27.89 9.77 7.63
C LEU B 251 26.84 10.45 6.76
N THR B 252 27.09 11.70 6.37
CA THR B 252 26.13 12.43 5.54
C THR B 252 26.03 11.79 4.16
N MET B 253 27.16 11.40 3.58
CA MET B 253 27.13 10.71 2.29
C MET B 253 26.37 9.40 2.39
N THR B 254 26.59 8.66 3.48
CA THR B 254 25.85 7.42 3.71
C THR B 254 24.36 7.70 3.82
N THR B 255 24.00 8.77 4.53
CA THR B 255 22.60 9.14 4.69
C THR B 255 21.94 9.40 3.34
N ILE B 256 22.59 10.23 2.51
CA ILE B 256 22.04 10.56 1.21
C ILE B 256 21.92 9.33 0.34
N ASN B 257 22.98 8.52 0.29
CA ASN B 257 22.96 7.34 -0.58
C ASN B 257 21.89 6.35 -0.15
N THR B 258 21.77 6.12 1.16
CA THR B 258 20.82 5.13 1.65
C THR B 258 19.37 5.61 1.59
N HIS B 259 19.14 6.93 1.63
CA HIS B 259 17.77 7.43 1.54
C HIS B 259 17.31 7.68 0.12
N LEU B 260 18.23 7.92 -0.82
CA LEU B 260 17.83 7.93 -2.23
C LEU B 260 17.37 6.56 -2.73
N ARG B 261 17.61 5.49 -1.96
CA ARG B 261 17.12 4.16 -2.24
C ARG B 261 15.62 4.08 -2.41
N GLU B 262 14.86 4.57 -1.43
CA GLU B 262 13.42 4.35 -1.36
C GLU B 262 12.62 5.32 -2.21
N THR B 263 13.25 6.34 -2.79
CA THR B 263 12.56 7.33 -3.62
C THR B 263 12.83 7.06 -5.10
N LEU B 264 14.09 6.86 -5.48
CA LEU B 264 14.41 6.39 -6.81
C LEU B 264 13.87 4.97 -6.96
N PRO B 265 13.63 4.51 -8.19
CA PRO B 265 13.02 3.18 -8.36
C PRO B 265 13.93 2.07 -7.85
N LYS B 266 13.31 0.92 -7.62
CA LYS B 266 13.99 -0.24 -7.05
C LYS B 266 14.69 -1.11 -8.11
N ILE B 267 14.87 -0.59 -9.33
CA ILE B 267 15.47 -1.33 -10.43
C ILE B 267 16.84 -1.85 -10.00
N PRO B 268 17.05 -3.18 -9.82
CA PRO B 268 18.29 -3.67 -9.21
C PRO B 268 19.39 -4.00 -10.23
N TYR B 269 20.04 -2.97 -10.77
CA TYR B 269 21.35 -3.14 -11.37
C TYR B 269 22.04 -1.80 -11.44
N VAL B 270 23.36 -1.83 -11.69
CA VAL B 270 24.18 -0.64 -11.57
C VAL B 270 23.75 0.41 -12.60
N LYS B 271 23.71 1.67 -12.17
CA LYS B 271 23.34 2.80 -13.00
C LYS B 271 24.41 3.88 -12.89
N ALA B 272 24.23 4.95 -13.65
CA ALA B 272 25.18 6.06 -13.60
C ALA B 272 25.15 6.75 -12.23
N ILE B 273 23.96 6.93 -11.68
CA ILE B 273 23.82 7.65 -10.41
C ILE B 273 24.50 6.86 -9.29
N ASP B 274 24.38 5.53 -9.32
CA ASP B 274 25.05 4.71 -8.33
C ASP B 274 26.56 4.85 -8.44
N MET B 275 27.10 4.89 -9.65
CA MET B 275 28.53 5.07 -9.84
C MET B 275 28.98 6.42 -9.31
N TYR B 276 28.22 7.48 -9.57
CA TYR B 276 28.59 8.80 -9.08
C TYR B 276 28.57 8.86 -7.55
N LEU B 277 27.53 8.30 -6.94
CA LEU B 277 27.43 8.30 -5.48
C LEU B 277 28.58 7.50 -4.86
N MET B 278 28.91 6.35 -5.44
CA MET B 278 30.02 5.57 -4.93
C MET B 278 31.34 6.30 -5.11
N GLY B 279 31.47 7.05 -6.21
CA GLY B 279 32.68 7.85 -6.40
C GLY B 279 32.84 8.90 -5.32
N CYS B 280 31.76 9.62 -5.01
CA CYS B 280 31.82 10.61 -3.93
C CYS B 280 32.13 9.95 -2.59
N PHE B 281 31.54 8.78 -2.34
CA PHE B 281 31.82 8.05 -1.11
C PHE B 281 33.29 7.70 -1.03
N VAL B 282 33.87 7.24 -2.14
CA VAL B 282 35.29 6.89 -2.15
C VAL B 282 36.15 8.13 -1.93
N PHE B 283 35.72 9.28 -2.46
CA PHE B 283 36.49 10.50 -2.27
C PHE B 283 36.52 10.92 -0.80
N VAL B 284 35.38 10.88 -0.12
CA VAL B 284 35.38 11.26 1.31
C VAL B 284 36.17 10.24 2.12
N PHE B 285 36.05 8.95 1.76
CA PHE B 285 36.87 7.92 2.38
C PHE B 285 38.36 8.23 2.23
N LEU B 286 38.79 8.61 1.03
CA LEU B 286 40.20 8.89 0.79
C LEU B 286 40.64 10.14 1.54
N ALA B 287 39.76 11.13 1.69
CA ALA B 287 40.11 12.30 2.48
C ALA B 287 40.37 11.94 3.93
N LEU B 288 39.50 11.13 4.52
CA LEU B 288 39.71 10.72 5.91
C LEU B 288 40.97 9.88 6.06
N LEU B 289 41.23 8.99 5.10
CA LEU B 289 42.47 8.22 5.14
C LEU B 289 43.69 9.13 4.99
N GLU B 290 43.56 10.19 4.19
CA GLU B 290 44.67 11.13 4.05
C GLU B 290 44.97 11.80 5.37
N TYR B 291 43.94 12.21 6.11
CA TYR B 291 44.22 12.78 7.42
C TYR B 291 44.85 11.74 8.35
N ALA B 292 44.40 10.49 8.25
CA ALA B 292 45.03 9.44 9.05
C ALA B 292 46.52 9.33 8.76
N PHE B 293 46.88 9.36 7.47
CA PHE B 293 48.29 9.34 7.09
C PHE B 293 49.04 10.53 7.67
N VAL B 294 48.46 11.73 7.58
CA VAL B 294 49.13 12.93 8.08
C VAL B 294 49.35 12.82 9.58
N ASN B 295 48.32 12.39 10.32
CA ASN B 295 48.44 12.31 11.77
C ASN B 295 49.47 11.26 12.17
N TYR B 296 49.51 10.14 11.46
CA TYR B 296 50.51 9.12 11.78
C TYR B 296 51.92 9.64 11.51
N ILE B 297 52.12 10.34 10.39
CA ILE B 297 53.48 10.68 9.98
C ILE B 297 54.00 11.87 10.77
N PHE B 298 53.30 13.00 10.72
CA PHE B 298 53.84 14.27 11.19
C PHE B 298 53.55 14.58 12.64
N PHE B 299 52.86 13.69 13.38
CA PHE B 299 52.57 13.92 14.79
C PHE B 299 53.02 12.71 15.60
N GLY B 300 52.82 11.51 15.06
CA GLY B 300 53.19 10.29 15.74
C GLY B 300 54.56 9.78 15.32
N ARG B 301 54.64 8.49 15.01
CA ARG B 301 55.90 7.90 14.57
C ARG B 301 56.33 8.52 13.23
N GLY B 302 57.63 8.74 13.10
CA GLY B 302 58.18 9.32 11.88
C GLY B 302 58.03 8.40 10.69
N ASP B 411 55.86 26.02 6.69
CA ASP B 411 54.86 26.10 7.76
C ASP B 411 53.82 25.01 7.64
N VAL B 412 53.55 24.56 6.41
CA VAL B 412 52.56 23.52 6.12
C VAL B 412 53.30 22.29 5.63
N ASN B 413 52.96 21.13 6.19
CA ASN B 413 53.58 19.89 5.76
C ASN B 413 53.20 19.58 4.31
N ALA B 414 54.07 18.83 3.64
CA ALA B 414 53.92 18.61 2.20
C ALA B 414 52.66 17.82 1.87
N ILE B 415 52.20 16.95 2.77
CA ILE B 415 51.07 16.08 2.46
C ILE B 415 49.79 16.90 2.31
N ASP B 416 49.55 17.84 3.23
CA ASP B 416 48.35 18.66 3.15
C ASP B 416 48.39 19.56 1.91
N ARG B 417 49.55 20.15 1.62
CA ARG B 417 49.67 20.99 0.43
C ARG B 417 49.41 20.18 -0.84
N TRP B 418 49.97 18.97 -0.90
CA TRP B 418 49.75 18.12 -2.07
CA TRP B 418 49.76 18.12 -2.07
C TRP B 418 48.29 17.72 -2.19
N SER B 419 47.64 17.40 -1.07
CA SER B 419 46.24 17.01 -1.10
C SER B 419 45.35 18.16 -1.57
N ARG B 420 45.64 19.38 -1.11
CA ARG B 420 44.85 20.54 -1.49
C ARG B 420 44.76 20.71 -3.00
N ILE B 421 45.82 20.35 -3.71
CA ILE B 421 45.83 20.45 -5.17
C ILE B 421 45.27 19.18 -5.82
N VAL B 422 45.62 18.01 -5.30
CA VAL B 422 45.26 16.77 -5.97
C VAL B 422 43.76 16.50 -5.88
N PHE B 423 43.18 16.69 -4.69
CA PHE B 423 41.79 16.28 -4.50
C PHE B 423 40.82 17.05 -5.39
N PRO B 424 40.84 18.39 -5.45
CA PRO B 424 39.99 19.08 -6.42
C PRO B 424 40.27 18.68 -7.86
N PHE B 425 41.55 18.52 -8.21
CA PHE B 425 41.91 18.15 -9.58
C PHE B 425 41.39 16.76 -9.93
N THR B 426 41.59 15.80 -9.02
CA THR B 426 41.13 14.44 -9.28
C THR B 426 39.61 14.39 -9.37
N PHE B 427 38.91 15.14 -8.51
CA PHE B 427 37.46 15.14 -8.57
C PHE B 427 36.96 15.80 -9.87
N SER B 428 37.63 16.86 -10.31
CA SER B 428 37.27 17.48 -11.57
C SER B 428 37.48 16.52 -12.74
N LEU B 429 38.59 15.78 -12.72
CA LEU B 429 38.82 14.78 -13.76
C LEU B 429 37.75 13.70 -13.75
N PHE B 430 37.37 13.24 -12.55
CA PHE B 430 36.32 12.22 -12.46
C PHE B 430 34.99 12.77 -12.98
N ASN B 431 34.68 14.02 -12.65
CA ASN B 431 33.45 14.64 -13.15
C ASN B 431 33.47 14.76 -14.67
N LEU B 432 34.60 15.16 -15.23
CA LEU B 432 34.69 15.26 -16.69
C LEU B 432 34.51 13.89 -17.34
N VAL B 433 35.14 12.86 -16.78
CA VAL B 433 35.00 11.52 -17.33
C VAL B 433 33.55 11.06 -17.25
N TYR B 434 32.88 11.33 -16.13
CA TYR B 434 31.48 10.94 -15.97
C TYR B 434 30.60 11.66 -16.97
N TRP B 435 30.72 12.99 -17.05
CA TRP B 435 29.85 13.77 -17.92
C TRP B 435 30.21 13.63 -19.39
N LEU B 436 31.35 13.03 -19.73
CA LEU B 436 31.64 12.67 -21.12
C LEU B 436 31.10 11.29 -21.46
N TYR B 437 31.31 10.31 -20.57
CA TYR B 437 30.86 8.96 -20.85
C TYR B 437 29.34 8.86 -20.92
N TYR B 438 28.65 9.48 -19.98
CA TYR B 438 27.20 9.34 -19.85
C TYR B 438 26.42 10.45 -20.54
N VAL B 439 27.09 11.40 -21.19
CA VAL B 439 26.41 12.43 -21.98
C VAL B 439 27.21 12.68 -23.25
N MET C 1 -53.11 -3.99 -10.56
CA MET C 1 -51.91 -4.78 -10.32
C MET C 1 -51.45 -5.44 -11.61
N SER C 2 -52.35 -6.19 -12.25
CA SER C 2 -52.07 -6.73 -13.57
C SER C 2 -52.23 -5.70 -14.67
N PHE C 3 -53.03 -4.65 -14.43
CA PHE C 3 -53.26 -3.63 -15.45
C PHE C 3 -51.95 -2.91 -15.80
N VAL C 4 -51.19 -2.51 -14.79
CA VAL C 4 -49.92 -1.85 -15.04
C VAL C 4 -48.94 -2.81 -15.71
N LYS C 5 -49.00 -4.10 -15.35
CA LYS C 5 -48.11 -5.09 -15.95
C LYS C 5 -48.37 -5.21 -17.45
N GLU C 6 -49.63 -5.36 -17.83
CA GLU C 6 -49.95 -5.42 -19.26
C GLU C 6 -49.64 -4.09 -19.95
N THR C 7 -49.80 -2.97 -19.24
CA THR C 7 -49.48 -1.68 -19.84
C THR C 7 -48.00 -1.58 -20.18
N VAL C 8 -47.13 -1.97 -19.24
CA VAL C 8 -45.70 -1.90 -19.52
C VAL C 8 -45.31 -2.92 -20.57
N ASP C 9 -45.95 -4.09 -20.58
CA ASP C 9 -45.68 -5.07 -21.63
C ASP C 9 -46.04 -4.52 -23.00
N LYS C 10 -47.18 -3.83 -23.11
CA LYS C 10 -47.55 -3.19 -24.37
C LYS C 10 -46.56 -2.09 -24.73
N LEU C 11 -46.07 -1.36 -23.72
CA LEU C 11 -45.10 -0.31 -23.97
C LEU C 11 -43.82 -0.88 -24.58
N LEU C 12 -43.34 -1.99 -24.03
CA LEU C 12 -42.11 -2.59 -24.53
C LEU C 12 -42.29 -3.14 -25.94
N LYS C 13 -43.50 -3.60 -26.28
CA LYS C 13 -43.75 -4.14 -27.61
C LYS C 13 -43.64 -3.03 -28.65
N GLY C 14 -42.98 -3.34 -29.77
CA GLY C 14 -42.82 -2.38 -30.84
C GLY C 14 -41.82 -1.29 -30.57
N TYR C 15 -40.90 -1.51 -29.62
CA TYR C 15 -39.89 -0.52 -29.25
C TYR C 15 -38.54 -0.97 -29.79
N ASP C 16 -37.84 -0.06 -30.47
CA ASP C 16 -36.53 -0.33 -31.07
C ASP C 16 -35.46 0.20 -30.13
N ILE C 17 -34.72 -0.71 -29.51
CA ILE C 17 -33.67 -0.30 -28.56
C ILE C 17 -32.52 0.39 -29.29
N ARG C 18 -32.18 -0.09 -30.49
CA ARG C 18 -31.02 0.44 -31.20
C ARG C 18 -31.23 1.85 -31.73
N LEU C 19 -32.46 2.35 -31.74
CA LEU C 19 -32.79 3.63 -32.36
C LEU C 19 -33.15 4.64 -31.29
N ARG C 20 -32.54 5.81 -31.35
CA ARG C 20 -32.86 6.88 -30.43
C ARG C 20 -34.25 7.45 -30.75
N PRO C 21 -34.86 8.17 -29.82
CA PRO C 21 -36.11 8.86 -30.16
C PRO C 21 -35.88 9.90 -31.26
N ASP C 22 -36.81 9.94 -32.22
CA ASP C 22 -36.79 10.91 -33.30
C ASP C 22 -35.47 10.82 -34.09
N PHE C 23 -35.30 9.67 -34.76
CA PHE C 23 -34.08 9.44 -35.53
C PHE C 23 -33.90 10.50 -36.61
N GLY C 24 -34.95 10.74 -37.39
CA GLY C 24 -34.93 11.81 -38.38
C GLY C 24 -35.34 13.17 -37.87
N GLY C 25 -35.91 13.23 -36.67
CA GLY C 25 -36.40 14.48 -36.12
C GLY C 25 -35.30 15.27 -35.46
N PRO C 26 -35.66 16.34 -34.75
CA PRO C 26 -34.65 17.13 -34.03
C PRO C 26 -33.97 16.31 -32.96
N PRO C 27 -32.84 16.77 -32.43
CA PRO C 27 -32.12 15.98 -31.43
C PRO C 27 -32.90 15.88 -30.14
N VAL C 28 -32.70 14.76 -29.45
CA VAL C 28 -33.27 14.60 -28.12
C VAL C 28 -32.50 15.47 -27.14
N CYS C 29 -33.23 16.29 -26.38
CA CYS C 29 -32.62 17.22 -25.43
C CYS C 29 -32.55 16.52 -24.08
N VAL C 30 -31.34 16.14 -23.68
CA VAL C 30 -31.11 15.36 -22.46
C VAL C 30 -30.51 16.30 -21.42
N GLY C 31 -31.09 16.32 -20.23
CA GLY C 31 -30.60 17.14 -19.13
C GLY C 31 -29.85 16.29 -18.12
N MET C 32 -28.73 16.82 -17.64
CA MET C 32 -27.89 16.16 -16.66
C MET C 32 -28.09 16.81 -15.29
N ASN C 33 -28.04 16.00 -14.24
CA ASN C 33 -28.09 16.48 -12.87
C ASN C 33 -27.17 15.63 -12.03
N ILE C 34 -26.42 16.27 -11.13
CA ILE C 34 -25.41 15.62 -10.31
C ILE C 34 -25.60 16.04 -8.87
N ASP C 35 -25.45 15.08 -7.96
CA ASP C 35 -25.45 15.30 -6.52
C ASP C 35 -24.18 14.66 -5.97
N ILE C 36 -23.20 15.48 -5.62
CA ILE C 36 -21.90 14.98 -5.20
C ILE C 36 -22.00 14.48 -3.77
N ALA C 37 -21.15 13.50 -3.43
CA ALA C 37 -21.03 13.00 -2.06
C ALA C 37 -19.62 13.05 -1.51
N SER C 38 -18.59 13.08 -2.34
CA SER C 38 -17.22 13.13 -1.86
C SER C 38 -16.28 13.31 -3.04
N ILE C 39 -15.17 14.02 -2.79
CA ILE C 39 -14.06 14.13 -3.74
C ILE C 39 -12.82 13.60 -3.02
N ASP C 40 -13.03 12.58 -2.18
CA ASP C 40 -11.96 12.07 -1.34
C ASP C 40 -10.80 11.53 -2.17
N MET C 41 -9.63 11.48 -1.55
CA MET C 41 -8.41 10.93 -2.14
C MET C 41 -8.03 11.69 -3.42
N VAL C 42 -7.70 12.97 -3.22
CA VAL C 42 -7.18 13.81 -4.29
C VAL C 42 -5.67 13.54 -4.34
N SER C 43 -5.28 12.56 -5.13
CA SER C 43 -3.89 12.12 -5.18
C SER C 43 -3.06 13.06 -6.03
N GLU C 44 -1.88 13.42 -5.52
CA GLU C 44 -0.93 14.22 -6.26
C GLU C 44 0.04 13.37 -7.06
N VAL C 45 0.40 12.19 -6.56
CA VAL C 45 1.34 11.32 -7.26
C VAL C 45 0.68 10.76 -8.52
N ASN C 46 -0.59 10.38 -8.43
CA ASN C 46 -1.30 9.81 -9.56
C ASN C 46 -1.98 10.85 -10.44
N MET C 47 -2.09 12.10 -9.99
CA MET C 47 -2.78 13.16 -10.73
C MET C 47 -4.21 12.75 -11.06
N ASP C 48 -4.96 12.38 -10.01
CA ASP C 48 -6.37 12.05 -10.18
C ASP C 48 -7.07 12.25 -8.85
N TYR C 49 -8.40 12.30 -8.91
CA TYR C 49 -9.23 12.42 -7.73
C TYR C 49 -10.42 11.47 -7.85
N THR C 50 -10.77 10.86 -6.72
CA THR C 50 -11.89 9.92 -6.66
C THR C 50 -13.14 10.69 -6.27
N LEU C 51 -14.21 10.53 -7.07
CA LEU C 51 -15.43 11.29 -6.92
C LEU C 51 -16.61 10.33 -6.89
N THR C 52 -17.47 10.49 -5.88
CA THR C 52 -18.71 9.73 -5.75
C THR C 52 -19.88 10.67 -5.96
N MET C 53 -20.85 10.24 -6.77
CA MET C 53 -21.97 11.12 -7.11
C MET C 53 -23.20 10.29 -7.42
N TYR C 54 -24.34 10.97 -7.39
CA TYR C 54 -25.60 10.47 -7.89
C TYR C 54 -25.94 11.24 -9.16
N PHE C 55 -26.13 10.53 -10.25
CA PHE C 55 -26.12 11.07 -11.61
C PHE C 55 -27.45 10.76 -12.28
N GLN C 56 -28.28 11.79 -12.48
CA GLN C 56 -29.53 11.65 -13.21
C GLN C 56 -29.40 12.18 -14.64
N GLN C 57 -29.99 11.45 -15.57
CA GLN C 57 -30.21 11.89 -16.93
C GLN C 57 -31.71 11.93 -17.19
N TYR C 58 -32.17 12.99 -17.85
CA TYR C 58 -33.58 13.31 -17.95
C TYR C 58 -33.89 13.60 -19.41
N TRP C 59 -34.79 12.82 -20.02
CA TRP C 59 -35.15 13.06 -21.41
C TRP C 59 -36.62 12.72 -21.60
N ARG C 60 -37.08 12.82 -22.86
CA ARG C 60 -38.49 12.68 -23.21
C ARG C 60 -38.62 11.76 -24.41
N ASP C 61 -39.02 10.51 -24.15
CA ASP C 61 -39.24 9.52 -25.20
C ASP C 61 -40.74 9.40 -25.42
N LYS C 62 -41.20 9.77 -26.62
CA LYS C 62 -42.62 9.64 -26.95
C LYS C 62 -43.02 8.20 -27.25
N ARG C 63 -42.06 7.34 -27.61
CA ARG C 63 -42.39 5.95 -27.87
C ARG C 63 -42.88 5.23 -26.62
N LEU C 64 -42.50 5.71 -25.44
CA LEU C 64 -42.85 5.09 -24.17
C LEU C 64 -44.01 5.78 -23.47
N ALA C 65 -44.71 6.69 -24.15
CA ALA C 65 -45.83 7.38 -23.53
C ALA C 65 -46.97 6.40 -23.24
N TYR C 66 -47.63 6.59 -22.10
CA TYR C 66 -48.76 5.78 -21.71
C TYR C 66 -49.83 6.67 -21.07
N SER C 67 -51.05 6.16 -21.01
CA SER C 67 -52.18 6.87 -20.47
C SER C 67 -53.05 5.92 -19.67
N GLY C 68 -53.86 6.50 -18.77
CA GLY C 68 -54.73 5.73 -17.92
C GLY C 68 -54.15 5.32 -16.58
N ILE C 69 -52.86 5.57 -16.35
CA ILE C 69 -52.19 5.25 -15.09
C ILE C 69 -51.58 6.54 -14.56
N PRO C 70 -52.27 7.32 -13.72
CA PRO C 70 -51.67 8.58 -13.25
C PRO C 70 -50.41 8.39 -12.42
N LEU C 71 -50.20 7.20 -11.84
CA LEU C 71 -49.00 6.92 -11.09
C LEU C 71 -47.80 6.88 -12.03
N ASN C 72 -46.69 7.48 -11.61
CA ASN C 72 -45.44 7.37 -12.33
C ASN C 72 -44.73 6.08 -11.93
N LEU C 73 -44.35 5.28 -12.91
CA LEU C 73 -43.78 3.97 -12.63
C LEU C 73 -42.32 4.09 -12.20
N THR C 74 -41.82 3.01 -11.60
CA THR C 74 -40.43 2.90 -11.14
C THR C 74 -39.88 1.57 -11.67
N LEU C 75 -40.05 1.36 -12.96
CA LEU C 75 -39.72 0.09 -13.59
C LEU C 75 -38.25 0.10 -13.97
N ASP C 76 -37.43 -0.72 -13.30
CA ASP C 76 -36.00 -0.42 -13.20
C ASP C 76 -35.04 -1.29 -14.01
N ASN C 77 -34.96 -2.61 -13.75
CA ASN C 77 -33.78 -3.36 -14.16
C ASN C 77 -33.99 -4.15 -15.44
N ARG C 78 -35.18 -4.73 -15.63
CA ARG C 78 -35.55 -5.28 -16.93
C ARG C 78 -35.56 -4.18 -17.99
N VAL C 79 -35.93 -2.96 -17.58
CA VAL C 79 -35.86 -1.80 -18.47
C VAL C 79 -34.41 -1.36 -18.70
N ALA C 80 -33.51 -1.61 -17.75
CA ALA C 80 -32.12 -1.24 -17.95
C ALA C 80 -31.48 -1.98 -19.13
N ASP C 81 -32.07 -3.09 -19.58
CA ASP C 81 -31.65 -3.80 -20.78
C ASP C 81 -32.58 -3.56 -21.96
N GLN C 82 -33.85 -3.19 -21.71
CA GLN C 82 -34.88 -3.18 -22.73
C GLN C 82 -35.26 -1.78 -23.21
N LEU C 83 -34.55 -0.74 -22.78
CA LEU C 83 -34.77 0.63 -23.28
C LEU C 83 -33.46 1.23 -23.76
N TRP C 84 -33.59 2.18 -24.70
CA TRP C 84 -32.47 3.01 -25.09
C TRP C 84 -32.21 4.05 -24.01
N VAL C 85 -30.94 4.24 -23.69
CA VAL C 85 -30.51 5.30 -22.78
C VAL C 85 -29.38 6.04 -23.47
N PRO C 86 -29.08 7.27 -23.06
CA PRO C 86 -27.95 7.98 -23.66
C PRO C 86 -26.64 7.26 -23.41
N ASP C 87 -25.70 7.44 -24.33
CA ASP C 87 -24.37 6.84 -24.24
C ASP C 87 -23.38 7.75 -23.53
N THR C 88 -23.85 8.52 -22.56
CA THR C 88 -23.02 9.47 -21.84
C THR C 88 -21.85 8.77 -21.16
N TYR C 89 -20.70 9.43 -21.16
CA TYR C 89 -19.52 8.89 -20.49
C TYR C 89 -18.63 10.04 -20.06
N PHE C 90 -17.74 9.74 -19.11
CA PHE C 90 -16.82 10.72 -18.55
C PHE C 90 -15.49 10.63 -19.28
N LEU C 91 -15.08 11.72 -19.91
CA LEU C 91 -13.94 11.67 -20.83
C LEU C 91 -12.63 11.45 -20.07
N ASN C 92 -12.41 12.20 -19.00
CA ASN C 92 -11.15 12.15 -18.26
C ASN C 92 -11.17 11.08 -17.17
N ASP C 93 -12.03 10.09 -17.28
CA ASP C 93 -12.06 8.98 -16.33
C ASP C 93 -10.84 8.09 -16.53
N LYS C 94 -10.45 7.39 -15.47
CA LYS C 94 -9.43 6.35 -15.50
C LYS C 94 -9.97 5.00 -15.05
N LYS C 95 -10.92 4.99 -14.11
CA LYS C 95 -11.58 3.76 -13.68
C LYS C 95 -12.81 4.16 -12.89
N SER C 96 -13.94 3.53 -13.20
CA SER C 96 -15.20 3.88 -12.57
C SER C 96 -16.11 2.66 -12.53
N PHE C 97 -17.11 2.71 -11.65
CA PHE C 97 -18.04 1.61 -11.49
C PHE C 97 -19.33 2.15 -10.90
N VAL C 98 -20.38 1.32 -10.97
CA VAL C 98 -21.67 1.61 -10.37
C VAL C 98 -21.83 0.71 -9.16
N HIS C 99 -22.18 1.31 -8.02
CA HIS C 99 -22.29 0.56 -6.78
C HIS C 99 -23.37 -0.50 -6.89
N GLY C 100 -23.05 -1.72 -6.45
CA GLY C 100 -23.88 -2.89 -6.69
C GLY C 100 -24.54 -3.52 -5.48
N VAL C 101 -24.18 -3.08 -4.27
CA VAL C 101 -24.67 -3.66 -3.03
C VAL C 101 -25.70 -2.70 -2.44
N THR C 102 -26.85 -3.21 -1.94
CA THR C 102 -27.28 -4.62 -1.96
C THR C 102 -27.77 -5.01 -3.34
N VAL C 103 -28.44 -4.07 -4.02
CA VAL C 103 -28.89 -4.23 -5.39
C VAL C 103 -28.10 -3.26 -6.26
N LYS C 104 -28.26 -3.40 -7.57
CA LYS C 104 -27.61 -2.48 -8.49
C LYS C 104 -28.21 -1.08 -8.33
N ASN C 105 -27.38 -0.12 -7.95
CA ASN C 105 -27.85 1.24 -7.68
C ASN C 105 -28.15 1.93 -9.01
N ARG C 106 -29.32 1.60 -9.54
CA ARG C 106 -29.83 2.19 -10.77
C ARG C 106 -31.35 2.33 -10.65
N MET C 107 -31.88 3.36 -11.29
CA MET C 107 -33.31 3.68 -11.17
C MET C 107 -33.80 4.25 -12.49
N ILE C 108 -34.80 3.60 -13.08
CA ILE C 108 -35.53 4.12 -14.22
C ILE C 108 -36.93 4.48 -13.75
N ARG C 109 -37.35 5.71 -14.03
CA ARG C 109 -38.69 6.20 -13.69
C ARG C 109 -39.33 6.75 -14.95
N LEU C 110 -40.50 6.22 -15.30
CA LEU C 110 -41.27 6.66 -16.45
C LEU C 110 -42.39 7.59 -15.98
N HIS C 111 -42.96 8.31 -16.95
CA HIS C 111 -44.04 9.25 -16.71
C HIS C 111 -45.09 9.08 -17.81
N PRO C 112 -46.35 9.46 -17.54
CA PRO C 112 -47.38 9.28 -18.58
C PRO C 112 -47.11 10.05 -19.86
N ASP C 113 -46.50 11.24 -19.78
CA ASP C 113 -46.23 12.02 -20.98
C ASP C 113 -45.14 11.37 -21.83
N GLY C 114 -44.31 10.53 -21.24
CA GLY C 114 -43.19 9.91 -21.94
C GLY C 114 -41.85 10.28 -21.36
N THR C 115 -41.83 11.18 -20.38
CA THR C 115 -40.59 11.61 -19.76
C THR C 115 -39.93 10.45 -19.02
N VAL C 116 -38.62 10.36 -19.14
CA VAL C 116 -37.82 9.28 -18.55
C VAL C 116 -36.73 9.91 -17.69
N LEU C 117 -36.60 9.42 -16.46
CA LEU C 117 -35.53 9.79 -15.54
C LEU C 117 -34.70 8.56 -15.25
N TYR C 118 -33.38 8.70 -15.33
CA TYR C 118 -32.43 7.59 -15.24
C TYR C 118 -31.33 7.97 -14.27
N GLY C 119 -31.40 7.43 -13.06
CA GLY C 119 -30.47 7.75 -11.99
C GLY C 119 -29.50 6.61 -11.73
N LEU C 120 -28.24 6.96 -11.52
CA LEU C 120 -27.19 6.03 -11.18
C LEU C 120 -26.41 6.55 -9.98
N ARG C 121 -25.71 5.66 -9.30
CA ARG C 121 -24.80 6.02 -8.22
C ARG C 121 -23.41 5.57 -8.62
N ILE C 122 -22.55 6.53 -8.97
CA ILE C 122 -21.30 6.26 -9.67
C ILE C 122 -20.13 6.76 -8.84
N THR C 123 -19.12 5.91 -8.68
CA THR C 123 -17.81 6.29 -8.17
C THR C 123 -16.82 6.22 -9.31
N THR C 124 -16.08 7.31 -9.54
CA THR C 124 -15.13 7.40 -10.63
C THR C 124 -13.80 7.90 -10.10
N THR C 125 -12.76 7.72 -10.91
CA THR C 125 -11.41 8.24 -10.63
C THR C 125 -11.04 9.11 -11.83
N ALA C 126 -11.27 10.41 -11.70
CA ALA C 126 -11.09 11.34 -12.81
C ALA C 126 -9.71 11.97 -12.74
N ALA C 127 -9.02 11.99 -13.87
CA ALA C 127 -7.68 12.59 -13.91
C ALA C 127 -7.76 14.10 -13.69
N CYS C 128 -6.74 14.63 -13.02
CA CYS C 128 -6.67 16.07 -12.77
C CYS C 128 -5.19 16.45 -12.76
N MET C 129 -4.72 17.00 -13.88
CA MET C 129 -3.34 17.46 -13.97
C MET C 129 -3.14 18.65 -13.02
N MET C 130 -1.98 18.67 -12.36
CA MET C 130 -1.66 19.66 -11.34
C MET C 130 -0.34 20.33 -11.66
N ASP C 131 -0.28 21.63 -11.39
CA ASP C 131 0.93 22.44 -11.59
C ASP C 131 1.57 22.66 -10.22
N LEU C 132 2.51 21.78 -9.87
CA LEU C 132 3.14 21.81 -8.56
C LEU C 132 4.38 22.70 -8.52
N ARG C 133 4.53 23.62 -9.47
CA ARG C 133 5.69 24.50 -9.47
C ARG C 133 5.64 25.52 -8.34
N ARG C 134 4.48 25.73 -7.71
CA ARG C 134 4.34 26.58 -6.54
C ARG C 134 3.88 25.78 -5.32
N TYR C 135 4.05 24.47 -5.35
CA TYR C 135 3.67 23.63 -4.21
C TYR C 135 4.55 23.97 -3.01
N PRO C 136 3.99 23.99 -1.78
CA PRO C 136 2.64 23.73 -1.30
C PRO C 136 1.73 24.97 -1.29
N LEU C 137 2.13 26.04 -1.99
CA LEU C 137 1.33 27.24 -2.11
C LEU C 137 0.51 27.25 -3.40
N ASP C 138 0.24 26.07 -3.96
CA ASP C 138 -0.40 25.95 -5.25
C ASP C 138 -1.92 26.06 -5.14
N GLU C 139 -2.57 26.22 -6.28
CA GLU C 139 -4.03 26.26 -6.39
C GLU C 139 -4.42 25.57 -7.68
N GLN C 140 -5.09 24.43 -7.57
CA GLN C 140 -5.38 23.57 -8.70
C GLN C 140 -6.81 23.80 -9.19
N ASN C 141 -7.13 23.35 -10.41
CA ASN C 141 -8.48 23.47 -11.00
C ASN C 141 -8.78 22.15 -11.65
N CYS C 142 -9.45 21.26 -10.95
CA CYS C 142 -9.84 19.94 -11.45
C CYS C 142 -11.16 20.05 -12.20
N THR C 143 -11.38 19.08 -13.09
CA THR C 143 -12.55 19.10 -13.95
C THR C 143 -13.07 17.69 -14.17
N LEU C 144 -14.38 17.60 -14.40
CA LEU C 144 -15.03 16.38 -14.85
C LEU C 144 -15.74 16.71 -16.15
N GLU C 145 -15.39 16.02 -17.22
CA GLU C 145 -15.92 16.24 -18.56
C GLU C 145 -16.89 15.13 -18.90
N ILE C 146 -18.11 15.50 -19.31
CA ILE C 146 -19.19 14.58 -19.62
C ILE C 146 -19.51 14.76 -21.10
N GLU C 147 -19.61 13.65 -21.83
CA GLU C 147 -19.76 13.74 -23.28
C GLU C 147 -20.51 12.53 -23.81
N SER C 148 -21.23 12.73 -24.91
CA SER C 148 -21.84 11.63 -25.63
C SER C 148 -20.79 10.89 -26.45
N TYR C 149 -20.85 9.56 -26.44
CA TYR C 149 -19.79 8.78 -27.04
C TYR C 149 -19.84 8.81 -28.56
N GLY C 150 -20.94 8.32 -29.14
CA GLY C 150 -21.06 8.19 -30.57
C GLY C 150 -21.87 9.28 -31.24
N TYR C 151 -22.93 9.73 -30.57
CA TYR C 151 -23.87 10.65 -31.20
C TYR C 151 -23.28 12.06 -31.29
N THR C 152 -23.66 12.75 -32.36
CA THR C 152 -23.23 14.12 -32.63
C THR C 152 -24.32 15.07 -32.17
N THR C 153 -23.96 16.36 -32.06
CA THR C 153 -24.90 17.34 -31.51
C THR C 153 -26.20 17.46 -32.30
N ASP C 154 -26.19 17.08 -33.57
CA ASP C 154 -27.44 17.04 -34.34
C ASP C 154 -28.36 15.92 -33.90
N ASP C 155 -27.89 14.99 -33.07
CA ASP C 155 -28.68 13.86 -32.58
C ASP C 155 -29.02 13.96 -31.10
N ILE C 156 -28.08 14.35 -30.26
CA ILE C 156 -28.29 14.50 -28.82
C ILE C 156 -27.71 15.84 -28.40
N GLU C 157 -28.43 16.56 -27.54
CA GLU C 157 -28.03 17.87 -27.06
C GLU C 157 -28.07 17.84 -25.53
N PHE C 158 -26.92 18.02 -24.89
CA PHE C 158 -26.84 18.04 -23.44
C PHE C 158 -27.06 19.46 -22.91
N TYR C 159 -27.59 19.54 -21.69
CA TYR C 159 -27.73 20.81 -21.00
C TYR C 159 -27.81 20.53 -19.50
N TRP C 160 -27.52 21.57 -18.72
CA TRP C 160 -27.56 21.47 -17.26
C TRP C 160 -28.99 21.76 -16.80
N ARG C 161 -29.70 20.73 -16.36
CA ARG C 161 -31.06 20.92 -15.89
C ARG C 161 -31.05 21.80 -14.63
N GLY C 162 -31.90 22.82 -14.62
CA GLY C 162 -31.94 23.76 -13.52
C GLY C 162 -30.89 24.84 -13.59
N GLY C 163 -30.13 24.93 -14.67
CA GLY C 163 -29.12 25.98 -14.78
C GLY C 163 -28.00 25.76 -13.78
N ASP C 164 -27.63 26.83 -13.08
CA ASP C 164 -26.55 26.75 -12.10
C ASP C 164 -26.90 25.91 -10.88
N LYS C 165 -28.17 25.55 -10.69
CA LYS C 165 -28.59 24.72 -9.58
C LYS C 165 -28.49 23.23 -9.88
N ALA C 166 -27.94 22.85 -11.03
CA ALA C 166 -27.86 21.44 -11.40
C ALA C 166 -27.00 20.66 -10.42
N VAL C 167 -25.79 21.12 -10.17
CA VAL C 167 -24.88 20.44 -9.25
C VAL C 167 -25.20 20.89 -7.83
N THR C 168 -25.42 19.92 -6.94
CA THR C 168 -25.71 20.17 -5.55
C THR C 168 -24.80 19.32 -4.68
N GLY C 169 -24.78 19.61 -3.38
CA GLY C 169 -23.95 18.88 -2.46
C GLY C 169 -22.49 19.26 -2.48
N VAL C 170 -22.14 20.43 -3.03
CA VAL C 170 -20.75 20.87 -3.01
C VAL C 170 -20.31 21.13 -1.58
N GLU C 171 -21.21 21.62 -0.73
CA GLU C 171 -20.88 21.90 0.66
C GLU C 171 -20.54 20.64 1.45
N ARG C 172 -20.92 19.45 0.97
CA ARG C 172 -20.70 18.22 1.73
CA ARG C 172 -20.70 18.23 1.73
C ARG C 172 -19.27 17.72 1.68
N ILE C 173 -18.44 18.23 0.78
CA ILE C 173 -17.07 17.74 0.65
C ILE C 173 -16.18 18.39 1.69
N GLU C 174 -15.33 17.57 2.31
CA GLU C 174 -14.39 18.03 3.34
C GLU C 174 -13.10 17.27 3.13
N LEU C 175 -12.18 17.86 2.35
CA LEU C 175 -10.90 17.25 2.09
C LEU C 175 -9.90 17.61 3.19
N PRO C 176 -8.86 16.78 3.42
CA PRO C 176 -7.90 17.11 4.48
C PRO C 176 -7.07 18.35 4.19
N GLN C 177 -6.48 18.42 2.99
CA GLN C 177 -5.55 19.49 2.64
C GLN C 177 -6.20 20.59 1.81
N PHE C 178 -7.07 20.25 0.87
CA PHE C 178 -7.65 21.23 -0.04
C PHE C 178 -8.93 21.82 0.54
N SER C 179 -9.38 22.91 -0.08
CA SER C 179 -10.63 23.55 0.29
C SER C 179 -11.27 24.10 -0.98
N ILE C 180 -12.49 23.68 -1.26
CA ILE C 180 -13.14 24.06 -2.51
C ILE C 180 -13.47 25.55 -2.45
N VAL C 181 -12.82 26.32 -3.31
CA VAL C 181 -13.02 27.76 -3.37
C VAL C 181 -14.20 28.12 -4.27
N GLU C 182 -14.39 27.37 -5.36
CA GLU C 182 -15.44 27.68 -6.32
C GLU C 182 -15.72 26.44 -7.15
N HIS C 183 -16.97 26.32 -7.61
CA HIS C 183 -17.37 25.31 -8.57
C HIS C 183 -18.10 25.99 -9.72
N ARG C 184 -17.84 25.50 -10.94
CA ARG C 184 -18.39 26.09 -12.16
C ARG C 184 -18.95 25.01 -13.07
N LEU C 185 -19.98 25.38 -13.82
CA LEU C 185 -20.62 24.52 -14.81
C LEU C 185 -20.48 25.15 -16.18
N VAL C 186 -20.16 24.33 -17.18
CA VAL C 186 -19.93 24.80 -18.54
C VAL C 186 -20.57 23.83 -19.52
N SER C 187 -21.07 24.37 -20.64
CA SER C 187 -21.68 23.57 -21.70
C SER C 187 -21.12 24.03 -23.03
N ARG C 188 -20.49 23.11 -23.78
CA ARG C 188 -19.84 23.43 -25.04
C ARG C 188 -20.13 22.39 -26.11
N ASN C 189 -19.64 22.64 -27.32
CA ASN C 189 -19.71 21.69 -28.44
C ASN C 189 -18.28 21.52 -28.96
N VAL C 190 -17.70 20.33 -28.73
CA VAL C 190 -16.33 20.08 -29.18
C VAL C 190 -16.36 19.56 -30.60
N VAL C 191 -15.56 20.18 -31.47
CA VAL C 191 -15.60 19.90 -32.91
C VAL C 191 -14.49 18.90 -33.21
N PHE C 192 -14.87 17.64 -33.38
CA PHE C 192 -13.99 16.62 -33.93
C PHE C 192 -14.19 16.54 -35.44
N ALA C 193 -13.42 15.67 -36.10
CA ALA C 193 -13.58 15.48 -37.53
C ALA C 193 -14.97 14.94 -37.87
N THR C 194 -15.48 14.01 -37.05
CA THR C 194 -16.80 13.46 -37.30
C THR C 194 -17.87 14.53 -37.22
N GLY C 195 -17.77 15.41 -36.25
CA GLY C 195 -18.77 16.46 -36.08
C GLY C 195 -18.67 17.08 -34.71
N ALA C 196 -19.58 18.01 -34.45
CA ALA C 196 -19.63 18.71 -33.18
C ALA C 196 -20.36 17.83 -32.15
N TYR C 197 -19.61 17.29 -31.19
CA TYR C 197 -20.17 16.48 -30.12
C TYR C 197 -20.54 17.37 -28.93
N PRO C 198 -21.64 17.11 -28.21
CA PRO C 198 -21.93 17.91 -27.02
C PRO C 198 -20.92 17.66 -25.92
N ARG C 199 -20.84 18.59 -24.98
CA ARG C 199 -20.01 18.38 -23.80
C ARG C 199 -20.54 19.24 -22.66
N LEU C 200 -20.55 18.66 -21.47
CA LEU C 200 -20.76 19.37 -20.22
C LEU C 200 -19.51 19.24 -19.38
N SER C 201 -19.29 20.20 -18.48
CA SER C 201 -18.07 20.21 -17.68
C SER C 201 -18.39 20.78 -16.31
N LEU C 202 -17.87 20.11 -15.28
CA LEU C 202 -18.00 20.53 -13.90
C LEU C 202 -16.60 20.73 -13.33
N SER C 203 -16.26 21.97 -13.02
CA SER C 203 -14.91 22.34 -12.60
C SER C 203 -14.92 22.75 -11.14
N PHE C 204 -13.87 22.36 -10.41
CA PHE C 204 -13.65 22.75 -9.02
C PHE C 204 -12.30 23.43 -8.89
N ARG C 205 -12.24 24.48 -8.09
CA ARG C 205 -10.98 25.13 -7.73
C ARG C 205 -10.60 24.72 -6.32
N LEU C 206 -9.38 24.19 -6.16
CA LEU C 206 -8.90 23.64 -4.90
C LEU C 206 -7.71 24.47 -4.43
N LYS C 207 -7.78 24.94 -3.19
CA LYS C 207 -6.71 25.72 -2.57
C LYS C 207 -6.10 24.89 -1.44
N ARG C 208 -4.78 24.72 -1.48
CA ARG C 208 -4.11 23.86 -0.52
C ARG C 208 -3.85 24.61 0.79
N ASN C 209 -3.98 23.88 1.90
CA ASN C 209 -3.73 24.45 3.22
C ASN C 209 -2.24 24.40 3.54
N ILE C 210 -1.74 25.50 4.12
CA ILE C 210 -0.31 25.70 4.27
C ILE C 210 0.20 25.40 5.69
N GLY C 211 -0.70 25.26 6.67
CA GLY C 211 -0.26 25.20 8.06
C GLY C 211 0.65 24.03 8.35
N TYR C 212 0.33 22.86 7.79
CA TYR C 212 1.15 21.67 8.03
C TYR C 212 2.58 21.88 7.56
N PHE C 213 2.75 22.48 6.38
CA PHE C 213 4.08 22.62 5.81
C PHE C 213 4.91 23.63 6.60
N ILE C 214 4.32 24.77 6.97
CA ILE C 214 5.09 25.74 7.74
C ILE C 214 5.42 25.17 9.12
N LEU C 215 4.52 24.38 9.71
CA LEU C 215 4.82 23.79 11.00
C LEU C 215 5.93 22.76 10.91
N GLN C 216 5.92 21.93 9.86
CA GLN C 216 6.80 20.76 9.79
C GLN C 216 8.06 20.99 8.98
N THR C 217 8.05 21.90 8.00
CA THR C 217 9.06 21.93 6.96
C THR C 217 9.89 23.20 6.95
N TYR C 218 9.27 24.38 6.93
CA TYR C 218 10.01 25.61 6.62
C TYR C 218 10.78 26.15 7.82
N MET C 219 10.05 26.62 8.83
CA MET C 219 10.72 27.32 9.92
C MET C 219 11.54 26.37 10.80
N PRO C 220 11.29 25.03 10.85
CA PRO C 220 12.35 24.18 11.43
C PRO C 220 13.69 24.33 10.71
N SER C 221 13.66 24.43 9.38
CA SER C 221 14.88 24.69 8.63
C SER C 221 15.45 26.06 8.97
N ILE C 222 14.57 27.04 9.19
CA ILE C 222 15.04 28.36 9.62
C ILE C 222 15.77 28.25 10.97
N LEU C 223 15.21 27.47 11.89
CA LEU C 223 15.84 27.29 13.19
C LEU C 223 17.20 26.62 13.05
N ILE C 224 17.30 25.61 12.19
CA ILE C 224 18.59 24.95 12.00
C ILE C 224 19.59 25.93 11.39
N THR C 225 19.13 26.80 10.49
CA THR C 225 20.02 27.81 9.92
C THR C 225 20.51 28.77 10.99
N ILE C 226 19.64 29.15 11.92
CA ILE C 226 20.05 30.01 13.03
C ILE C 226 21.09 29.30 13.88
N LEU C 227 20.88 28.00 14.15
CA LEU C 227 21.87 27.23 14.88
C LEU C 227 23.19 27.18 14.14
N SER C 228 23.16 27.18 12.81
CA SER C 228 24.41 27.30 12.06
C SER C 228 25.05 28.66 12.28
N TRP C 229 24.24 29.72 12.31
CA TRP C 229 24.79 31.06 12.54
C TRP C 229 25.43 31.20 13.91
N VAL C 230 24.98 30.40 14.88
CA VAL C 230 25.50 30.46 16.24
C VAL C 230 27.01 30.29 16.28
N SER C 231 27.57 29.61 15.28
CA SER C 231 29.02 29.36 15.25
C SER C 231 29.83 30.65 15.24
N PHE C 232 29.28 31.74 14.70
CA PHE C 232 30.06 32.97 14.55
C PHE C 232 30.39 33.62 15.88
N TRP C 233 29.57 33.41 16.91
CA TRP C 233 29.83 33.99 18.23
C TRP C 233 30.79 33.15 19.06
N ILE C 234 31.05 31.91 18.66
CA ILE C 234 32.01 31.09 19.39
C ILE C 234 33.43 31.57 19.10
N ASN C 235 34.31 31.40 20.08
CA ASN C 235 35.69 31.84 19.95
C ASN C 235 36.38 31.16 18.77
N TYR C 236 37.20 31.94 18.05
CA TYR C 236 37.85 31.43 16.86
C TYR C 236 38.87 30.35 17.20
N ASP C 237 39.48 30.42 18.39
CA ASP C 237 40.50 29.44 18.76
C ASP C 237 39.90 28.04 18.88
N ALA C 238 38.70 27.94 19.44
CA ALA C 238 38.06 26.64 19.57
C ALA C 238 37.72 26.08 18.19
N SER C 239 38.23 24.90 17.91
CA SER C 239 38.11 24.27 16.59
C SER C 239 37.15 23.10 16.58
N ALA C 240 37.20 22.22 17.59
CA ALA C 240 36.29 21.08 17.61
C ALA C 240 34.84 21.53 17.71
N ALA C 241 34.57 22.54 18.52
CA ALA C 241 33.19 22.97 18.75
C ALA C 241 32.58 23.54 17.48
N ARG C 242 33.28 24.48 16.84
CA ARG C 242 32.71 25.15 15.67
C ARG C 242 32.58 24.20 14.49
N VAL C 243 33.60 23.37 14.24
CA VAL C 243 33.54 22.40 13.17
C VAL C 243 32.41 21.41 13.40
N ALA C 244 32.30 20.91 14.64
CA ALA C 244 31.24 19.96 14.96
C ALA C 244 29.87 20.59 14.77
N LEU C 245 29.70 21.84 15.22
CA LEU C 245 28.42 22.51 15.05
C LEU C 245 28.07 22.68 13.58
N GLY C 246 29.02 23.16 12.78
CA GLY C 246 28.73 23.37 11.37
C GLY C 246 28.41 22.08 10.64
N ILE C 247 29.23 21.05 10.84
CA ILE C 247 29.01 19.81 10.09
C ILE C 247 27.76 19.10 10.57
N THR C 248 27.45 19.17 11.86
CA THR C 248 26.24 18.54 12.35
C THR C 248 24.99 19.30 11.90
N THR C 249 25.09 20.62 11.77
CA THR C 249 23.99 21.38 11.18
C THR C 249 23.77 20.98 9.73
N VAL C 250 24.87 20.79 8.98
CA VAL C 250 24.76 20.31 7.61
C VAL C 250 24.08 18.94 7.58
N LEU C 251 24.48 18.05 8.49
CA LEU C 251 23.87 16.72 8.53
C LEU C 251 22.39 16.80 8.87
N THR C 252 22.03 17.66 9.81
CA THR C 252 20.63 17.80 10.18
C THR C 252 19.80 18.35 9.03
N MET C 253 20.37 19.33 8.30
CA MET C 253 19.65 19.86 7.13
C MET C 253 19.47 18.79 6.06
N THR C 254 20.50 17.99 5.81
CA THR C 254 20.36 16.92 4.83
C THR C 254 19.31 15.92 5.28
N THR C 255 19.31 15.57 6.57
CA THR C 255 18.31 14.65 7.10
C THR C 255 16.91 15.21 6.92
N ILE C 256 16.71 16.49 7.25
CA ILE C 256 15.39 17.10 7.14
C ILE C 256 14.93 17.10 5.70
N ASN C 257 15.77 17.60 4.79
CA ASN C 257 15.39 17.70 3.38
C ASN C 257 15.11 16.31 2.81
N THR C 258 15.96 15.34 3.14
CA THR C 258 15.80 14.01 2.57
C THR C 258 14.54 13.33 3.08
N HIS C 259 14.25 13.46 4.38
CA HIS C 259 13.05 12.82 4.89
C HIS C 259 11.79 13.54 4.40
N LEU C 260 11.85 14.85 4.21
CA LEU C 260 10.73 15.55 3.58
C LEU C 260 10.51 15.03 2.17
N ARG C 261 11.58 14.76 1.42
CA ARG C 261 11.44 14.09 0.14
C ARG C 261 10.76 12.73 0.31
N GLU C 262 11.15 11.99 1.35
CA GLU C 262 10.69 10.61 1.50
C GLU C 262 9.19 10.52 1.78
N THR C 263 8.53 11.62 2.19
CA THR C 263 7.07 11.67 2.29
C THR C 263 6.59 13.00 1.72
N LEU C 264 6.36 13.03 0.42
CA LEU C 264 5.90 14.22 -0.30
C LEU C 264 5.45 13.77 -1.69
N PRO C 265 4.91 14.67 -2.51
CA PRO C 265 4.58 14.30 -3.90
C PRO C 265 5.82 13.81 -4.64
N LYS C 266 5.75 12.55 -5.11
CA LYS C 266 6.90 11.87 -5.67
C LYS C 266 7.22 12.29 -7.09
N ILE C 267 6.32 13.00 -7.78
CA ILE C 267 6.51 13.33 -9.19
C ILE C 267 7.74 14.21 -9.33
N PRO C 268 8.75 13.83 -10.14
CA PRO C 268 10.02 14.56 -10.10
C PRO C 268 10.08 15.80 -10.98
N TYR C 269 10.14 16.98 -10.34
CA TYR C 269 10.61 18.21 -10.97
C TYR C 269 10.64 19.29 -9.89
N VAL C 270 11.16 20.46 -10.26
CA VAL C 270 11.44 21.52 -9.28
C VAL C 270 10.15 22.01 -8.67
N LYS C 271 10.21 22.35 -7.37
CA LYS C 271 9.10 22.91 -6.64
C LYS C 271 9.61 23.99 -5.70
N ALA C 272 8.69 24.80 -5.16
CA ALA C 272 9.09 25.89 -4.29
C ALA C 272 9.75 25.38 -3.01
N ILE C 273 9.18 24.33 -2.42
CA ILE C 273 9.74 23.77 -1.20
C ILE C 273 11.15 23.26 -1.43
N ASP C 274 11.40 22.67 -2.59
CA ASP C 274 12.76 22.22 -2.92
C ASP C 274 13.71 23.40 -2.95
N MET C 275 13.30 24.51 -3.57
CA MET C 275 14.16 25.69 -3.63
C MET C 275 14.46 26.23 -2.25
N TYR C 276 13.45 26.30 -1.38
CA TYR C 276 13.67 26.82 -0.03
C TYR C 276 14.63 25.93 0.76
N LEU C 277 14.35 24.62 0.77
CA LEU C 277 15.18 23.70 1.52
C LEU C 277 16.58 23.58 0.95
N MET C 278 16.79 23.87 -0.33
CA MET C 278 18.12 23.86 -0.90
C MET C 278 18.85 25.18 -0.67
N GLY C 279 18.12 26.30 -0.55
CA GLY C 279 18.74 27.55 -0.17
C GLY C 279 19.25 27.50 1.26
N CYS C 280 18.48 26.87 2.14
CA CYS C 280 18.94 26.72 3.53
C CYS C 280 20.22 25.89 3.60
N PHE C 281 20.29 24.82 2.81
CA PHE C 281 21.49 23.99 2.78
C PHE C 281 22.69 24.79 2.30
N VAL C 282 22.50 25.62 1.28
CA VAL C 282 23.58 26.48 0.80
C VAL C 282 24.02 27.44 1.89
N PHE C 283 23.06 27.96 2.67
CA PHE C 283 23.43 28.89 3.73
C PHE C 283 24.31 28.23 4.78
N VAL C 284 23.93 27.03 5.24
CA VAL C 284 24.75 26.37 6.26
C VAL C 284 26.11 25.96 5.69
N PHE C 285 26.13 25.55 4.42
CA PHE C 285 27.39 25.21 3.76
C PHE C 285 28.31 26.43 3.71
N LEU C 286 27.75 27.59 3.38
CA LEU C 286 28.54 28.82 3.36
C LEU C 286 29.04 29.18 4.75
N ALA C 287 28.24 28.92 5.78
CA ALA C 287 28.70 29.18 7.15
C ALA C 287 29.91 28.33 7.49
N LEU C 288 29.87 27.04 7.15
CA LEU C 288 31.02 26.19 7.43
C LEU C 288 32.25 26.61 6.63
N LEU C 289 32.06 26.98 5.36
CA LEU C 289 33.18 27.50 4.58
C LEU C 289 33.74 28.78 5.20
N GLU C 290 32.87 29.63 5.73
CA GLU C 290 33.34 30.85 6.38
C GLU C 290 34.21 30.52 7.58
N TYR C 291 33.80 29.53 8.39
CA TYR C 291 34.67 29.14 9.51
C TYR C 291 36.01 28.61 9.01
N ALA C 292 36.00 27.85 7.91
CA ALA C 292 37.25 27.34 7.36
C ALA C 292 38.19 28.50 6.98
N PHE C 293 37.62 29.52 6.33
CA PHE C 293 38.41 30.70 5.98
C PHE C 293 38.97 31.37 7.24
N VAL C 294 38.13 31.53 8.27
CA VAL C 294 38.58 32.16 9.51
C VAL C 294 39.74 31.38 10.12
N ASN C 295 39.59 30.06 10.22
CA ASN C 295 40.61 29.25 10.86
C ASN C 295 41.92 29.33 10.10
N TYR C 296 41.86 29.22 8.76
CA TYR C 296 43.09 29.29 7.98
C TYR C 296 43.76 30.65 8.13
N ILE C 297 43.00 31.73 8.02
CA ILE C 297 43.62 33.05 7.98
C ILE C 297 44.19 33.42 9.34
N PHE C 298 43.45 33.19 10.43
CA PHE C 298 43.82 33.72 11.74
C PHE C 298 44.46 32.69 12.67
N PHE C 299 44.52 31.41 12.29
CA PHE C 299 45.21 30.41 13.10
C PHE C 299 46.18 29.59 12.27
N GLY C 300 45.81 29.29 11.03
CA GLY C 300 46.66 28.48 10.18
C GLY C 300 47.97 29.17 9.83
N ARG C 301 47.88 30.44 9.45
CA ARG C 301 49.04 31.22 9.02
C ARG C 301 49.41 32.27 10.07
N ASP C 411 38.97 43.26 19.62
CA ASP C 411 39.91 42.15 19.52
C ASP C 411 39.42 41.09 18.54
N VAL C 412 38.10 40.98 18.39
CA VAL C 412 37.53 39.97 17.50
C VAL C 412 37.92 40.28 16.06
N ASN C 413 38.27 39.23 15.32
CA ASN C 413 38.66 39.37 13.93
C ASN C 413 37.52 39.97 13.10
N ALA C 414 37.89 40.53 11.94
CA ALA C 414 36.91 41.24 11.12
C ALA C 414 35.97 40.28 10.39
N ILE C 415 36.43 39.07 10.06
CA ILE C 415 35.61 38.15 9.27
C ILE C 415 34.37 37.74 10.06
N ASP C 416 34.56 37.41 11.33
CA ASP C 416 33.41 37.02 12.17
C ASP C 416 32.46 38.18 12.36
N ARG C 417 32.98 39.40 12.56
CA ARG C 417 32.13 40.56 12.74
C ARG C 417 31.30 40.82 11.49
N TRP C 418 31.91 40.69 10.31
CA TRP C 418 31.17 40.88 9.07
CA TRP C 418 31.16 40.88 9.08
C TRP C 418 30.15 39.76 8.86
N SER C 419 30.52 38.53 9.24
CA SER C 419 29.61 37.40 9.09
C SER C 419 28.36 37.58 9.93
N ARG C 420 28.54 38.03 11.18
CA ARG C 420 27.42 38.18 12.11
C ARG C 420 26.34 39.08 11.56
N ILE C 421 26.71 40.10 10.79
CA ILE C 421 25.74 41.02 10.20
C ILE C 421 25.24 40.52 8.85
N VAL C 422 26.14 40.04 7.99
CA VAL C 422 25.74 39.74 6.63
C VAL C 422 24.85 38.50 6.58
N PHE C 423 25.15 37.47 7.38
CA PHE C 423 24.40 36.22 7.25
C PHE C 423 22.93 36.39 7.62
N PRO C 424 22.57 36.95 8.78
CA PRO C 424 21.13 37.18 9.04
C PRO C 424 20.48 38.11 8.03
N PHE C 425 21.18 39.16 7.61
CA PHE C 425 20.62 40.08 6.63
C PHE C 425 20.40 39.39 5.28
N THR C 426 21.38 38.61 4.84
CA THR C 426 21.23 37.90 3.57
C THR C 426 20.09 36.90 3.64
N PHE C 427 19.96 36.19 4.76
CA PHE C 427 18.87 35.22 4.89
C PHE C 427 17.51 35.92 4.93
N SER C 428 17.43 37.08 5.60
CA SER C 428 16.19 37.83 5.61
C SER C 428 15.83 38.31 4.21
N LEU C 429 16.83 38.77 3.45
CA LEU C 429 16.57 39.19 2.07
C LEU C 429 16.09 38.01 1.22
N PHE C 430 16.72 36.85 1.38
CA PHE C 430 16.31 35.67 0.63
C PHE C 430 14.88 35.26 1.01
N ASN C 431 14.55 35.32 2.30
CA ASN C 431 13.19 35.00 2.73
C ASN C 431 12.18 35.96 2.14
N LEU C 432 12.50 37.25 2.14
CA LEU C 432 11.58 38.24 1.58
C LEU C 432 11.37 38.00 0.09
N VAL C 433 12.45 37.71 -0.63
CA VAL C 433 12.33 37.44 -2.07
C VAL C 433 11.50 36.19 -2.29
N TYR C 434 11.71 35.16 -1.48
CA TYR C 434 10.98 33.91 -1.65
C TYR C 434 9.49 34.11 -1.40
N TRP C 435 9.13 34.75 -0.30
CA TRP C 435 7.72 34.96 0.00
C TRP C 435 7.05 35.92 -0.98
N LEU C 436 7.78 36.91 -1.50
CA LEU C 436 7.18 37.83 -2.46
C LEU C 436 6.98 37.16 -3.82
N TYR C 437 7.99 36.42 -4.29
CA TYR C 437 7.90 35.82 -5.61
C TYR C 437 6.80 34.76 -5.68
N TYR C 438 6.67 33.95 -4.64
CA TYR C 438 5.73 32.83 -4.64
C TYR C 438 4.36 33.20 -4.07
N VAL C 439 4.15 34.45 -3.66
CA VAL C 439 2.85 34.91 -3.19
C VAL C 439 2.55 36.28 -3.78
N MET D 1 -18.82 -21.79 -51.05
CA MET D 1 -18.65 -20.75 -50.06
C MET D 1 -19.62 -20.95 -48.90
N SER D 2 -20.90 -21.16 -49.24
CA SER D 2 -21.91 -21.38 -48.22
C SER D 2 -21.82 -22.76 -47.59
N PHE D 3 -21.21 -23.73 -48.30
CA PHE D 3 -21.18 -25.11 -47.83
C PHE D 3 -20.46 -25.25 -46.50
N VAL D 4 -19.52 -24.35 -46.20
CA VAL D 4 -18.77 -24.44 -44.95
C VAL D 4 -19.69 -24.30 -43.74
N LYS D 5 -20.75 -23.48 -43.87
CA LYS D 5 -21.70 -23.32 -42.78
C LYS D 5 -22.39 -24.64 -42.46
N GLU D 6 -22.90 -25.33 -43.48
CA GLU D 6 -23.52 -26.63 -43.25
C GLU D 6 -22.51 -27.64 -42.74
N THR D 7 -21.26 -27.56 -43.22
CA THR D 7 -20.24 -28.48 -42.75
C THR D 7 -20.00 -28.32 -41.25
N VAL D 8 -19.81 -27.08 -40.79
CA VAL D 8 -19.56 -26.87 -39.37
C VAL D 8 -20.81 -27.19 -38.56
N ASP D 9 -22.00 -26.94 -39.11
CA ASP D 9 -23.22 -27.31 -38.39
C ASP D 9 -23.30 -28.81 -38.19
N LYS D 10 -23.04 -29.59 -39.25
CA LYS D 10 -23.05 -31.04 -39.12
C LYS D 10 -21.96 -31.52 -38.17
N LEU D 11 -20.81 -30.83 -38.14
CA LEU D 11 -19.80 -31.15 -37.14
C LEU D 11 -20.33 -30.94 -35.73
N LEU D 12 -21.05 -29.84 -35.52
CA LEU D 12 -21.62 -29.58 -34.20
C LEU D 12 -22.75 -30.55 -33.87
N LYS D 13 -23.55 -30.92 -34.87
CA LYS D 13 -24.68 -31.82 -34.63
C LYS D 13 -24.21 -33.17 -34.15
N GLY D 14 -24.87 -33.70 -33.11
CA GLY D 14 -24.55 -34.98 -32.54
C GLY D 14 -23.47 -34.94 -31.48
N TYR D 15 -22.74 -33.84 -31.35
CA TYR D 15 -21.67 -33.76 -30.37
C TYR D 15 -22.23 -33.69 -28.95
N ASP D 16 -21.62 -34.46 -28.06
CA ASP D 16 -21.98 -34.49 -26.64
C ASP D 16 -20.88 -33.78 -25.88
N ILE D 17 -21.15 -32.54 -25.47
CA ILE D 17 -20.14 -31.72 -24.79
C ILE D 17 -19.76 -32.30 -23.44
N ARG D 18 -20.64 -33.07 -22.81
CA ARG D 18 -20.39 -33.64 -21.50
C ARG D 18 -19.60 -34.94 -21.53
N LEU D 19 -19.24 -35.43 -22.72
CA LEU D 19 -18.56 -36.72 -22.88
C LEU D 19 -17.19 -36.48 -23.50
N ARG D 20 -16.18 -37.11 -22.92
CA ARG D 20 -14.82 -36.96 -23.44
C ARG D 20 -14.67 -37.73 -24.75
N PRO D 21 -13.63 -37.44 -25.53
CA PRO D 21 -13.41 -38.21 -26.77
C PRO D 21 -13.06 -39.66 -26.42
N ASP D 22 -13.74 -40.59 -27.09
CA ASP D 22 -13.56 -42.02 -26.86
C ASP D 22 -13.82 -42.36 -25.40
N PHE D 23 -15.08 -42.17 -25.00
CA PHE D 23 -15.48 -42.33 -23.61
C PHE D 23 -15.19 -43.75 -23.11
N GLY D 24 -15.60 -44.75 -23.88
CA GLY D 24 -15.31 -46.14 -23.55
C GLY D 24 -13.97 -46.65 -24.04
N GLY D 25 -13.26 -45.86 -24.85
CA GLY D 25 -12.02 -46.29 -25.43
C GLY D 25 -10.83 -46.00 -24.54
N PRO D 26 -9.62 -46.13 -25.09
CA PRO D 26 -8.42 -45.78 -24.32
C PRO D 26 -8.40 -44.31 -23.96
N PRO D 27 -7.52 -43.88 -23.05
CA PRO D 27 -7.49 -42.46 -22.67
C PRO D 27 -7.13 -41.57 -23.85
N VAL D 28 -7.70 -40.37 -23.87
CA VAL D 28 -7.39 -39.40 -24.90
C VAL D 28 -5.99 -38.83 -24.66
N CYS D 29 -5.21 -38.74 -25.73
CA CYS D 29 -3.87 -38.18 -25.66
C CYS D 29 -3.94 -36.68 -25.95
N VAL D 30 -3.38 -35.87 -25.06
CA VAL D 30 -3.40 -34.42 -25.16
C VAL D 30 -1.96 -33.92 -25.08
N GLY D 31 -1.46 -33.42 -26.20
CA GLY D 31 -0.17 -32.75 -26.21
C GLY D 31 -0.33 -31.29 -25.83
N MET D 32 0.75 -30.71 -25.29
CA MET D 32 0.71 -29.34 -24.80
C MET D 32 1.96 -28.58 -25.23
N ASN D 33 1.76 -27.30 -25.54
CA ASN D 33 2.84 -26.39 -25.89
C ASN D 33 2.66 -25.09 -25.11
N ILE D 34 3.79 -24.48 -24.73
CA ILE D 34 3.81 -23.25 -23.95
C ILE D 34 4.77 -22.30 -24.62
N ASP D 35 4.25 -21.26 -25.26
CA ASP D 35 5.07 -20.20 -25.85
C ASP D 35 5.14 -19.07 -24.83
N ILE D 36 6.27 -18.95 -24.14
CA ILE D 36 6.42 -17.95 -23.09
C ILE D 36 6.50 -16.57 -23.72
N ALA D 37 5.83 -15.59 -23.11
CA ALA D 37 5.92 -14.20 -23.52
C ALA D 37 6.90 -13.43 -22.65
N SER D 38 6.69 -13.44 -21.34
CA SER D 38 7.60 -12.75 -20.41
C SER D 38 7.24 -13.15 -18.99
N ILE D 39 8.19 -12.94 -18.09
CA ILE D 39 7.99 -13.05 -16.65
C ILE D 39 8.32 -11.68 -16.07
N ASP D 40 7.29 -10.85 -15.90
CA ASP D 40 7.54 -9.45 -15.56
C ASP D 40 7.99 -9.30 -14.11
N MET D 41 7.34 -9.99 -13.17
CA MET D 41 7.54 -9.77 -11.75
C MET D 41 7.90 -11.08 -11.06
N VAL D 42 8.88 -11.00 -10.15
CA VAL D 42 9.28 -12.12 -9.29
C VAL D 42 9.42 -11.60 -7.87
N SER D 43 8.37 -11.76 -7.05
CA SER D 43 8.36 -11.23 -5.70
C SER D 43 8.81 -12.29 -4.71
N GLU D 44 9.85 -11.97 -3.95
CA GLU D 44 10.31 -12.86 -2.88
C GLU D 44 9.39 -12.76 -1.67
N VAL D 45 8.89 -11.56 -1.37
CA VAL D 45 8.02 -11.34 -0.22
C VAL D 45 6.75 -12.14 -0.40
N ASN D 46 6.11 -11.98 -1.56
CA ASN D 46 4.91 -12.76 -1.86
C ASN D 46 5.23 -14.20 -2.24
N MET D 47 6.50 -14.51 -2.54
CA MET D 47 6.91 -15.86 -2.91
C MET D 47 6.18 -16.33 -4.17
N ASP D 48 6.29 -15.55 -5.24
CA ASP D 48 5.59 -15.90 -6.47
C ASP D 48 6.22 -15.17 -7.64
N TYR D 49 5.75 -15.52 -8.84
CA TYR D 49 6.18 -14.87 -10.07
C TYR D 49 5.04 -14.84 -11.07
N THR D 50 4.90 -13.71 -11.75
CA THR D 50 3.86 -13.55 -12.77
C THR D 50 4.42 -13.93 -14.13
N LEU D 51 3.72 -14.81 -14.83
CA LEU D 51 4.15 -15.38 -16.09
C LEU D 51 3.03 -15.26 -17.10
N THR D 52 3.36 -14.75 -18.29
CA THR D 52 2.43 -14.63 -19.41
C THR D 52 2.86 -15.60 -20.50
N MET D 53 1.88 -16.26 -21.12
CA MET D 53 2.22 -17.31 -22.05
C MET D 53 1.04 -17.61 -22.97
N TYR D 54 1.36 -18.32 -24.04
CA TYR D 54 0.37 -18.92 -24.93
CA TYR D 54 0.38 -18.91 -24.94
C TYR D 54 0.35 -20.41 -24.69
N PHE D 55 -0.81 -20.92 -24.29
CA PHE D 55 -0.99 -22.32 -23.92
C PHE D 55 -1.77 -23.00 -25.02
N GLN D 56 -1.13 -23.93 -25.73
CA GLN D 56 -1.75 -24.74 -26.76
C GLN D 56 -2.00 -26.13 -26.22
N GLN D 57 -3.20 -26.65 -26.45
CA GLN D 57 -3.57 -28.03 -26.15
C GLN D 57 -4.08 -28.69 -27.43
N TYR D 58 -3.44 -29.79 -27.81
CA TYR D 58 -3.75 -30.50 -29.05
C TYR D 58 -4.25 -31.90 -28.72
N TRP D 59 -5.45 -32.23 -29.14
CA TRP D 59 -6.01 -33.55 -28.86
C TRP D 59 -6.84 -34.04 -30.03
N ARG D 60 -6.91 -35.37 -30.17
CA ARG D 60 -7.55 -36.03 -31.30
C ARG D 60 -8.95 -36.46 -30.90
N ASP D 61 -9.95 -35.86 -31.53
CA ASP D 61 -11.35 -36.21 -31.33
C ASP D 61 -11.95 -36.65 -32.66
N LYS D 62 -12.54 -37.84 -32.69
CA LYS D 62 -13.10 -38.35 -33.94
C LYS D 62 -14.45 -37.71 -34.26
N ARG D 63 -15.12 -37.13 -33.27
CA ARG D 63 -16.47 -36.63 -33.49
C ARG D 63 -16.51 -35.40 -34.39
N LEU D 64 -15.39 -34.71 -34.58
CA LEU D 64 -15.33 -33.45 -35.31
C LEU D 64 -14.62 -33.60 -36.66
N ALA D 65 -14.57 -34.81 -37.20
CA ALA D 65 -13.88 -35.06 -38.46
C ALA D 65 -14.80 -34.74 -39.64
N TYR D 66 -14.34 -33.85 -40.51
CA TYR D 66 -15.07 -33.44 -41.71
C TYR D 66 -14.30 -33.90 -42.94
N SER D 67 -14.91 -33.64 -44.11
CA SER D 67 -14.32 -34.04 -45.38
C SER D 67 -14.82 -33.09 -46.46
N GLY D 68 -14.09 -33.07 -47.58
CA GLY D 68 -14.43 -32.23 -48.71
C GLY D 68 -13.82 -30.84 -48.70
N ILE D 69 -13.13 -30.46 -47.63
CA ILE D 69 -12.51 -29.14 -47.52
C ILE D 69 -11.23 -29.28 -46.69
N PRO D 70 -10.12 -29.76 -47.27
CA PRO D 70 -8.93 -30.06 -46.45
C PRO D 70 -8.29 -28.83 -45.80
N LEU D 71 -8.73 -27.62 -46.13
CA LEU D 71 -8.23 -26.43 -45.44
C LEU D 71 -8.52 -26.51 -43.94
N ASN D 72 -7.51 -26.21 -43.14
CA ASN D 72 -7.68 -26.23 -41.69
C ASN D 72 -8.56 -25.07 -41.24
N LEU D 73 -9.76 -25.37 -40.76
CA LEU D 73 -10.72 -24.33 -40.42
C LEU D 73 -10.41 -23.77 -39.04
N THR D 74 -10.09 -22.48 -38.98
CA THR D 74 -9.88 -21.77 -37.74
C THR D 74 -11.17 -21.02 -37.39
N LEU D 75 -11.79 -21.39 -36.27
CA LEU D 75 -13.09 -20.88 -35.88
C LEU D 75 -12.92 -19.75 -34.86
N ASP D 76 -14.00 -19.01 -34.66
CA ASP D 76 -14.00 -17.91 -33.71
C ASP D 76 -13.92 -18.45 -32.28
N ASN D 77 -13.58 -17.56 -31.34
CA ASN D 77 -13.37 -17.98 -29.95
C ASN D 77 -14.63 -18.54 -29.32
N ARG D 78 -15.80 -18.02 -29.69
CA ARG D 78 -17.05 -18.41 -29.04
C ARG D 78 -17.34 -19.90 -29.16
N VAL D 79 -16.82 -20.56 -30.20
CA VAL D 79 -17.04 -21.99 -30.36
C VAL D 79 -16.45 -22.78 -29.19
N ALA D 80 -15.47 -22.22 -28.49
CA ALA D 80 -14.93 -22.88 -27.30
C ALA D 80 -15.99 -23.10 -26.23
N ASP D 81 -17.05 -22.29 -26.22
CA ASP D 81 -18.13 -22.48 -25.26
C ASP D 81 -19.05 -23.65 -25.62
N GLN D 82 -18.90 -24.23 -26.82
CA GLN D 82 -19.79 -25.28 -27.31
C GLN D 82 -18.99 -26.51 -27.73
N LEU D 83 -17.94 -26.83 -26.99
CA LEU D 83 -17.08 -27.96 -27.33
C LEU D 83 -16.47 -28.52 -26.05
N TRP D 84 -16.05 -29.78 -26.12
CA TRP D 84 -15.32 -30.40 -25.03
C TRP D 84 -13.87 -29.92 -25.06
N VAL D 85 -13.35 -29.59 -23.89
CA VAL D 85 -11.95 -29.20 -23.73
C VAL D 85 -11.41 -29.91 -22.50
N PRO D 86 -10.09 -30.15 -22.38
CA PRO D 86 -9.58 -30.75 -21.16
C PRO D 86 -9.80 -29.85 -19.96
N ASP D 87 -9.79 -30.48 -18.78
CA ASP D 87 -9.92 -29.77 -17.51
C ASP D 87 -8.57 -29.36 -16.94
N THR D 88 -7.58 -29.12 -17.82
CA THR D 88 -6.23 -28.81 -17.38
C THR D 88 -6.21 -27.53 -16.54
N TYR D 89 -5.42 -27.56 -15.47
CA TYR D 89 -5.26 -26.41 -14.60
C TYR D 89 -3.88 -26.47 -13.98
N PHE D 90 -3.41 -25.31 -13.52
CA PHE D 90 -2.11 -25.18 -12.88
C PHE D 90 -2.29 -25.28 -11.37
N LEU D 91 -1.44 -26.07 -10.72
CA LEU D 91 -1.57 -26.26 -9.28
C LEU D 91 -1.09 -25.06 -8.50
N ASN D 92 -0.11 -24.32 -9.02
CA ASN D 92 0.54 -23.24 -8.30
C ASN D 92 -0.09 -21.87 -8.55
N ASP D 93 -1.12 -21.78 -9.39
CA ASP D 93 -1.63 -20.47 -9.78
C ASP D 93 -2.33 -19.81 -8.59
N LYS D 94 -1.64 -18.84 -7.98
CA LYS D 94 -2.25 -18.08 -6.91
C LYS D 94 -3.39 -17.21 -7.43
N LYS D 95 -3.21 -16.62 -8.61
CA LYS D 95 -4.23 -15.81 -9.24
C LYS D 95 -3.89 -15.70 -10.72
N SER D 96 -4.84 -16.04 -11.59
CA SER D 96 -4.55 -16.13 -13.01
C SER D 96 -5.81 -15.78 -13.80
N PHE D 97 -5.60 -15.39 -15.05
CA PHE D 97 -6.69 -14.98 -15.92
C PHE D 97 -6.27 -15.11 -17.37
N VAL D 98 -7.24 -14.90 -18.26
CA VAL D 98 -7.04 -14.90 -19.70
C VAL D 98 -7.35 -13.50 -20.21
N HIS D 99 -6.44 -12.93 -20.99
CA HIS D 99 -6.60 -11.57 -21.47
C HIS D 99 -7.83 -11.45 -22.36
N GLY D 100 -8.54 -10.33 -22.21
CA GLY D 100 -9.84 -10.14 -22.84
C GLY D 100 -10.03 -8.85 -23.60
N VAL D 101 -8.98 -8.37 -24.28
CA VAL D 101 -9.05 -7.19 -25.13
C VAL D 101 -8.38 -7.54 -26.46
N THR D 102 -8.98 -7.19 -27.60
CA THR D 102 -10.29 -6.55 -27.76
C THR D 102 -11.42 -7.53 -27.46
N VAL D 103 -11.20 -8.80 -27.78
CA VAL D 103 -12.11 -9.88 -27.43
C VAL D 103 -11.34 -10.89 -26.60
N LYS D 104 -11.99 -11.99 -26.22
CA LYS D 104 -11.32 -13.01 -25.44
C LYS D 104 -10.23 -13.67 -26.27
N ASN D 105 -9.01 -13.65 -25.74
CA ASN D 105 -7.85 -14.20 -26.44
C ASN D 105 -7.94 -15.72 -26.41
N ARG D 106 -8.52 -16.26 -27.48
CA ARG D 106 -8.79 -17.70 -27.56
C ARG D 106 -8.90 -18.07 -29.03
N MET D 107 -8.55 -19.31 -29.35
CA MET D 107 -8.57 -19.79 -30.73
C MET D 107 -8.76 -21.29 -30.75
N ILE D 108 -9.52 -21.77 -31.72
CA ILE D 108 -9.70 -23.19 -31.98
C ILE D 108 -9.54 -23.40 -33.49
N ARG D 109 -8.83 -24.46 -33.86
CA ARG D 109 -8.52 -24.77 -35.25
C ARG D 109 -8.73 -26.28 -35.44
N LEU D 110 -9.77 -26.62 -36.19
CA LEU D 110 -10.15 -28.02 -36.43
C LEU D 110 -9.54 -28.46 -37.75
N HIS D 111 -8.47 -29.25 -37.65
CA HIS D 111 -7.80 -29.79 -38.83
C HIS D 111 -8.65 -30.93 -39.38
N PRO D 112 -8.53 -31.28 -40.67
CA PRO D 112 -9.49 -32.24 -41.25
C PRO D 112 -9.40 -33.65 -40.67
N ASP D 113 -8.34 -34.00 -39.96
CA ASP D 113 -8.22 -35.33 -39.36
C ASP D 113 -8.97 -35.45 -38.04
N GLY D 114 -9.81 -34.47 -37.67
CA GLY D 114 -10.60 -34.53 -36.47
C GLY D 114 -9.96 -33.90 -35.25
N THR D 115 -8.65 -33.67 -35.28
CA THR D 115 -7.97 -33.13 -34.11
C THR D 115 -8.36 -31.67 -33.88
N VAL D 116 -8.13 -31.21 -32.65
CA VAL D 116 -8.46 -29.87 -32.23
C VAL D 116 -7.25 -29.28 -31.53
N LEU D 117 -6.97 -28.01 -31.84
CA LEU D 117 -5.83 -27.26 -31.28
C LEU D 117 -6.38 -26.03 -30.54
N TYR D 118 -6.72 -26.24 -29.28
CA TYR D 118 -7.15 -25.15 -28.42
C TYR D 118 -5.97 -24.26 -28.07
N GLY D 119 -6.22 -22.95 -28.01
CA GLY D 119 -5.20 -21.98 -27.67
C GLY D 119 -5.71 -20.90 -26.74
N LEU D 120 -4.88 -20.51 -25.76
CA LEU D 120 -5.28 -19.51 -24.77
C LEU D 120 -4.10 -18.61 -24.46
N ARG D 121 -4.39 -17.32 -24.23
CA ARG D 121 -3.39 -16.35 -23.78
C ARG D 121 -3.59 -16.14 -22.28
N ILE D 122 -2.69 -16.68 -21.47
CA ILE D 122 -2.89 -16.83 -20.03
C ILE D 122 -1.81 -16.03 -19.30
N THR D 123 -2.23 -15.25 -18.31
CA THR D 123 -1.34 -14.68 -17.31
C THR D 123 -1.63 -15.37 -15.99
N THR D 124 -0.58 -15.67 -15.22
CA THR D 124 -0.73 -16.40 -13.97
C THR D 124 0.37 -16.02 -12.99
N THR D 125 -0.01 -15.76 -11.74
CA THR D 125 0.92 -15.48 -10.66
C THR D 125 1.21 -16.79 -9.94
N ALA D 126 2.12 -17.57 -10.50
CA ALA D 126 2.43 -18.88 -9.96
C ALA D 126 3.20 -18.75 -8.64
N ALA D 127 2.89 -19.64 -7.70
CA ALA D 127 3.51 -19.64 -6.39
C ALA D 127 4.83 -20.40 -6.46
N CYS D 128 5.91 -19.74 -6.06
CA CYS D 128 7.24 -20.32 -6.05
C CYS D 128 7.88 -20.06 -4.70
N MET D 129 8.56 -21.06 -4.15
CA MET D 129 9.39 -20.84 -2.98
C MET D 129 10.75 -20.29 -3.38
N MET D 130 11.36 -19.55 -2.46
CA MET D 130 12.70 -19.03 -2.65
C MET D 130 13.46 -19.15 -1.33
N ASP D 131 14.44 -20.07 -1.31
CA ASP D 131 15.26 -20.29 -0.11
C ASP D 131 16.25 -19.14 -0.02
N LEU D 132 15.94 -18.16 0.82
CA LEU D 132 16.75 -16.97 0.98
C LEU D 132 17.84 -17.13 2.04
N ARG D 133 18.20 -18.37 2.37
CA ARG D 133 19.29 -18.59 3.33
C ARG D 133 20.63 -18.12 2.78
N ARG D 134 20.79 -18.09 1.45
CA ARG D 134 22.01 -17.61 0.81
C ARG D 134 21.80 -16.28 0.08
N TYR D 135 20.69 -15.59 0.33
CA TYR D 135 20.40 -14.35 -0.39
C TYR D 135 21.43 -13.30 0.00
N PRO D 136 21.91 -12.45 -0.95
CA PRO D 136 21.62 -12.36 -2.40
C PRO D 136 22.57 -13.20 -3.26
N LEU D 137 23.21 -14.21 -2.64
CA LEU D 137 24.13 -15.11 -3.32
C LEU D 137 23.46 -16.44 -3.63
N ASP D 138 22.19 -16.40 -4.02
CA ASP D 138 21.31 -17.55 -4.05
C ASP D 138 20.89 -17.88 -5.48
N GLU D 139 20.42 -19.11 -5.66
CA GLU D 139 19.95 -19.62 -6.95
C GLU D 139 18.59 -20.26 -6.73
N GLN D 140 17.59 -19.80 -7.49
CA GLN D 140 16.21 -20.20 -7.29
C GLN D 140 15.78 -21.20 -8.35
N ASN D 141 14.87 -22.09 -7.97
CA ASN D 141 14.24 -23.04 -8.89
C ASN D 141 12.74 -22.84 -8.81
N CYS D 142 12.15 -22.32 -9.88
CA CYS D 142 10.72 -22.02 -9.92
C CYS D 142 10.05 -22.86 -10.99
N THR D 143 8.94 -23.52 -10.63
CA THR D 143 8.28 -24.49 -11.48
C THR D 143 6.80 -24.17 -11.60
N LEU D 144 6.28 -24.29 -12.82
CA LEU D 144 4.86 -24.31 -13.09
C LEU D 144 4.42 -25.77 -13.22
N GLU D 145 3.36 -26.12 -12.49
CA GLU D 145 2.91 -27.50 -12.34
C GLU D 145 1.56 -27.64 -13.01
N ILE D 146 1.51 -28.35 -14.14
CA ILE D 146 0.29 -28.56 -14.92
C ILE D 146 -0.27 -29.93 -14.56
N GLU D 147 -1.56 -29.98 -14.28
CA GLU D 147 -2.19 -31.23 -13.83
C GLU D 147 -3.67 -31.21 -14.19
N SER D 148 -4.23 -32.40 -14.36
CA SER D 148 -5.66 -32.54 -14.57
C SER D 148 -6.40 -32.48 -13.25
N TYR D 149 -7.65 -32.02 -13.30
CA TYR D 149 -8.43 -31.87 -12.08
C TYR D 149 -9.04 -33.20 -11.63
N GLY D 150 -9.93 -33.76 -12.44
CA GLY D 150 -10.68 -34.96 -12.07
C GLY D 150 -10.26 -36.21 -12.81
N TYR D 151 -9.94 -36.08 -14.09
CA TYR D 151 -9.62 -37.24 -14.91
C TYR D 151 -8.30 -37.86 -14.46
N THR D 152 -8.29 -39.19 -14.40
CA THR D 152 -7.10 -39.95 -14.06
C THR D 152 -6.34 -40.32 -15.33
N THR D 153 -5.22 -41.03 -15.16
CA THR D 153 -4.45 -41.49 -16.32
C THR D 153 -5.23 -42.47 -17.18
N ASP D 154 -6.23 -43.15 -16.62
CA ASP D 154 -7.04 -44.05 -17.41
C ASP D 154 -8.01 -43.31 -18.33
N ASP D 155 -8.21 -42.01 -18.12
CA ASP D 155 -9.10 -41.19 -18.94
C ASP D 155 -8.36 -40.20 -19.82
N ILE D 156 -7.34 -39.52 -19.30
CA ILE D 156 -6.61 -38.49 -20.04
C ILE D 156 -5.12 -38.68 -19.77
N GLU D 157 -4.31 -38.48 -20.79
CA GLU D 157 -2.85 -38.61 -20.72
C GLU D 157 -2.21 -37.31 -21.20
N PHE D 158 -1.27 -36.81 -20.42
CA PHE D 158 -0.55 -35.58 -20.72
C PHE D 158 0.84 -35.90 -21.24
N TYR D 159 1.26 -35.17 -22.27
CA TYR D 159 2.61 -35.29 -22.78
C TYR D 159 3.02 -33.96 -23.42
N TRP D 160 4.32 -33.74 -23.51
CA TRP D 160 4.86 -32.52 -24.12
C TRP D 160 4.96 -32.73 -25.62
N ARG D 161 4.18 -31.98 -26.38
CA ARG D 161 4.23 -32.08 -27.84
C ARG D 161 5.55 -31.51 -28.36
N GLY D 162 6.16 -32.24 -29.28
CA GLY D 162 7.43 -31.83 -29.83
C GLY D 162 8.64 -32.18 -28.99
N GLY D 163 8.47 -33.00 -27.96
CA GLY D 163 9.61 -33.38 -27.14
C GLY D 163 10.18 -32.20 -26.39
N ASP D 164 11.51 -32.07 -26.43
CA ASP D 164 12.17 -31.00 -25.71
C ASP D 164 11.89 -29.63 -26.31
N LYS D 165 11.41 -29.56 -27.55
CA LYS D 165 11.06 -28.30 -28.19
C LYS D 165 9.62 -27.87 -27.89
N ALA D 166 8.99 -28.46 -26.87
CA ALA D 166 7.61 -28.10 -26.55
C ALA D 166 7.50 -26.65 -26.13
N VAL D 167 8.43 -26.18 -25.31
CA VAL D 167 8.45 -24.80 -24.84
C VAL D 167 9.39 -24.00 -25.72
N THR D 168 8.86 -22.96 -26.37
CA THR D 168 9.61 -22.11 -27.28
C THR D 168 9.38 -20.66 -26.89
N GLY D 169 10.44 -19.97 -26.49
CA GLY D 169 10.34 -18.58 -26.04
C GLY D 169 11.14 -18.28 -24.79
N VAL D 170 11.92 -19.24 -24.32
CA VAL D 170 12.71 -19.02 -23.10
C VAL D 170 13.76 -17.93 -23.33
N GLU D 171 14.37 -17.92 -24.52
CA GLU D 171 15.37 -16.90 -24.82
C GLU D 171 14.77 -15.50 -24.82
N ARG D 172 13.47 -15.38 -25.12
CA ARG D 172 12.83 -14.08 -25.13
C ARG D 172 12.71 -13.48 -23.72
N ILE D 173 12.90 -14.28 -22.67
CA ILE D 173 12.79 -13.78 -21.31
C ILE D 173 14.01 -12.94 -20.96
N GLU D 174 13.78 -11.87 -20.19
CA GLU D 174 14.88 -11.11 -19.59
C GLU D 174 14.35 -10.48 -18.31
N LEU D 175 15.18 -10.49 -17.27
CA LEU D 175 14.85 -9.95 -15.96
C LEU D 175 15.96 -9.01 -15.49
N PRO D 176 15.65 -8.03 -14.63
CA PRO D 176 16.69 -7.11 -14.17
C PRO D 176 17.73 -7.79 -13.30
N GLN D 177 17.28 -8.52 -12.26
CA GLN D 177 18.18 -9.11 -11.28
C GLN D 177 18.51 -10.56 -11.57
N PHE D 178 17.65 -11.27 -12.28
CA PHE D 178 17.79 -12.71 -12.50
C PHE D 178 18.38 -12.98 -13.88
N SER D 179 18.77 -14.24 -14.08
CA SER D 179 19.30 -14.69 -15.35
C SER D 179 18.99 -16.18 -15.48
N ILE D 180 18.14 -16.54 -16.43
CA ILE D 180 17.75 -17.94 -16.60
C ILE D 180 18.98 -18.74 -17.00
N VAL D 181 19.41 -19.62 -16.12
CA VAL D 181 20.57 -20.48 -16.39
C VAL D 181 20.17 -21.70 -17.21
N GLU D 182 19.08 -22.37 -16.83
CA GLU D 182 18.67 -23.57 -17.53
C GLU D 182 17.21 -23.87 -17.17
N HIS D 183 16.49 -24.41 -18.15
CA HIS D 183 15.08 -24.76 -18.01
C HIS D 183 14.89 -26.23 -18.35
N ARG D 184 13.91 -26.85 -17.69
CA ARG D 184 13.66 -28.29 -17.81
C ARG D 184 12.18 -28.57 -17.93
N LEU D 185 11.88 -29.69 -18.59
CA LEU D 185 10.53 -30.22 -18.73
C LEU D 185 10.48 -31.59 -18.08
N VAL D 186 9.39 -31.87 -17.36
CA VAL D 186 9.17 -33.16 -16.71
C VAL D 186 7.74 -33.59 -16.97
N SER D 187 7.56 -34.89 -17.22
CA SER D 187 6.24 -35.49 -17.38
C SER D 187 6.17 -36.76 -16.56
N ARG D 188 5.16 -36.87 -15.70
CA ARG D 188 5.06 -38.03 -14.83
C ARG D 188 3.62 -38.22 -14.38
N ASN D 189 3.33 -39.44 -13.91
CA ASN D 189 2.01 -39.82 -13.42
C ASN D 189 2.12 -39.93 -11.89
N VAL D 190 1.56 -38.94 -11.20
CA VAL D 190 1.59 -38.94 -9.74
C VAL D 190 0.65 -40.01 -9.24
N VAL D 191 1.10 -40.80 -8.27
CA VAL D 191 0.37 -41.95 -7.76
C VAL D 191 -0.41 -41.54 -6.52
N PHE D 192 -1.70 -41.89 -6.50
CA PHE D 192 -2.57 -41.60 -5.38
C PHE D 192 -3.58 -42.72 -5.26
N ALA D 193 -4.19 -42.84 -4.08
CA ALA D 193 -5.09 -43.97 -3.81
C ALA D 193 -6.26 -44.00 -4.78
N THR D 194 -6.75 -42.83 -5.21
CA THR D 194 -7.80 -42.80 -6.21
C THR D 194 -7.30 -43.36 -7.54
N GLY D 195 -6.07 -43.07 -7.89
CA GLY D 195 -5.49 -43.56 -9.12
C GLY D 195 -4.36 -42.66 -9.57
N ALA D 196 -3.66 -43.12 -10.61
CA ALA D 196 -2.58 -42.32 -11.17
C ALA D 196 -3.15 -41.14 -11.95
N TYR D 197 -2.60 -39.96 -11.69
CA TYR D 197 -3.03 -38.71 -12.30
C TYR D 197 -1.92 -38.17 -13.18
N PRO D 198 -2.20 -37.74 -14.42
CA PRO D 198 -1.12 -37.19 -15.25
C PRO D 198 -0.64 -35.86 -14.71
N ARG D 199 0.60 -35.50 -15.07
CA ARG D 199 1.16 -34.26 -14.57
C ARG D 199 2.39 -33.89 -15.41
N LEU D 200 2.58 -32.59 -15.60
CA LEU D 200 3.73 -32.03 -16.28
C LEU D 200 4.29 -30.89 -15.45
N SER D 201 5.56 -30.57 -15.67
CA SER D 201 6.22 -29.52 -14.92
C SER D 201 7.21 -28.79 -15.81
N LEU D 202 7.15 -27.46 -15.77
CA LEU D 202 8.08 -26.58 -16.47
C LEU D 202 8.88 -25.82 -15.42
N SER D 203 10.17 -26.12 -15.32
CA SER D 203 11.04 -25.54 -14.30
C SER D 203 12.08 -24.63 -14.94
N PHE D 204 12.38 -23.53 -14.25
CA PHE D 204 13.47 -22.65 -14.59
C PHE D 204 14.39 -22.49 -13.38
N ARG D 205 15.69 -22.34 -13.65
CA ARG D 205 16.68 -22.07 -12.62
C ARG D 205 17.18 -20.64 -12.84
N LEU D 206 16.79 -19.75 -11.94
CA LEU D 206 17.14 -18.33 -12.02
C LEU D 206 18.31 -18.05 -11.10
N LYS D 207 19.35 -17.41 -11.63
CA LYS D 207 20.51 -16.99 -10.85
C LYS D 207 20.44 -15.48 -10.66
N ARG D 208 20.52 -15.03 -9.41
CA ARG D 208 20.48 -13.61 -9.12
C ARG D 208 21.80 -12.96 -9.54
N ASN D 209 21.68 -11.74 -10.05
CA ASN D 209 22.82 -10.99 -10.58
C ASN D 209 23.37 -10.08 -9.49
N ILE D 210 24.56 -10.41 -8.98
CA ILE D 210 25.25 -9.50 -8.09
C ILE D 210 25.73 -8.29 -8.87
N GLY D 211 26.18 -7.28 -8.13
CA GLY D 211 26.51 -5.97 -8.68
C GLY D 211 25.66 -4.85 -8.11
N TYR D 212 24.36 -5.08 -7.92
CA TYR D 212 23.52 -4.20 -7.14
C TYR D 212 23.61 -4.49 -5.65
N PHE D 213 24.41 -5.49 -5.24
CA PHE D 213 24.65 -5.79 -3.84
C PHE D 213 26.11 -5.66 -3.45
N ILE D 214 27.02 -6.22 -4.25
CA ILE D 214 28.45 -6.18 -3.90
C ILE D 214 29.04 -4.80 -4.04
N LEU D 215 28.66 -4.03 -5.05
CA LEU D 215 29.04 -2.63 -5.17
C LEU D 215 28.31 -1.73 -4.21
N GLN D 216 27.17 -2.15 -3.69
CA GLN D 216 26.12 -1.23 -3.28
C GLN D 216 25.69 -1.43 -1.84
N THR D 217 25.71 -2.66 -1.32
CA THR D 217 25.46 -2.95 0.10
C THR D 217 26.70 -3.43 0.81
N TYR D 218 27.45 -4.36 0.20
CA TYR D 218 28.66 -4.86 0.85
C TYR D 218 29.77 -3.81 0.86
N MET D 219 29.91 -3.04 -0.22
CA MET D 219 31.05 -2.13 -0.31
C MET D 219 31.02 -1.03 0.73
N PRO D 220 29.90 -0.32 0.95
CA PRO D 220 29.91 0.72 2.00
C PRO D 220 30.19 0.16 3.39
N SER D 221 29.67 -1.04 3.70
CA SER D 221 29.95 -1.63 5.01
C SER D 221 31.43 -1.92 5.18
N ILE D 222 32.06 -2.47 4.14
CA ILE D 222 33.50 -2.74 4.22
C ILE D 222 34.29 -1.45 4.35
N LEU D 223 33.88 -0.39 3.62
CA LEU D 223 34.58 0.88 3.73
C LEU D 223 34.44 1.47 5.12
N ILE D 224 33.26 1.39 5.72
CA ILE D 224 33.06 1.89 7.07
C ILE D 224 33.89 1.09 8.07
N THR D 225 33.94 -0.24 7.90
CA THR D 225 34.78 -1.06 8.76
C THR D 225 36.26 -0.72 8.63
N ILE D 226 36.72 -0.42 7.42
CA ILE D 226 38.12 -0.04 7.21
C ILE D 226 38.36 1.32 7.86
N LEU D 227 37.38 2.21 7.78
CA LEU D 227 37.50 3.51 8.43
C LEU D 227 37.62 3.37 9.93
N SER D 228 36.89 2.41 10.52
CA SER D 228 36.98 2.21 11.96
C SER D 228 38.39 1.84 12.39
N TRP D 229 39.18 1.23 11.51
CA TRP D 229 40.56 0.88 11.83
C TRP D 229 41.49 2.09 11.86
N VAL D 230 41.03 3.26 11.42
CA VAL D 230 41.87 4.45 11.43
C VAL D 230 42.25 4.83 12.85
N SER D 231 41.43 4.47 13.84
CA SER D 231 41.68 4.87 15.22
C SER D 231 42.99 4.30 15.75
N PHE D 232 43.42 3.15 15.24
CA PHE D 232 44.62 2.51 15.77
C PHE D 232 45.88 3.30 15.44
N TRP D 233 45.85 4.12 14.39
CA TRP D 233 47.01 4.92 14.00
C TRP D 233 47.02 6.31 14.61
N ILE D 234 45.88 6.82 15.05
CA ILE D 234 45.84 8.10 15.74
C ILE D 234 46.48 7.94 17.11
N ASN D 235 47.06 9.03 17.62
CA ASN D 235 47.75 8.98 18.90
C ASN D 235 46.79 8.63 20.03
N TYR D 236 47.31 7.95 21.05
CA TYR D 236 46.49 7.46 22.14
C TYR D 236 45.92 8.56 23.01
N ASP D 237 46.55 9.74 23.03
CA ASP D 237 46.07 10.83 23.88
C ASP D 237 44.94 11.63 23.24
N ALA D 238 44.62 11.39 21.97
CA ALA D 238 43.53 12.10 21.29
C ALA D 238 42.21 11.42 21.65
N SER D 239 41.70 11.77 22.84
CA SER D 239 40.49 11.14 23.33
C SER D 239 39.29 11.51 22.49
N ALA D 240 39.09 12.81 22.25
CA ALA D 240 37.90 13.27 21.53
C ALA D 240 37.87 12.70 20.12
N ALA D 241 39.00 12.74 19.42
CA ALA D 241 39.06 12.29 18.04
C ALA D 241 38.73 10.81 17.92
N ARG D 242 39.42 9.98 18.70
CA ARG D 242 39.23 8.53 18.58
C ARG D 242 37.84 8.12 19.05
N VAL D 243 37.35 8.71 20.15
CA VAL D 243 36.03 8.35 20.66
C VAL D 243 34.96 8.77 19.65
N ALA D 244 35.07 9.98 19.10
CA ALA D 244 34.09 10.42 18.12
C ALA D 244 34.12 9.53 16.89
N LEU D 245 35.32 9.18 16.41
CA LEU D 245 35.43 8.29 15.25
C LEU D 245 34.76 6.96 15.51
N GLY D 246 35.07 6.32 16.65
CA GLY D 246 34.50 5.01 16.94
C GLY D 246 32.99 5.05 17.07
N ILE D 247 32.48 5.99 17.85
CA ILE D 247 31.03 6.00 18.10
C ILE D 247 30.29 6.43 16.83
N THR D 248 30.89 7.28 16.01
CA THR D 248 30.21 7.70 14.79
C THR D 248 30.23 6.60 13.73
N THR D 249 31.30 5.79 13.66
CA THR D 249 31.25 4.67 12.74
C THR D 249 30.26 3.62 13.20
N VAL D 250 30.10 3.44 14.52
CA VAL D 250 29.03 2.57 15.01
C VAL D 250 27.67 3.13 14.61
N LEU D 251 27.49 4.44 14.74
CA LEU D 251 26.23 5.07 14.36
C LEU D 251 25.96 4.87 12.87
N THR D 252 26.98 5.04 12.03
CA THR D 252 26.81 4.87 10.59
C THR D 252 26.45 3.42 10.25
N MET D 253 27.10 2.46 10.92
CA MET D 253 26.77 1.06 10.67
C MET D 253 25.32 0.78 11.05
N THR D 254 24.86 1.29 12.19
CA THR D 254 23.46 1.10 12.56
C THR D 254 22.53 1.77 11.56
N THR D 255 22.89 2.95 11.06
CA THR D 255 22.08 3.64 10.07
C THR D 255 21.95 2.80 8.81
N ILE D 256 23.06 2.26 8.32
CA ILE D 256 23.03 1.43 7.12
C ILE D 256 22.18 0.20 7.34
N ASN D 257 22.37 -0.49 8.47
CA ASN D 257 21.64 -1.72 8.73
C ASN D 257 20.14 -1.46 8.92
N THR D 258 19.78 -0.32 9.51
CA THR D 258 18.37 -0.01 9.71
C THR D 258 17.69 0.37 8.40
N HIS D 259 18.38 1.15 7.56
CA HIS D 259 17.74 1.66 6.35
C HIS D 259 17.85 0.71 5.18
N LEU D 260 18.71 -0.31 5.27
CA LEU D 260 18.68 -1.39 4.29
C LEU D 260 17.53 -2.36 4.54
N ARG D 261 16.97 -2.36 5.75
CA ARG D 261 15.84 -3.24 6.05
C ARG D 261 14.64 -2.90 5.18
N GLU D 262 14.40 -1.62 4.92
CA GLU D 262 13.33 -1.19 4.02
C GLU D 262 13.75 -1.23 2.56
N THR D 263 15.05 -1.36 2.27
CA THR D 263 15.54 -1.50 0.90
C THR D 263 15.41 -2.93 0.40
N LEU D 264 15.86 -3.90 1.19
CA LEU D 264 15.77 -5.30 0.83
C LEU D 264 14.33 -5.79 0.95
N PRO D 265 14.03 -6.98 0.44
CA PRO D 265 12.68 -7.52 0.60
C PRO D 265 12.27 -7.63 2.06
N LYS D 266 11.01 -7.29 2.34
CA LYS D 266 10.47 -7.34 3.69
C LYS D 266 10.00 -8.75 4.00
N ILE D 267 10.99 -9.64 4.12
CA ILE D 267 10.77 -11.04 4.45
C ILE D 267 11.64 -11.37 5.66
N PRO D 268 11.08 -11.45 6.89
CA PRO D 268 11.93 -11.79 8.04
C PRO D 268 12.54 -13.18 7.93
N TYR D 269 13.87 -13.22 7.77
CA TYR D 269 14.58 -14.47 7.62
C TYR D 269 16.07 -14.15 7.72
N VAL D 270 16.83 -15.08 8.31
CA VAL D 270 18.26 -14.88 8.54
C VAL D 270 18.98 -15.08 7.20
N LYS D 271 19.28 -13.97 6.53
CA LYS D 271 19.97 -14.01 5.25
C LYS D 271 21.47 -13.83 5.45
N ALA D 272 22.23 -14.08 4.38
CA ALA D 272 23.68 -13.95 4.44
C ALA D 272 24.10 -12.51 4.68
N ILE D 273 23.42 -11.55 4.03
CA ILE D 273 23.76 -10.15 4.18
C ILE D 273 23.60 -9.71 5.63
N ASP D 274 22.61 -10.27 6.34
CA ASP D 274 22.47 -9.99 7.76
C ASP D 274 23.70 -10.44 8.53
N MET D 275 24.24 -11.61 8.19
CA MET D 275 25.45 -12.08 8.87
C MET D 275 26.63 -11.16 8.57
N TYR D 276 26.76 -10.72 7.33
CA TYR D 276 27.87 -9.82 6.99
C TYR D 276 27.76 -8.50 7.76
N LEU D 277 26.56 -7.93 7.79
CA LEU D 277 26.36 -6.66 8.50
C LEU D 277 26.59 -6.83 9.99
N MET D 278 26.15 -7.95 10.57
CA MET D 278 26.40 -8.20 11.98
C MET D 278 27.89 -8.34 12.25
N GLY D 279 28.62 -9.01 11.36
CA GLY D 279 30.06 -9.11 11.54
C GLY D 279 30.75 -7.76 11.51
N CYS D 280 30.35 -6.91 10.56
CA CYS D 280 30.94 -5.57 10.50
C CYS D 280 30.61 -4.76 11.75
N PHE D 281 29.38 -4.89 12.24
CA PHE D 281 29.01 -4.20 13.47
C PHE D 281 29.86 -4.68 14.64
N VAL D 282 30.07 -5.99 14.74
CA VAL D 282 30.90 -6.53 15.81
C VAL D 282 32.33 -6.02 15.69
N PHE D 283 32.83 -5.89 14.46
CA PHE D 283 34.20 -5.42 14.28
C PHE D 283 34.36 -3.96 14.72
N VAL D 284 33.43 -3.09 14.35
CA VAL D 284 33.55 -1.69 14.78
C VAL D 284 33.36 -1.58 16.29
N PHE D 285 32.46 -2.38 16.86
CA PHE D 285 32.30 -2.39 18.31
C PHE D 285 33.58 -2.82 19.00
N LEU D 286 34.25 -3.85 18.46
CA LEU D 286 35.51 -4.29 19.04
C LEU D 286 36.59 -3.23 18.92
N ALA D 287 36.59 -2.47 17.83
CA ALA D 287 37.56 -1.38 17.70
C ALA D 287 37.35 -0.34 18.80
N LEU D 288 36.10 0.05 19.04
CA LEU D 288 35.83 1.02 20.09
C LEU D 288 36.20 0.46 21.47
N LEU D 289 35.91 -0.83 21.70
CA LEU D 289 36.28 -1.45 22.97
C LEU D 289 37.80 -1.48 23.14
N GLU D 290 38.52 -1.72 22.05
CA GLU D 290 39.98 -1.68 22.11
C GLU D 290 40.47 -0.30 22.51
N TYR D 291 39.84 0.75 21.96
CA TYR D 291 40.23 2.09 22.40
C TYR D 291 39.95 2.27 23.89
N ALA D 292 38.82 1.75 24.37
CA ALA D 292 38.53 1.84 25.80
C ALA D 292 39.63 1.19 26.62
N PHE D 293 40.08 0.00 26.20
CA PHE D 293 41.14 -0.71 26.90
C PHE D 293 42.42 0.12 26.96
N VAL D 294 42.88 0.60 25.79
CA VAL D 294 44.17 1.30 25.77
C VAL D 294 44.09 2.60 26.54
N ASN D 295 42.94 3.30 26.45
CA ASN D 295 42.78 4.54 27.20
C ASN D 295 42.81 4.29 28.70
N TYR D 296 42.15 3.24 29.18
CA TYR D 296 42.20 2.95 30.60
C TYR D 296 43.61 2.59 31.04
N ILE D 297 44.30 1.78 30.24
CA ILE D 297 45.57 1.22 30.70
C ILE D 297 46.69 2.26 30.63
N PHE D 298 46.90 2.84 29.45
CA PHE D 298 48.11 3.63 29.20
C PHE D 298 47.98 5.11 29.53
N PHE D 299 46.77 5.64 29.59
CA PHE D 299 46.54 7.06 29.84
C PHE D 299 46.03 7.35 31.24
N GLY D 300 44.95 6.67 31.65
CA GLY D 300 44.42 6.83 32.99
C GLY D 300 45.23 6.08 34.02
N ARG D 301 44.55 5.52 35.02
CA ARG D 301 45.23 4.73 36.04
C ARG D 301 45.75 3.43 35.42
N ASP D 411 56.94 4.90 22.65
CA ASP D 411 55.95 5.10 21.59
C ASP D 411 55.34 3.78 21.11
N VAL D 412 55.58 2.70 21.84
CA VAL D 412 55.14 1.39 21.35
C VAL D 412 53.62 1.26 21.43
N ASN D 413 53.04 1.46 22.62
CA ASN D 413 51.60 1.29 22.82
C ASN D 413 51.15 -0.08 22.31
N ALA D 414 51.58 -1.14 23.02
CA ALA D 414 51.52 -2.50 22.50
C ALA D 414 50.14 -2.88 21.98
N ILE D 415 49.09 -2.45 22.68
CA ILE D 415 47.72 -2.76 22.25
C ILE D 415 47.48 -2.22 20.85
N ASP D 416 47.99 -1.01 20.56
CA ASP D 416 47.74 -0.42 19.25
C ASP D 416 48.42 -1.20 18.13
N ARG D 417 49.70 -1.57 18.31
CA ARG D 417 50.38 -2.31 17.25
C ARG D 417 49.73 -3.68 17.05
N TRP D 418 49.39 -4.36 18.14
CA TRP D 418 48.78 -5.68 17.98
CA TRP D 418 48.76 -5.67 18.02
C TRP D 418 47.39 -5.56 17.35
N SER D 419 46.68 -4.47 17.63
CA SER D 419 45.39 -4.24 16.97
C SER D 419 45.59 -3.98 15.48
N ARG D 420 46.61 -3.21 15.11
CA ARG D 420 46.86 -2.93 13.70
C ARG D 420 47.15 -4.21 12.95
N ILE D 421 47.93 -5.12 13.54
CA ILE D 421 48.20 -6.39 12.86
C ILE D 421 46.95 -7.27 12.84
N VAL D 422 46.20 -7.30 13.94
CA VAL D 422 45.18 -8.35 14.10
C VAL D 422 43.90 -8.00 13.35
N PHE D 423 43.41 -6.77 13.51
CA PHE D 423 42.07 -6.44 13.01
C PHE D 423 41.92 -6.63 11.50
N PRO D 424 42.81 -6.11 10.65
CA PRO D 424 42.69 -6.45 9.21
C PRO D 424 42.81 -7.93 8.93
N PHE D 425 43.68 -8.63 9.66
CA PHE D 425 43.83 -10.06 9.46
C PHE D 425 42.56 -10.82 9.84
N THR D 426 41.96 -10.46 10.98
CA THR D 426 40.73 -11.11 11.40
C THR D 426 39.59 -10.79 10.43
N PHE D 427 39.53 -9.56 9.94
CA PHE D 427 38.49 -9.21 8.98
C PHE D 427 38.67 -9.98 7.68
N SER D 428 39.91 -10.15 7.22
CA SER D 428 40.15 -10.92 6.01
C SER D 428 39.76 -12.38 6.21
N LEU D 429 40.07 -12.95 7.38
CA LEU D 429 39.67 -14.33 7.65
C LEU D 429 38.15 -14.45 7.67
N PHE D 430 37.47 -13.49 8.28
CA PHE D 430 36.01 -13.52 8.31
C PHE D 430 35.43 -13.44 6.90
N ASN D 431 36.01 -12.57 6.06
CA ASN D 431 35.55 -12.48 4.68
C ASN D 431 35.76 -13.78 3.93
N LEU D 432 36.93 -14.41 4.11
CA LEU D 432 37.19 -15.67 3.43
C LEU D 432 36.21 -16.75 3.88
N VAL D 433 35.96 -16.84 5.19
CA VAL D 433 35.02 -17.83 5.70
C VAL D 433 33.63 -17.58 5.15
N TYR D 434 33.20 -16.31 5.11
CA TYR D 434 31.89 -15.96 4.57
C TYR D 434 31.75 -16.38 3.11
N TRP D 435 32.71 -15.98 2.28
CA TRP D 435 32.60 -16.28 0.85
C TRP D 435 32.67 -17.77 0.58
N LEU D 436 33.55 -18.48 1.27
CA LEU D 436 33.63 -19.93 1.07
C LEU D 436 32.36 -20.62 1.55
N TYR D 437 31.80 -20.17 2.67
CA TYR D 437 30.57 -20.80 3.18
C TYR D 437 29.40 -20.57 2.24
N TYR D 438 29.29 -19.36 1.68
CA TYR D 438 28.14 -19.01 0.84
C TYR D 438 28.41 -19.17 -0.64
N VAL D 439 29.50 -18.61 -1.16
CA VAL D 439 29.84 -18.75 -2.56
C VAL D 439 30.57 -20.07 -2.77
N GLY E 1 -23.04 -45.48 -25.24
CA GLY E 1 -23.48 -46.37 -24.17
C GLY E 1 -24.52 -45.73 -23.28
N ASP E 2 -25.59 -45.24 -23.92
CA ASP E 2 -26.81 -44.70 -23.30
C ASP E 2 -26.58 -43.91 -22.02
N VAL E 3 -25.55 -43.06 -22.01
CA VAL E 3 -25.29 -42.21 -20.86
C VAL E 3 -26.12 -40.93 -20.94
N THR E 4 -26.42 -40.45 -22.15
CA THR E 4 -27.20 -39.22 -22.29
C THR E 4 -28.61 -39.39 -21.76
N VAL E 5 -29.23 -40.54 -22.02
CA VAL E 5 -30.57 -40.80 -21.51
C VAL E 5 -30.56 -40.81 -19.98
N ILE E 6 -29.54 -41.44 -19.38
CA ILE E 6 -29.43 -41.44 -17.93
C ILE E 6 -29.26 -40.02 -17.41
N LEU E 7 -28.42 -39.23 -18.07
CA LEU E 7 -28.14 -37.88 -17.61
C LEU E 7 -29.39 -37.01 -17.65
N ASN E 8 -30.16 -37.08 -18.74
CA ASN E 8 -31.36 -36.26 -18.84
C ASN E 8 -32.51 -36.82 -18.00
N ASN E 9 -32.49 -38.11 -17.68
CA ASN E 9 -33.48 -38.65 -16.76
C ASN E 9 -33.20 -38.27 -15.31
N LEU E 10 -31.93 -38.10 -14.94
CA LEU E 10 -31.62 -37.67 -13.57
C LEU E 10 -32.19 -36.29 -13.27
N LEU E 11 -32.25 -35.41 -14.27
CA LEU E 11 -32.63 -34.02 -14.08
C LEU E 11 -34.09 -33.75 -14.41
N GLU E 12 -34.90 -34.79 -14.62
CA GLU E 12 -36.29 -34.61 -15.02
C GLU E 12 -37.16 -34.19 -13.84
N GLY E 13 -37.26 -35.04 -12.81
CA GLY E 13 -38.08 -34.71 -11.67
C GLY E 13 -37.37 -33.84 -10.64
N TYR E 14 -36.12 -33.48 -10.92
CA TYR E 14 -35.31 -32.78 -9.94
C TYR E 14 -35.86 -31.38 -9.68
N ASP E 15 -35.71 -30.92 -8.43
CA ASP E 15 -35.97 -29.53 -8.04
C ASP E 15 -34.80 -29.08 -7.20
N ASN E 16 -34.05 -28.10 -7.70
CA ASN E 16 -32.82 -27.65 -7.05
C ASN E 16 -33.06 -26.70 -5.89
N LYS E 17 -34.30 -26.28 -5.65
CA LYS E 17 -34.61 -25.36 -4.56
C LYS E 17 -34.96 -26.08 -3.26
N LEU E 18 -34.97 -27.41 -3.24
CA LEU E 18 -35.31 -28.19 -2.06
C LEU E 18 -34.16 -29.16 -1.77
N ARG E 19 -33.69 -29.16 -0.53
CA ARG E 19 -32.61 -30.04 -0.14
C ARG E 19 -33.10 -31.49 -0.08
N PRO E 20 -32.18 -32.46 -0.09
CA PRO E 20 -32.59 -33.84 0.19
C PRO E 20 -33.17 -33.96 1.59
N ASP E 21 -34.21 -34.78 1.71
CA ASP E 21 -34.90 -35.00 2.99
C ASP E 21 -35.42 -33.68 3.56
N ILE E 22 -36.27 -33.01 2.77
CA ILE E 22 -36.71 -31.66 3.11
C ILE E 22 -37.55 -31.69 4.39
N GLY E 23 -38.36 -32.73 4.58
CA GLY E 23 -39.21 -32.84 5.75
C GLY E 23 -39.12 -34.21 6.40
N VAL E 24 -37.94 -34.81 6.41
CA VAL E 24 -37.72 -36.14 6.97
C VAL E 24 -36.65 -36.07 8.04
N LYS E 25 -35.46 -35.64 7.68
CA LYS E 25 -34.33 -35.61 8.61
C LYS E 25 -33.29 -34.62 8.09
N PRO E 26 -32.35 -34.20 8.93
CA PRO E 26 -31.29 -33.32 8.43
C PRO E 26 -30.43 -34.03 7.39
N THR E 27 -29.93 -33.25 6.44
CA THR E 27 -29.07 -33.77 5.38
C THR E 27 -27.64 -33.86 5.90
N LEU E 28 -27.16 -35.08 6.13
CA LEU E 28 -25.81 -35.28 6.63
C LEU E 28 -24.80 -35.08 5.50
N ILE E 29 -23.75 -34.31 5.78
CA ILE E 29 -22.69 -34.01 4.83
C ILE E 29 -21.36 -34.36 5.49
N HIS E 30 -20.51 -35.06 4.75
CA HIS E 30 -19.16 -35.42 5.19
C HIS E 30 -18.15 -34.56 4.45
N THR E 31 -17.23 -33.94 5.19
CA THR E 31 -16.29 -32.98 4.65
C THR E 31 -14.88 -33.56 4.68
N ASP E 32 -14.12 -33.29 3.62
CA ASP E 32 -12.72 -33.63 3.51
C ASP E 32 -11.96 -32.39 3.06
N MET E 33 -10.75 -32.23 3.58
CA MET E 33 -9.96 -31.03 3.23
C MET E 33 -8.48 -31.42 3.13
N TYR E 34 -7.82 -31.03 2.05
CA TYR E 34 -6.37 -31.32 1.90
C TYR E 34 -5.63 -30.03 1.91
N VAL E 35 -4.94 -29.72 3.01
CA VAL E 35 -4.29 -28.39 3.08
C VAL E 35 -3.07 -28.41 2.16
N ASN E 36 -3.17 -27.80 0.99
CA ASN E 36 -1.98 -27.70 0.11
C ASN E 36 -0.93 -26.84 0.80
N SER E 37 -1.26 -25.58 1.07
CA SER E 37 -0.21 -24.70 1.64
C SER E 37 -0.82 -23.65 2.55
N ILE E 38 -0.12 -23.24 3.60
CA ILE E 38 -0.61 -22.13 4.46
C ILE E 38 0.20 -20.90 4.07
N GLY E 39 -0.38 -20.03 3.24
CA GLY E 39 0.34 -18.89 2.71
C GLY E 39 0.96 -18.03 3.79
N PRO E 40 1.47 -16.86 3.40
CA PRO E 40 2.09 -15.97 4.40
C PRO E 40 1.09 -15.53 5.45
N VAL E 41 1.57 -15.41 6.68
CA VAL E 41 0.77 -14.99 7.82
C VAL E 41 1.01 -13.49 8.01
N ASN E 42 0.14 -12.68 7.43
CA ASN E 42 0.26 -11.24 7.54
C ASN E 42 0.00 -10.81 8.98
N ALA E 43 1.06 -10.39 9.67
CA ALA E 43 0.95 -9.93 11.05
C ALA E 43 0.47 -8.49 11.16
N ILE E 44 0.49 -7.72 10.08
CA ILE E 44 0.01 -6.35 10.06
C ILE E 44 -1.50 -6.30 9.87
N ASN E 45 -2.01 -7.05 8.90
CA ASN E 45 -3.44 -7.11 8.63
C ASN E 45 -4.16 -8.13 9.50
N MET E 46 -3.44 -8.91 10.31
CA MET E 46 -4.03 -9.94 11.18
C MET E 46 -4.85 -10.93 10.35
N GLU E 47 -4.15 -11.62 9.47
CA GLU E 47 -4.79 -12.56 8.54
C GLU E 47 -3.75 -13.57 8.07
N TYR E 48 -4.22 -14.61 7.41
CA TYR E 48 -3.32 -15.66 6.86
C TYR E 48 -3.98 -16.21 5.63
N THR E 49 -3.23 -16.88 4.77
CA THR E 49 -3.81 -17.41 3.53
C THR E 49 -3.64 -18.90 3.51
N ILE E 50 -4.65 -19.65 3.09
CA ILE E 50 -4.58 -21.12 3.06
C ILE E 50 -5.13 -21.58 1.72
N ASP E 51 -4.57 -22.61 1.12
CA ASP E 51 -5.12 -23.16 -0.15
C ASP E 51 -5.59 -24.57 0.13
N ILE E 52 -6.86 -24.85 -0.11
CA ILE E 52 -7.35 -26.18 0.32
C ILE E 52 -8.13 -26.84 -0.82
N PHE E 53 -8.12 -28.16 -0.86
CA PHE E 53 -8.99 -28.89 -1.81
C PHE E 53 -10.09 -29.37 -0.90
N PHE E 54 -11.28 -28.81 -1.03
CA PHE E 54 -12.42 -29.06 -0.15
C PHE E 54 -13.42 -29.94 -0.88
N ALA E 55 -13.73 -31.09 -0.30
CA ALA E 55 -14.67 -32.05 -0.88
C ALA E 55 -15.81 -32.31 0.10
N GLN E 56 -17.01 -32.44 -0.44
CA GLN E 56 -18.22 -32.64 0.36
C GLN E 56 -19.02 -33.78 -0.24
N THR E 57 -19.35 -34.77 0.59
CA THR E 57 -20.08 -35.95 0.17
C THR E 57 -21.41 -35.99 0.89
N TRP E 58 -22.49 -36.25 0.15
CA TRP E 58 -23.79 -36.45 0.76
C TRP E 58 -24.56 -37.47 -0.07
N TYR E 59 -25.79 -37.78 0.37
CA TYR E 59 -26.65 -38.74 -0.29
C TYR E 59 -27.91 -38.01 -0.76
N ASP E 60 -28.17 -38.05 -2.06
CA ASP E 60 -29.35 -37.45 -2.66
C ASP E 60 -30.19 -38.58 -3.25
N ARG E 61 -31.34 -38.84 -2.64
CA ARG E 61 -32.18 -39.98 -3.01
C ARG E 61 -33.18 -39.66 -4.11
N ARG E 62 -32.89 -38.68 -4.97
CA ARG E 62 -33.63 -38.50 -6.21
C ARG E 62 -32.71 -38.50 -7.43
N LEU E 63 -31.42 -38.81 -7.25
CA LEU E 63 -30.44 -38.87 -8.32
C LEU E 63 -29.94 -40.29 -8.50
N LYS E 64 -30.84 -41.26 -8.38
CA LYS E 64 -30.51 -42.67 -8.53
C LYS E 64 -30.69 -43.07 -10.00
N PHE E 65 -29.64 -43.67 -10.57
CA PHE E 65 -29.70 -44.23 -11.90
C PHE E 65 -29.24 -45.68 -11.84
N ASN E 66 -30.02 -46.57 -12.44
CA ASN E 66 -29.72 -48.00 -12.46
C ASN E 66 -29.11 -48.33 -13.82
N SER E 67 -27.80 -48.54 -13.84
CA SER E 67 -27.09 -48.83 -15.08
C SER E 67 -25.79 -49.53 -14.74
N THR E 68 -25.14 -50.07 -15.77
CA THR E 68 -23.88 -50.79 -15.57
C THR E 68 -22.80 -49.85 -15.02
N ILE E 69 -22.71 -48.65 -15.56
CA ILE E 69 -21.74 -47.68 -15.05
C ILE E 69 -22.21 -47.17 -13.70
N LYS E 70 -21.30 -47.18 -12.72
CA LYS E 70 -21.63 -46.85 -11.34
C LYS E 70 -21.16 -45.48 -10.90
N VAL E 71 -20.71 -44.64 -11.84
CA VAL E 71 -20.25 -43.29 -11.50
C VAL E 71 -20.28 -42.41 -12.73
N LEU E 72 -20.82 -41.19 -12.59
CA LEU E 72 -20.89 -40.22 -13.67
C LEU E 72 -20.37 -38.88 -13.18
N ARG E 73 -19.46 -38.29 -13.95
CA ARG E 73 -18.96 -36.95 -13.69
C ARG E 73 -19.75 -35.96 -14.53
N LEU E 74 -20.26 -34.92 -13.88
CA LEU E 74 -20.98 -33.84 -14.55
C LEU E 74 -20.06 -32.66 -14.79
N ASN E 75 -20.23 -32.01 -15.95
CA ASN E 75 -19.46 -30.83 -16.26
C ASN E 75 -19.82 -29.70 -15.31
N SER E 76 -19.05 -28.61 -15.39
CA SER E 76 -19.29 -27.45 -14.55
C SER E 76 -20.59 -26.73 -14.88
N ASN E 77 -21.19 -27.01 -16.05
CA ASN E 77 -22.45 -26.38 -16.41
C ASN E 77 -23.65 -27.02 -15.74
N MET E 78 -23.51 -28.25 -15.22
CA MET E 78 -24.61 -28.96 -14.56
C MET E 78 -24.54 -28.89 -13.05
N VAL E 79 -23.40 -28.50 -12.47
CA VAL E 79 -23.32 -28.38 -11.02
C VAL E 79 -24.22 -27.26 -10.51
N GLY E 80 -24.55 -26.29 -11.34
CA GLY E 80 -25.51 -25.26 -11.01
C GLY E 80 -26.96 -25.66 -11.16
N LYS E 81 -27.23 -26.91 -11.56
CA LYS E 81 -28.58 -27.45 -11.65
C LYS E 81 -28.90 -28.48 -10.59
N ILE E 82 -27.89 -29.04 -9.92
CA ILE E 82 -28.10 -29.96 -8.82
C ILE E 82 -28.01 -29.17 -7.51
N TRP E 83 -28.76 -29.63 -6.50
CA TRP E 83 -28.70 -29.01 -5.19
C TRP E 83 -27.34 -29.30 -4.56
N ILE E 84 -26.59 -28.25 -4.26
CA ILE E 84 -25.32 -28.36 -3.54
C ILE E 84 -25.48 -27.66 -2.21
N PRO E 85 -24.77 -28.05 -1.15
CA PRO E 85 -24.88 -27.33 0.12
C PRO E 85 -24.32 -25.92 -0.02
N ASP E 86 -24.83 -25.02 0.82
CA ASP E 86 -24.48 -23.61 0.79
C ASP E 86 -23.38 -23.29 1.80
N THR E 87 -22.44 -24.22 1.99
CA THR E 87 -21.39 -24.04 2.98
C THR E 87 -20.56 -22.80 2.67
N PHE E 88 -20.17 -22.09 3.73
CA PHE E 88 -19.34 -20.90 3.62
C PHE E 88 -18.42 -20.85 4.82
N PHE E 89 -17.29 -20.17 4.64
CA PHE E 89 -16.27 -20.07 5.67
C PHE E 89 -16.52 -18.82 6.50
N ARG E 90 -16.81 -19.01 7.79
CA ARG E 90 -17.30 -17.91 8.62
C ARG E 90 -16.26 -16.81 8.79
N ASN E 91 -15.01 -17.19 9.04
CA ASN E 91 -13.96 -16.22 9.34
C ASN E 91 -13.22 -15.73 8.10
N SER E 92 -13.65 -16.12 6.91
CA SER E 92 -13.00 -15.66 5.70
C SER E 92 -13.20 -14.17 5.50
N LYS E 93 -12.16 -13.51 5.00
CA LYS E 93 -12.23 -12.11 4.59
C LYS E 93 -12.26 -11.93 3.08
N LYS E 94 -11.56 -12.79 2.34
CA LYS E 94 -11.58 -12.74 0.88
C LYS E 94 -11.19 -14.13 0.38
N ALA E 95 -12.17 -14.88 -0.12
CA ALA E 95 -11.96 -16.21 -0.66
C ALA E 95 -12.23 -16.20 -2.15
N ASP E 96 -11.46 -16.99 -2.89
CA ASP E 96 -11.54 -17.04 -4.35
C ASP E 96 -11.53 -18.48 -4.81
N ALA E 97 -12.27 -18.75 -5.88
CA ALA E 97 -12.28 -20.04 -6.56
C ALA E 97 -11.68 -19.85 -7.94
N HIS E 98 -10.67 -20.66 -8.27
CA HIS E 98 -9.96 -20.50 -9.53
C HIS E 98 -10.84 -20.93 -10.71
N TRP E 99 -10.53 -20.39 -11.89
CA TRP E 99 -11.42 -20.49 -13.04
C TRP E 99 -10.78 -20.95 -14.34
N ILE E 100 -9.46 -20.85 -14.50
CA ILE E 100 -8.78 -21.25 -15.73
C ILE E 100 -7.99 -22.53 -15.47
N THR E 101 -7.75 -23.36 -16.50
CA THR E 101 -8.22 -23.20 -17.88
C THR E 101 -9.70 -23.55 -18.02
N THR E 102 -10.23 -24.28 -17.06
CA THR E 102 -11.65 -24.56 -16.91
C THR E 102 -12.03 -24.32 -15.46
N PRO E 103 -13.31 -24.19 -15.15
CA PRO E 103 -13.71 -24.03 -13.73
C PRO E 103 -13.24 -25.21 -12.89
N ASN E 104 -12.34 -24.92 -11.95
CA ASN E 104 -11.70 -25.96 -11.15
C ASN E 104 -12.68 -26.44 -10.08
N ARG E 105 -13.66 -27.23 -10.54
CA ARG E 105 -14.62 -27.87 -9.66
C ARG E 105 -15.04 -29.17 -10.31
N MET E 106 -15.53 -30.10 -9.48
CA MET E 106 -15.89 -31.43 -9.93
C MET E 106 -17.14 -31.88 -9.19
N LEU E 107 -18.00 -32.61 -9.90
CA LEU E 107 -19.22 -33.19 -9.32
C LEU E 107 -19.38 -34.59 -9.87
N ARG E 108 -19.46 -35.57 -8.97
CA ARG E 108 -19.59 -36.97 -9.33
C ARG E 108 -20.78 -37.57 -8.60
N ILE E 109 -21.58 -38.36 -9.33
CA ILE E 109 -22.77 -39.00 -8.78
C ILE E 109 -22.67 -40.50 -9.03
N TRP E 110 -22.89 -41.28 -7.98
CA TRP E 110 -22.89 -42.73 -8.06
C TRP E 110 -24.30 -43.25 -8.29
N ASN E 111 -24.39 -44.51 -8.73
CA ASN E 111 -25.70 -45.11 -9.00
C ASN E 111 -26.54 -45.21 -7.74
N ASP E 112 -25.92 -45.54 -6.60
CA ASP E 112 -26.67 -45.69 -5.37
C ASP E 112 -27.34 -44.39 -4.94
N GLY E 113 -26.69 -43.26 -5.20
CA GLY E 113 -27.24 -41.95 -4.86
C GLY E 113 -26.23 -40.98 -4.29
N ARG E 114 -25.03 -41.46 -3.97
CA ARG E 114 -24.02 -40.59 -3.37
C ARG E 114 -23.59 -39.52 -4.36
N VAL E 115 -23.37 -38.32 -3.84
CA VAL E 115 -22.91 -37.17 -4.62
C VAL E 115 -21.68 -36.61 -3.92
N LEU E 116 -20.61 -36.41 -4.69
CA LEU E 116 -19.36 -35.84 -4.21
C LEU E 116 -19.09 -34.56 -5.00
N TYR E 117 -18.90 -33.46 -4.29
CA TYR E 117 -18.64 -32.15 -4.88
C TYR E 117 -17.30 -31.67 -4.37
N THR E 118 -16.35 -31.47 -5.29
CA THR E 118 -14.97 -31.11 -4.95
C THR E 118 -14.63 -29.76 -5.55
N LEU E 119 -13.90 -28.94 -4.79
CA LEU E 119 -13.55 -27.57 -5.24
C LEU E 119 -12.16 -27.20 -4.72
N ARG E 120 -11.44 -26.32 -5.42
CA ARG E 120 -10.12 -25.83 -4.95
C ARG E 120 -10.28 -24.34 -4.57
N LEU E 121 -9.79 -23.92 -3.41
CA LEU E 121 -10.06 -22.53 -2.98
C LEU E 121 -8.83 -21.92 -2.33
N THR E 122 -8.66 -20.60 -2.43
CA THR E 122 -7.56 -19.92 -1.73
C THR E 122 -8.19 -18.94 -0.79
N ILE E 123 -8.34 -19.33 0.46
CA ILE E 123 -9.05 -18.47 1.44
C ILE E 123 -8.05 -17.51 2.08
N ASP E 124 -8.47 -16.32 2.51
CA ASP E 124 -7.62 -15.37 3.26
C ASP E 124 -8.33 -15.10 4.57
N ALA E 125 -8.16 -15.95 5.56
CA ALA E 125 -8.92 -15.90 6.80
C ALA E 125 -8.26 -14.97 7.80
N GLU E 126 -9.00 -14.65 8.86
CA GLU E 126 -8.53 -13.77 9.92
C GLU E 126 -8.00 -14.59 11.10
N CYS E 127 -6.86 -14.16 11.63
CA CYS E 127 -6.14 -14.85 12.70
C CYS E 127 -5.72 -13.82 13.76
N GLN E 128 -6.71 -13.10 14.30
CA GLN E 128 -6.50 -12.07 15.31
C GLN E 128 -5.49 -12.50 16.37
N LEU E 129 -4.40 -11.76 16.47
CA LEU E 129 -3.21 -12.18 17.20
C LEU E 129 -3.13 -11.51 18.56
N GLN E 130 -2.69 -12.26 19.56
CA GLN E 130 -2.35 -11.72 20.87
C GLN E 130 -0.83 -11.62 20.94
N LEU E 131 -0.32 -10.45 20.56
CA LEU E 131 1.12 -10.23 20.38
C LEU E 131 1.79 -9.67 21.62
N HIS E 132 1.31 -10.02 22.81
CA HIS E 132 1.89 -9.49 24.03
C HIS E 132 3.29 -10.03 24.30
N ASN E 133 3.68 -11.14 23.67
CA ASN E 133 4.95 -11.82 23.95
C ASN E 133 5.77 -11.97 22.67
N PHE E 134 5.58 -11.03 21.74
CA PHE E 134 6.37 -11.02 20.51
C PHE E 134 7.80 -10.63 20.85
N PRO E 135 8.84 -11.27 20.29
CA PRO E 135 8.89 -12.30 19.24
C PRO E 135 8.94 -13.74 19.75
N MET E 136 8.36 -13.98 20.93
CA MET E 136 8.32 -15.31 21.52
C MET E 136 6.88 -15.74 21.73
N ASP E 137 6.04 -15.55 20.72
CA ASP E 137 4.60 -15.77 20.81
C ASP E 137 4.19 -16.97 19.97
N GLU E 138 3.19 -17.69 20.47
CA GLU E 138 2.55 -18.79 19.77
C GLU E 138 1.11 -18.43 19.48
N HIS E 139 0.58 -18.95 18.38
CA HIS E 139 -0.77 -18.62 17.93
C HIS E 139 -1.48 -19.88 17.45
N SER E 140 -2.81 -19.81 17.43
CA SER E 140 -3.66 -20.91 16.96
C SER E 140 -4.67 -20.30 15.98
N CYS E 141 -4.31 -20.28 14.71
CA CYS E 141 -5.18 -19.67 13.71
C CYS E 141 -6.34 -20.60 13.38
N PRO E 142 -7.60 -20.16 13.50
CA PRO E 142 -8.73 -21.03 13.14
C PRO E 142 -9.16 -20.86 11.69
N LEU E 143 -9.89 -21.87 11.22
CA LEU E 143 -10.58 -21.82 9.93
C LEU E 143 -11.92 -22.52 10.13
N GLU E 144 -13.00 -21.74 10.08
CA GLU E 144 -14.34 -22.22 10.44
C GLU E 144 -15.23 -22.20 9.20
N PHE E 145 -16.20 -23.11 9.17
CA PHE E 145 -17.19 -23.11 8.10
C PHE E 145 -18.49 -23.73 8.58
N SER E 146 -19.57 -23.38 7.88
CA SER E 146 -20.90 -23.85 8.24
C SER E 146 -21.85 -23.53 7.09
N SER E 147 -23.04 -24.12 7.14
CA SER E 147 -24.09 -23.75 6.21
C SER E 147 -24.56 -22.34 6.51
N TYR E 148 -24.78 -21.55 5.46
CA TYR E 148 -25.13 -20.16 5.66
C TYR E 148 -26.58 -19.99 6.12
N GLY E 149 -27.51 -20.77 5.56
CA GLY E 149 -28.92 -20.61 5.81
C GLY E 149 -29.59 -21.77 6.52
N TYR E 150 -29.01 -22.96 6.41
CA TYR E 150 -29.63 -24.16 6.95
C TYR E 150 -29.21 -24.36 8.39
N PRO E 151 -30.12 -24.28 9.38
CA PRO E 151 -29.70 -24.52 10.78
C PRO E 151 -29.36 -25.98 11.05
N ARG E 152 -29.05 -26.28 12.32
CA ARG E 152 -28.66 -27.63 12.69
CA ARG E 152 -28.64 -27.64 12.66
C ARG E 152 -29.76 -28.65 12.44
N GLU E 153 -31.01 -28.23 12.48
CA GLU E 153 -32.13 -29.15 12.25
C GLU E 153 -32.41 -29.39 10.78
N GLU E 154 -31.58 -28.86 9.87
CA GLU E 154 -31.72 -29.05 8.43
C GLU E 154 -30.48 -29.65 7.78
N ILE E 155 -29.29 -29.22 8.21
CA ILE E 155 -28.04 -29.76 7.70
C ILE E 155 -27.10 -29.97 8.89
N VAL E 156 -26.40 -31.11 8.87
CA VAL E 156 -25.47 -31.48 9.93
C VAL E 156 -24.18 -31.94 9.27
N TYR E 157 -23.13 -31.15 9.38
CA TYR E 157 -21.83 -31.54 8.86
C TYR E 157 -21.19 -32.57 9.79
N GLN E 158 -20.15 -33.23 9.28
CA GLN E 158 -19.49 -34.28 10.05
C GLN E 158 -18.09 -34.48 9.48
N TRP E 159 -17.12 -34.67 10.38
CA TRP E 159 -15.76 -34.95 9.97
C TRP E 159 -15.60 -36.42 9.62
N LYS E 160 -14.92 -36.70 8.51
CA LYS E 160 -14.52 -38.07 8.22
C LYS E 160 -13.34 -38.45 9.11
N ARG E 161 -13.10 -39.76 9.21
CA ARG E 161 -12.00 -40.25 10.03
C ARG E 161 -10.67 -39.78 9.47
N SER E 162 -9.94 -38.99 10.25
CA SER E 162 -8.70 -38.36 9.80
C SER E 162 -8.97 -37.54 8.52
N SER E 163 -9.98 -36.68 8.60
CA SER E 163 -10.46 -35.97 7.42
C SER E 163 -9.40 -35.00 6.90
N VAL E 164 -8.86 -34.15 7.76
CA VAL E 164 -7.89 -33.16 7.33
C VAL E 164 -6.60 -33.85 6.94
N GLU E 165 -6.13 -33.57 5.72
CA GLU E 165 -4.94 -34.19 5.14
C GLU E 165 -3.92 -33.12 4.83
N VAL E 166 -2.87 -33.05 5.64
CA VAL E 166 -1.75 -32.16 5.36
C VAL E 166 -0.80 -32.83 4.39
N GLY E 167 -0.40 -32.10 3.35
CA GLY E 167 0.58 -32.62 2.42
C GLY E 167 1.97 -32.58 3.03
N ASP E 168 3.00 -32.48 2.18
CA ASP E 168 4.35 -32.32 2.69
C ASP E 168 4.47 -30.99 3.43
N THR E 169 4.64 -31.05 4.75
CA THR E 169 4.75 -29.82 5.54
C THR E 169 5.97 -29.00 5.15
N ARG E 170 6.99 -29.64 4.55
CA ARG E 170 8.12 -28.88 4.03
C ARG E 170 7.77 -28.12 2.77
N SER E 171 6.66 -28.47 2.11
CA SER E 171 6.19 -27.78 0.90
C SER E 171 5.21 -26.67 1.22
N TRP E 172 5.37 -25.97 2.35
CA TRP E 172 4.42 -24.89 2.74
C TRP E 172 5.16 -23.56 2.82
N ARG E 173 4.49 -22.46 2.50
CA ARG E 173 5.18 -21.15 2.45
C ARG E 173 5.11 -20.45 3.81
N LEU E 174 5.55 -21.11 4.87
CA LEU E 174 5.40 -20.51 6.21
C LEU E 174 6.75 -19.97 6.66
N TYR E 175 7.05 -18.74 6.31
CA TYR E 175 8.24 -18.03 6.79
C TYR E 175 7.83 -17.11 7.93
N GLN E 176 8.77 -16.88 8.84
CA GLN E 176 8.52 -16.13 10.08
C GLN E 176 7.60 -16.90 11.03
N PHE E 177 7.38 -18.19 10.77
CA PHE E 177 6.47 -19.00 11.57
C PHE E 177 6.77 -20.45 11.28
N SER E 178 6.65 -21.29 12.31
CA SER E 178 6.89 -22.73 12.21
C SER E 178 5.61 -23.47 12.56
N PHE E 179 5.23 -24.42 11.71
CA PHE E 179 4.04 -25.21 11.96
C PHE E 179 4.28 -26.21 13.08
N VAL E 180 3.38 -26.24 14.06
CA VAL E 180 3.50 -27.12 15.21
C VAL E 180 2.49 -28.27 15.15
N GLY E 181 1.34 -28.06 14.53
CA GLY E 181 0.32 -29.10 14.47
C GLY E 181 -1.02 -28.46 14.17
N LEU E 182 -2.07 -29.28 14.29
CA LEU E 182 -3.42 -28.81 14.05
C LEU E 182 -4.39 -29.63 14.89
N ARG E 183 -5.67 -29.25 14.81
CA ARG E 183 -6.70 -29.99 15.52
CA ARG E 183 -6.70 -29.99 15.52
C ARG E 183 -8.06 -29.60 14.97
N ASN E 184 -8.99 -30.56 14.95
CA ASN E 184 -10.34 -30.34 14.49
C ASN E 184 -11.28 -30.19 15.68
N THR E 185 -12.36 -29.42 15.48
CA THR E 185 -13.40 -29.29 16.50
C THR E 185 -14.74 -29.20 15.79
N THR E 186 -15.80 -29.03 16.58
CA THR E 186 -17.16 -28.85 16.08
C THR E 186 -17.98 -28.25 17.20
N GLU E 187 -18.96 -27.41 16.82
CA GLU E 187 -19.72 -26.67 17.81
C GLU E 187 -21.08 -26.33 17.21
N VAL E 188 -22.01 -25.93 18.08
CA VAL E 188 -23.34 -25.47 17.68
C VAL E 188 -23.46 -24.03 18.14
N VAL E 189 -23.41 -23.09 17.21
CA VAL E 189 -23.47 -21.67 17.50
C VAL E 189 -24.92 -21.21 17.46
N LYS E 190 -25.30 -20.39 18.44
CA LYS E 190 -26.65 -19.84 18.54
C LYS E 190 -26.63 -18.45 17.91
N THR E 191 -27.18 -18.35 16.70
CA THR E 191 -27.32 -17.08 16.01
C THR E 191 -28.78 -16.63 16.03
N THR E 192 -29.02 -15.43 15.50
CA THR E 192 -30.37 -14.89 15.47
C THR E 192 -31.28 -15.74 14.58
N SER E 193 -30.77 -16.18 13.44
CA SER E 193 -31.58 -17.01 12.54
C SER E 193 -31.90 -18.36 13.19
N GLY E 194 -30.92 -18.95 13.85
CA GLY E 194 -31.13 -20.25 14.46
C GLY E 194 -29.81 -20.84 14.92
N ASP E 195 -29.85 -22.13 15.21
CA ASP E 195 -28.67 -22.86 15.65
C ASP E 195 -27.95 -23.47 14.45
N TYR E 196 -26.65 -23.23 14.35
CA TYR E 196 -25.86 -23.62 13.19
C TYR E 196 -24.67 -24.47 13.61
N VAL E 197 -24.44 -25.54 12.86
CA VAL E 197 -23.31 -26.44 13.13
C VAL E 197 -22.07 -25.84 12.49
N VAL E 198 -21.10 -25.46 13.31
CA VAL E 198 -19.86 -24.83 12.86
C VAL E 198 -18.73 -25.83 13.04
N MET E 199 -17.94 -26.02 11.98
CA MET E 199 -16.81 -26.95 11.99
C MET E 199 -15.54 -26.14 11.80
N SER E 200 -14.59 -26.31 12.71
CA SER E 200 -13.39 -25.50 12.79
C SER E 200 -12.15 -26.37 12.76
N VAL E 201 -11.11 -25.87 12.10
CA VAL E 201 -9.79 -26.49 12.08
C VAL E 201 -8.79 -25.44 12.55
N TYR E 202 -8.06 -25.75 13.62
CA TYR E 202 -7.06 -24.85 14.18
C TYR E 202 -5.67 -25.31 13.74
N PHE E 203 -4.84 -24.35 13.34
CA PHE E 203 -3.43 -24.59 13.02
C PHE E 203 -2.57 -23.86 14.05
N ASP E 204 -1.67 -24.57 14.69
CA ASP E 204 -0.77 -23.99 15.69
C ASP E 204 0.50 -23.52 15.01
N LEU E 205 0.91 -22.28 15.28
CA LEU E 205 2.06 -21.65 14.65
C LEU E 205 2.93 -21.01 15.73
N SER E 206 4.22 -21.28 15.66
CA SER E 206 5.20 -20.73 16.60
C SER E 206 6.16 -19.82 15.84
N ARG E 207 6.31 -18.59 16.31
CA ARG E 207 7.20 -17.63 15.66
C ARG E 207 8.65 -18.04 15.86
N ARG E 208 9.48 -17.75 14.84
CA ARG E 208 10.91 -18.02 14.90
C ARG E 208 11.64 -16.73 15.26
N MET E 209 12.35 -16.76 16.39
CA MET E 209 13.07 -15.59 16.89
C MET E 209 14.53 -15.63 16.44
N GLY E 210 14.72 -15.65 15.13
CA GLY E 210 16.04 -15.62 14.53
C GLY E 210 16.37 -14.27 13.93
N TYR E 211 15.39 -13.68 13.25
CA TYR E 211 15.60 -12.38 12.62
C TYR E 211 15.80 -11.29 13.66
N PHE E 212 14.98 -11.31 14.71
CA PHE E 212 15.00 -10.25 15.71
C PHE E 212 16.14 -10.40 16.71
N THR E 213 16.71 -11.59 16.83
CA THR E 213 17.92 -11.76 17.65
C THR E 213 19.10 -11.01 17.05
N ILE E 214 19.23 -11.03 15.72
CA ILE E 214 20.32 -10.32 15.05
C ILE E 214 19.96 -8.87 14.70
N GLN E 215 18.68 -8.55 14.62
CA GLN E 215 18.27 -7.20 14.23
C GLN E 215 18.17 -6.24 15.42
N THR E 216 17.59 -6.69 16.54
CA THR E 216 17.28 -5.81 17.66
C THR E 216 18.00 -6.21 18.94
N TYR E 217 17.95 -7.48 19.33
CA TYR E 217 18.45 -7.85 20.65
C TYR E 217 19.96 -7.71 20.76
N ILE E 218 20.70 -8.09 19.72
CA ILE E 218 22.16 -8.08 19.79
C ILE E 218 22.68 -6.66 19.60
N PRO E 219 22.24 -5.89 18.60
CA PRO E 219 22.70 -4.49 18.52
C PRO E 219 22.36 -3.66 19.74
N CYS E 220 21.17 -3.83 20.32
CA CYS E 220 20.81 -3.07 21.51
C CYS E 220 21.71 -3.42 22.68
N THR E 221 21.98 -4.71 22.87
CA THR E 221 22.88 -5.13 23.95
C THR E 221 24.28 -4.59 23.73
N LEU E 222 24.77 -4.62 22.50
CA LEU E 222 26.11 -4.12 22.22
C LEU E 222 26.19 -2.62 22.43
N ILE E 223 25.11 -1.89 22.09
CA ILE E 223 25.11 -0.45 22.32
C ILE E 223 25.09 -0.15 23.82
N VAL E 224 24.32 -0.91 24.60
CA VAL E 224 24.31 -0.71 26.04
C VAL E 224 25.68 -1.03 26.63
N VAL E 225 26.36 -2.03 26.06
CA VAL E 225 27.72 -2.33 26.52
C VAL E 225 28.66 -1.17 26.18
N LEU E 226 28.50 -0.59 24.99
CA LEU E 226 29.32 0.55 24.60
C LEU E 226 29.07 1.75 25.52
N SER E 227 27.85 1.88 26.03
CA SER E 227 27.56 2.95 26.98
C SER E 227 28.45 2.86 28.21
N TRP E 228 28.82 1.64 28.61
CA TRP E 228 29.66 1.45 29.79
C TRP E 228 31.12 1.77 29.53
N VAL E 229 31.53 1.98 28.28
CA VAL E 229 32.90 2.34 27.99
C VAL E 229 33.24 3.69 28.62
N SER E 230 32.26 4.58 28.73
CA SER E 230 32.51 5.91 29.25
C SER E 230 33.03 5.87 30.69
N PHE E 231 32.62 4.88 31.47
CA PHE E 231 33.04 4.81 32.87
C PHE E 231 34.53 4.53 33.00
N TRP E 232 35.17 3.96 31.98
CA TRP E 232 36.60 3.66 32.01
C TRP E 232 37.46 4.74 31.38
N ILE E 233 36.87 5.67 30.62
CA ILE E 233 37.62 6.81 30.11
C ILE E 233 37.92 7.76 31.27
N ASN E 234 39.03 8.48 31.15
CA ASN E 234 39.39 9.45 32.18
C ASN E 234 38.33 10.53 32.28
N LYS E 235 38.06 10.98 33.51
CA LYS E 235 37.01 11.97 33.72
C LYS E 235 37.35 13.32 33.10
N ASP E 236 38.64 13.63 32.94
CA ASP E 236 39.03 14.91 32.36
C ASP E 236 38.71 14.99 30.87
N ALA E 237 38.47 13.87 30.20
CA ALA E 237 38.12 13.87 28.78
C ALA E 237 36.62 14.16 28.63
N VAL E 238 36.26 15.40 28.91
CA VAL E 238 34.85 15.80 28.89
C VAL E 238 34.25 15.69 27.50
N PRO E 239 34.86 16.26 26.44
CA PRO E 239 34.23 16.12 25.11
C PRO E 239 34.09 14.68 24.66
N ALA E 240 35.07 13.84 24.96
CA ALA E 240 35.03 12.45 24.52
C ALA E 240 33.87 11.71 25.19
N ARG E 241 33.76 11.80 26.51
CA ARG E 241 32.70 11.10 27.22
C ARG E 241 31.33 11.66 26.86
N THR E 242 31.22 12.99 26.73
CA THR E 242 29.94 13.58 26.37
C THR E 242 29.49 13.13 24.98
N SER E 243 30.41 13.16 24.02
CA SER E 243 30.08 12.71 22.67
C SER E 243 29.70 11.24 22.67
N LEU E 244 30.45 10.41 23.42
CA LEU E 244 30.13 8.99 23.48
C LEU E 244 28.73 8.76 24.02
N GLY E 245 28.39 9.41 25.14
CA GLY E 245 27.07 9.20 25.73
C GLY E 245 25.95 9.67 24.83
N ILE E 246 26.08 10.88 24.26
CA ILE E 246 24.97 11.42 23.49
C ILE E 246 24.82 10.68 22.17
N THR E 247 25.93 10.31 21.53
CA THR E 247 25.82 9.54 20.30
C THR E 247 25.31 8.14 20.57
N THR E 248 25.59 7.58 21.75
CA THR E 248 24.99 6.31 22.13
C THR E 248 23.47 6.45 22.26
N VAL E 249 23.01 7.54 22.86
CA VAL E 249 21.57 7.79 22.95
C VAL E 249 20.97 7.91 21.55
N LEU E 250 21.67 8.61 20.66
CA LEU E 250 21.18 8.76 19.28
C LEU E 250 21.12 7.41 18.58
N THR E 251 22.13 6.56 18.77
CA THR E 251 22.12 5.25 18.14
C THR E 251 20.99 4.38 18.69
N MET E 252 20.73 4.46 20.00
CA MET E 252 19.60 3.74 20.56
C MET E 252 18.29 4.23 19.97
N THR E 253 18.17 5.54 19.79
CA THR E 253 16.97 6.09 19.17
C THR E 253 16.81 5.58 17.74
N THR E 254 17.91 5.52 16.98
CA THR E 254 17.84 4.99 15.63
C THR E 254 17.43 3.52 15.62
N LEU E 255 17.98 2.72 16.53
CA LEU E 255 17.63 1.31 16.58
C LEU E 255 16.18 1.11 16.97
N SER E 256 15.66 1.94 17.88
CA SER E 256 14.29 1.78 18.35
C SER E 256 13.26 1.96 17.24
N THR E 257 13.60 2.67 16.17
CA THR E 257 12.63 2.90 15.10
C THR E 257 12.26 1.61 14.40
N ILE E 258 13.24 0.74 14.12
CA ILE E 258 12.97 -0.51 13.40
C ILE E 258 12.34 -1.58 14.28
N ALA E 259 12.09 -1.30 15.55
CA ALA E 259 11.48 -2.29 16.42
C ALA E 259 10.07 -2.62 15.97
N ARG E 260 9.24 -1.60 15.79
CA ARG E 260 7.81 -1.78 15.51
C ARG E 260 7.55 -1.65 14.01
N LYS E 261 8.00 -2.67 13.28
CA LYS E 261 7.78 -2.80 11.84
C LYS E 261 6.75 -3.85 11.48
N SER E 262 6.85 -5.05 12.02
CA SER E 262 5.97 -6.16 11.65
C SER E 262 4.62 -6.12 12.37
N LEU E 263 4.55 -5.45 13.52
CA LEU E 263 3.36 -5.54 14.34
C LEU E 263 2.30 -4.54 13.86
N PRO E 264 1.01 -4.78 14.20
CA PRO E 264 -0.06 -3.86 13.76
C PRO E 264 -0.30 -2.71 14.74
N LYS E 265 0.78 -2.00 15.08
CA LYS E 265 0.80 -0.81 15.94
C LYS E 265 -0.13 -0.96 17.15
N VAL E 266 0.06 -2.06 17.87
CA VAL E 266 -0.75 -2.36 19.04
C VAL E 266 -0.42 -1.38 20.15
N SER E 267 -1.44 -0.89 20.85
CA SER E 267 -1.23 0.08 21.92
C SER E 267 -0.39 -0.48 23.05
N TYR E 268 -0.66 -1.72 23.46
CA TYR E 268 0.08 -2.32 24.56
C TYR E 268 1.54 -2.54 24.17
N VAL E 269 2.38 -2.76 25.18
CA VAL E 269 3.81 -2.90 25.01
C VAL E 269 4.14 -4.39 24.88
N THR E 270 4.92 -4.73 23.85
CA THR E 270 5.39 -6.08 23.65
C THR E 270 6.74 -6.28 24.34
N ALA E 271 7.28 -7.49 24.22
CA ALA E 271 8.53 -7.81 24.90
C ALA E 271 9.69 -6.99 24.33
N MET E 272 9.84 -6.99 23.01
CA MET E 272 10.98 -6.33 22.40
C MET E 272 10.93 -4.82 22.61
N ASP E 273 9.73 -4.24 22.60
CA ASP E 273 9.58 -2.83 22.94
C ASP E 273 10.05 -2.55 24.36
N LEU E 274 9.71 -3.41 25.31
CA LEU E 274 10.18 -3.26 26.68
C LEU E 274 11.70 -3.37 26.77
N PHE E 275 12.29 -4.31 26.04
CA PHE E 275 13.74 -4.45 26.04
C PHE E 275 14.42 -3.20 25.50
N VAL E 276 13.91 -2.65 24.39
CA VAL E 276 14.49 -1.44 23.83
C VAL E 276 14.32 -0.27 24.78
N SER E 277 13.16 -0.16 25.43
CA SER E 277 12.93 0.93 26.38
C SER E 277 13.90 0.84 27.56
N VAL E 278 14.12 -0.37 28.09
CA VAL E 278 15.03 -0.52 29.21
C VAL E 278 16.46 -0.20 28.78
N CYS E 279 16.86 -0.60 27.58
CA CYS E 279 18.19 -0.22 27.08
C CYS E 279 18.33 1.28 26.96
N PHE E 280 17.28 1.96 26.49
CA PHE E 280 17.30 3.41 26.40
C PHE E 280 17.47 4.02 27.78
N ILE E 281 16.79 3.47 28.78
CA ILE E 281 16.92 3.96 30.14
C ILE E 281 18.35 3.76 30.66
N PHE E 282 18.98 2.62 30.34
CA PHE E 282 20.36 2.41 30.77
C PHE E 282 21.31 3.44 30.16
N VAL E 283 21.19 3.70 28.86
CA VAL E 283 22.13 4.66 28.25
C VAL E 283 21.87 6.07 28.78
N PHE E 284 20.60 6.43 28.96
CA PHE E 284 20.26 7.73 29.54
C PHE E 284 20.83 7.86 30.95
N SER E 285 20.72 6.78 31.74
CA SER E 285 21.24 6.78 33.10
C SER E 285 22.75 6.95 33.10
N ALA E 286 23.44 6.29 32.17
CA ALA E 286 24.89 6.43 32.10
C ALA E 286 25.29 7.87 31.79
N LEU E 287 24.61 8.49 30.83
CA LEU E 287 24.93 9.88 30.50
C LEU E 287 24.67 10.81 31.68
N VAL E 288 23.54 10.62 32.37
CA VAL E 288 23.23 11.46 33.53
C VAL E 288 24.25 11.20 34.64
N GLU E 289 24.71 9.96 34.78
CA GLU E 289 25.71 9.63 35.78
C GLU E 289 26.99 10.40 35.52
N TYR E 290 27.45 10.42 34.26
CA TYR E 290 28.65 11.18 33.98
C TYR E 290 28.44 12.68 34.20
N GLY E 291 27.26 13.19 33.84
CA GLY E 291 26.99 14.59 34.07
C GLY E 291 27.07 14.96 35.54
N THR E 292 26.47 14.13 36.39
CA THR E 292 26.53 14.38 37.84
C THR E 292 27.96 14.30 38.35
N LEU E 293 28.73 13.30 37.89
CA LEU E 293 30.11 13.17 38.32
C LEU E 293 30.92 14.40 37.94
N HIS E 294 30.78 14.85 36.69
CA HIS E 294 31.52 16.02 36.24
C HIS E 294 31.16 17.26 37.03
N TYR E 295 29.85 17.47 37.26
CA TYR E 295 29.43 18.64 38.02
C TYR E 295 29.99 18.61 39.43
N PHE E 296 29.93 17.47 40.10
CA PHE E 296 30.34 17.41 41.50
C PHE E 296 31.84 17.31 41.69
N VAL E 297 32.60 16.99 40.64
CA VAL E 297 34.05 16.85 40.76
C VAL E 297 34.75 18.12 40.28
N SER E 298 34.17 18.81 39.29
CA SER E 298 34.82 19.96 38.67
C SER E 298 34.31 21.30 39.19
N ASN E 299 33.00 21.50 39.22
CA ASN E 299 32.40 22.79 39.55
C ASN E 299 32.31 23.05 41.04
N ARG E 300 32.81 22.15 41.89
CA ARG E 300 32.75 22.33 43.34
C ARG E 300 34.12 22.02 43.93
N LYS E 301 34.46 22.75 44.99
CA LYS E 301 35.76 22.61 45.64
C LYS E 301 35.70 21.56 46.75
N CYS E 345 18.77 1.82 72.11
CA CYS E 345 18.19 1.98 73.46
C CYS E 345 17.68 0.61 73.95
N LEU E 346 17.58 -0.37 73.05
CA LEU E 346 17.05 -1.71 73.43
C LEU E 346 17.88 -2.78 72.72
N ASP E 347 19.07 -3.08 73.24
CA ASP E 347 19.97 -4.10 72.62
C ASP E 347 20.51 -3.53 71.31
N GLY E 348 20.02 -2.36 70.89
CA GLY E 348 20.56 -1.71 69.70
C GLY E 348 21.22 -0.39 70.07
N LYS E 349 20.70 0.72 69.55
CA LYS E 349 21.25 2.07 69.83
C LYS E 349 20.20 3.09 69.38
N ASP E 350 20.50 4.39 69.51
CA ASP E 350 19.50 5.43 69.14
C ASP E 350 18.78 4.99 67.86
N CYS E 351 17.46 4.84 67.93
CA CYS E 351 16.67 4.43 66.75
C CYS E 351 17.11 5.21 65.52
N ALA E 352 17.39 6.50 65.68
CA ALA E 352 17.73 7.23 64.45
C ALA E 352 19.09 6.82 63.93
N SER E 353 20.07 6.65 64.81
CA SER E 353 21.44 6.36 64.40
C SER E 353 21.71 4.86 64.23
N PHE E 354 21.05 4.00 65.00
CA PHE E 354 21.20 2.57 64.81
C PHE E 354 20.68 2.13 63.44
N PHE E 355 19.67 2.82 62.93
CA PHE E 355 19.12 2.52 61.62
C PHE E 355 19.84 3.34 60.55
N PHE E 358 23.82 8.14 59.11
CA PHE E 358 24.10 9.53 58.76
C PHE E 358 25.49 9.97 59.23
N GLU E 359 26.01 9.31 60.25
CA GLU E 359 27.38 9.58 60.70
C GLU E 359 28.37 9.18 59.61
N ASP E 360 29.38 10.02 59.42
CA ASP E 360 30.41 9.83 58.39
C ASP E 360 29.76 9.74 56.99
N HIS E 372 28.16 13.58 51.96
CA HIS E 372 29.32 12.79 51.59
C HIS E 372 30.01 13.38 50.36
N ILE E 373 31.32 13.62 50.49
CA ILE E 373 32.12 14.20 49.41
C ILE E 373 32.89 13.10 48.69
N ARG E 374 32.39 11.86 48.77
CA ARG E 374 33.01 10.72 48.10
C ARG E 374 32.48 10.52 46.68
N ILE E 375 31.99 11.58 46.05
CA ILE E 375 31.44 11.47 44.71
C ILE E 375 32.51 11.09 43.70
N ALA E 376 33.77 11.44 43.97
CA ALA E 376 34.85 11.21 43.02
C ALA E 376 35.04 9.74 42.68
N LYS E 377 34.58 8.82 43.53
CA LYS E 377 34.70 7.39 43.30
C LYS E 377 33.52 6.81 42.52
N MET E 378 32.61 7.66 42.03
CA MET E 378 31.36 7.15 41.46
C MET E 378 31.62 6.23 40.27
N ASP E 379 32.58 6.59 39.42
CA ASP E 379 32.92 5.73 38.29
C ASP E 379 33.31 4.33 38.77
N SER E 380 34.13 4.26 39.82
CA SER E 380 34.52 2.96 40.36
C SER E 380 33.30 2.16 40.80
N TYR E 381 32.26 2.82 41.30
CA TYR E 381 31.02 2.12 41.58
C TYR E 381 30.34 1.69 40.29
N ALA E 382 30.22 2.63 39.34
CA ALA E 382 29.39 2.39 38.16
C ALA E 382 29.92 1.23 37.35
N ARG E 383 31.25 1.08 37.29
CA ARG E 383 31.87 0.01 36.52
C ARG E 383 31.37 -1.36 36.94
N ILE E 384 30.93 -1.50 38.19
CA ILE E 384 30.34 -2.75 38.67
C ILE E 384 28.82 -2.59 38.74
N PHE E 385 28.35 -1.38 39.04
CA PHE E 385 26.92 -1.22 39.33
C PHE E 385 26.08 -1.22 38.07
N PHE E 386 26.58 -0.65 36.98
CA PHE E 386 25.81 -0.55 35.75
C PHE E 386 25.78 -1.88 34.99
N PRO E 387 26.92 -2.57 34.82
CA PRO E 387 26.84 -3.88 34.16
C PRO E 387 25.99 -4.88 34.92
N THR E 388 26.30 -5.10 36.21
CA THR E 388 25.67 -6.14 37.00
C THR E 388 24.15 -6.04 36.94
N ALA E 389 23.63 -4.85 37.24
CA ALA E 389 22.18 -4.62 37.21
C ALA E 389 21.57 -5.08 35.90
N PHE E 390 22.18 -4.67 34.78
CA PHE E 390 21.68 -5.05 33.47
C PHE E 390 21.56 -6.56 33.36
N CYS E 391 22.62 -7.28 33.75
CA CYS E 391 22.60 -8.74 33.69
C CYS E 391 21.42 -9.30 34.46
N LEU E 392 21.21 -8.80 35.69
CA LEU E 392 20.07 -9.27 36.48
C LEU E 392 18.78 -9.07 35.72
N PHE E 393 18.54 -7.85 35.24
CA PHE E 393 17.34 -7.56 34.47
C PHE E 393 17.25 -8.52 33.30
N ASN E 394 18.37 -8.65 32.58
CA ASN E 394 18.42 -9.48 31.38
C ASN E 394 18.00 -10.90 31.73
N LEU E 395 18.58 -11.43 32.81
CA LEU E 395 18.30 -12.80 33.23
C LEU E 395 16.81 -12.94 33.45
N VAL E 396 16.26 -12.05 34.27
CA VAL E 396 14.85 -12.14 34.65
C VAL E 396 13.99 -12.10 33.41
N TYR E 397 14.33 -11.15 32.51
CA TYR E 397 13.55 -10.94 31.30
C TYR E 397 13.42 -12.24 30.53
N TRP E 398 14.56 -12.89 30.27
CA TRP E 398 14.52 -14.08 29.42
C TRP E 398 13.73 -15.17 30.10
N VAL E 399 13.95 -15.34 31.42
CA VAL E 399 13.22 -16.36 32.15
C VAL E 399 11.73 -16.08 32.05
N SER E 400 11.37 -14.80 32.27
CA SER E 400 9.97 -14.41 32.33
C SER E 400 9.24 -14.63 31.02
N TYR E 401 9.96 -14.89 29.92
CA TYR E 401 9.36 -15.13 28.63
C TYR E 401 9.67 -16.49 28.04
N LEU E 402 10.68 -17.20 28.56
CA LEU E 402 11.12 -18.41 27.88
C LEU E 402 10.54 -19.69 28.47
N TYR E 403 10.76 -19.94 29.76
CA TYR E 403 10.37 -21.21 30.37
C TYR E 403 8.96 -21.14 30.96
N LEU E 404 8.59 -19.97 31.47
CA LEU E 404 7.36 -19.78 32.24
C LEU E 404 6.36 -18.82 31.59
N GLY E 405 6.62 -18.38 30.36
CA GLY E 405 5.73 -17.44 29.69
C GLY E 405 4.46 -18.11 29.19
N ASP F 1 -10.80 -30.55 39.07
CA ASP F 1 -10.96 -31.93 39.52
C ASP F 1 -10.82 -32.01 41.03
N SER F 2 -9.61 -31.70 41.52
CA SER F 2 -9.39 -31.67 42.97
C SER F 2 -10.26 -30.61 43.62
N ARG F 3 -10.27 -29.40 43.05
CA ARG F 3 -11.11 -28.27 43.44
C ARG F 3 -10.74 -27.68 44.81
N ASP F 4 -9.72 -28.20 45.49
CA ASP F 4 -9.24 -27.64 46.75
C ASP F 4 -7.73 -27.44 46.73
N TYR F 5 -7.02 -28.31 46.01
CA TYR F 5 -5.56 -28.23 45.88
C TYR F 5 -4.89 -28.27 47.25
N SER F 6 -5.41 -29.12 48.14
CA SER F 6 -4.94 -29.16 49.52
C SER F 6 -3.47 -29.57 49.60
N THR F 7 -3.06 -30.56 48.80
CA THR F 7 -1.69 -31.05 48.88
C THR F 7 -0.68 -29.98 48.46
N GLU F 8 -1.02 -29.18 47.45
CA GLU F 8 -0.13 -28.10 47.03
C GLU F 8 0.04 -27.08 48.15
N LEU F 9 -1.06 -26.71 48.80
CA LEU F 9 -0.98 -25.79 49.93
C LEU F 9 -0.15 -26.38 51.06
N SER F 10 -0.33 -27.67 51.33
CA SER F 10 0.43 -28.29 52.42
C SER F 10 1.92 -28.28 52.13
N VAL F 11 2.32 -28.67 50.91
CA VAL F 11 3.75 -28.77 50.61
C VAL F 11 4.39 -27.38 50.55
N THR F 12 3.69 -26.40 49.97
CA THR F 12 4.29 -25.06 49.93
C THR F 12 4.34 -24.45 51.33
N VAL F 13 3.36 -24.74 52.19
CA VAL F 13 3.42 -24.29 53.57
C VAL F 13 4.63 -24.91 54.27
N ALA F 14 4.87 -26.20 54.04
CA ALA F 14 6.01 -26.87 54.66
C ALA F 14 7.32 -26.24 54.20
N VAL F 15 7.45 -26.00 52.90
CA VAL F 15 8.69 -25.42 52.38
C VAL F 15 8.90 -24.00 52.92
N GLY F 16 7.84 -23.20 52.93
CA GLY F 16 7.97 -21.85 53.48
C GLY F 16 8.32 -21.86 54.95
N ALA F 17 7.70 -22.75 55.72
CA ALA F 17 8.00 -22.87 57.14
C ALA F 17 9.46 -23.27 57.34
N SER F 18 9.95 -24.18 56.50
CA SER F 18 11.36 -24.58 56.58
C SER F 18 12.29 -23.39 56.33
N LEU F 19 11.97 -22.60 55.30
CA LEU F 19 12.84 -21.48 54.96
C LEU F 19 12.82 -20.40 56.03
N LEU F 20 11.63 -20.09 56.56
CA LEU F 20 11.54 -19.17 57.70
C LEU F 20 12.28 -19.70 58.91
N PHE F 21 12.21 -21.01 59.17
CA PHE F 21 12.92 -21.55 60.31
C PHE F 21 14.42 -21.45 60.12
N LEU F 22 14.90 -21.61 58.88
CA LEU F 22 16.31 -21.36 58.61
C LEU F 22 16.69 -19.92 58.91
N ASN F 23 15.88 -18.98 58.45
CA ASN F 23 16.18 -17.56 58.69
C ASN F 23 16.15 -17.23 60.18
N ILE F 24 15.17 -17.77 60.91
CA ILE F 24 15.06 -17.50 62.35
C ILE F 24 16.22 -18.13 63.10
N LEU F 25 16.65 -19.32 62.68
CA LEU F 25 17.81 -19.94 63.31
C LEU F 25 19.05 -19.09 63.09
N ALA F 26 19.23 -18.57 61.87
CA ALA F 26 20.36 -17.70 61.60
C ALA F 26 20.30 -16.45 62.46
N PHE F 27 19.12 -15.84 62.58
CA PHE F 27 18.98 -14.63 63.38
C PHE F 27 19.26 -14.91 64.85
N ALA F 28 18.77 -16.02 65.38
CA ALA F 28 19.02 -16.36 66.77
C ALA F 28 20.51 -16.61 67.02
N ALA F 29 21.16 -17.33 66.10
CA ALA F 29 22.58 -17.60 66.24
C ALA F 29 23.38 -16.30 66.23
N LEU F 30 23.00 -15.37 65.36
CA LEU F 30 23.67 -14.07 65.34
C LEU F 30 23.41 -13.30 66.62
N TYR F 31 22.18 -13.34 67.15
CA TYR F 31 21.86 -12.59 68.35
C TYR F 31 22.62 -13.12 69.55
N TYR F 32 22.83 -14.44 69.61
CA TYR F 32 23.63 -15.00 70.70
C TYR F 32 25.05 -14.43 70.68
N LYS F 33 25.60 -14.17 69.49
CA LYS F 33 26.90 -13.54 69.26
C LYS F 33 28.01 -14.01 70.20
N ARG G 1 35.76 -15.83 60.54
CA ARG G 1 35.09 -16.91 59.83
C ARG G 1 33.57 -16.77 59.97
N ASN G 2 33.11 -16.50 61.18
CA ASN G 2 31.67 -16.45 61.45
C ASN G 2 31.01 -15.28 60.75
N SER G 3 31.67 -14.11 60.75
CA SER G 3 31.05 -12.91 60.20
C SER G 3 30.80 -13.05 58.70
N ARG G 4 31.82 -13.46 57.93
CA ARG G 4 31.64 -13.66 56.51
C ARG G 4 30.64 -14.79 56.25
N ALA G 5 30.60 -15.79 57.13
CA ALA G 5 29.65 -16.88 56.95
C ALA G 5 28.21 -16.38 57.07
N ILE G 6 27.92 -15.61 58.12
CA ILE G 6 26.54 -15.10 58.28
C ILE G 6 26.21 -14.13 57.16
N GLY G 7 27.20 -13.35 56.69
CA GLY G 7 26.95 -12.48 55.55
C GLY G 7 26.59 -13.26 54.29
N VAL G 8 27.32 -14.33 54.01
CA VAL G 8 27.04 -15.15 52.84
C VAL G 8 25.68 -15.81 52.96
N LEU G 9 25.35 -16.32 54.14
CA LEU G 9 24.04 -16.94 54.33
C LEU G 9 22.92 -15.93 54.17
N TRP G 10 23.11 -14.71 54.67
CA TRP G 10 22.12 -13.65 54.48
C TRP G 10 21.94 -13.34 53.00
N ALA G 11 23.05 -13.27 52.26
CA ALA G 11 22.96 -13.02 50.82
C ALA G 11 22.20 -14.14 50.11
N ILE G 12 22.48 -15.39 50.50
CA ILE G 12 21.79 -16.52 49.87
C ILE G 12 20.30 -16.47 50.14
N PHE G 13 19.92 -16.18 51.39
CA PHE G 13 18.50 -16.08 51.71
C PHE G 13 17.85 -14.90 50.99
N THR G 14 18.60 -13.82 50.81
CA THR G 14 18.09 -12.68 50.06
C THR G 14 17.81 -13.06 48.61
N ILE G 15 18.72 -13.80 48.00
CA ILE G 15 18.50 -14.28 46.63
C ILE G 15 17.29 -15.20 46.57
N CYS G 16 17.15 -16.08 47.56
CA CYS G 16 15.99 -16.96 47.60
C CYS G 16 14.69 -16.16 47.71
N PHE G 17 14.69 -15.12 48.54
CA PHE G 17 13.52 -14.25 48.64
C PHE G 17 13.23 -13.57 47.31
N ALA G 18 14.28 -13.16 46.59
CA ALA G 18 14.07 -12.55 45.29
C ALA G 18 13.41 -13.52 44.32
N ILE G 19 13.87 -14.78 44.32
CA ILE G 19 13.26 -15.80 43.47
C ILE G 19 11.79 -15.98 43.84
N ILE G 20 11.50 -16.05 45.15
CA ILE G 20 10.11 -16.19 45.59
C ILE G 20 9.27 -14.99 45.13
N ASN G 21 9.83 -13.79 45.24
CA ASN G 21 9.10 -12.58 44.87
C ASN G 21 8.76 -12.58 43.39
N VAL G 22 9.74 -12.85 42.53
CA VAL G 22 9.46 -12.85 41.10
C VAL G 22 8.49 -13.97 40.76
N VAL G 23 8.61 -15.12 41.42
CA VAL G 23 7.72 -16.25 41.13
C VAL G 23 6.28 -15.90 41.47
N VAL G 24 6.04 -15.32 42.66
CA VAL G 24 4.66 -14.97 43.02
C VAL G 24 4.15 -13.86 42.11
N PHE G 25 5.03 -12.96 41.68
CA PHE G 25 4.61 -11.89 40.79
C PHE G 25 4.14 -12.43 39.45
N ILE G 26 4.92 -13.31 38.84
CA ILE G 26 4.61 -13.78 37.49
C ILE G 26 3.41 -14.73 37.45
N GLN G 27 3.26 -15.60 38.45
CA GLN G 27 2.30 -16.69 38.28
C GLN G 27 0.88 -16.18 38.48
N PRO G 28 -0.12 -16.77 37.83
CA PRO G 28 -1.52 -16.36 38.04
C PRO G 28 -2.27 -17.16 39.09
N TYR G 29 -1.68 -18.23 39.63
CA TYR G 29 -2.40 -19.15 40.50
C TYR G 29 -2.41 -18.63 41.93
N TRP G 30 -3.06 -17.47 42.10
CA TRP G 30 -3.24 -16.86 43.41
C TRP G 30 -4.54 -17.32 44.08
N VAL G 31 -5.63 -17.31 43.32
CA VAL G 31 -6.95 -17.64 43.84
C VAL G 31 -7.61 -18.62 42.87
N GLY G 32 -8.17 -19.69 43.43
CA GLY G 32 -8.68 -20.80 42.64
C GLY G 32 -10.18 -21.00 42.83
N ASP G 33 -10.69 -22.04 42.17
CA ASP G 33 -12.10 -22.37 42.16
C ASP G 33 -12.39 -23.47 43.17
N SER G 34 -13.66 -23.89 43.20
CA SER G 34 -14.10 -24.96 44.08
C SER G 34 -15.31 -25.63 43.43
N VAL G 35 -15.79 -26.69 44.08
CA VAL G 35 -16.96 -27.40 43.56
C VAL G 35 -18.17 -26.48 43.50
N SER G 36 -18.30 -25.60 44.50
CA SER G 36 -19.37 -24.62 44.49
C SER G 36 -19.19 -23.56 43.42
N THR G 37 -17.99 -23.43 42.86
CA THR G 37 -17.75 -22.43 41.83
C THR G 37 -18.49 -22.83 40.56
N PRO G 38 -19.33 -21.95 39.96
CA PRO G 38 -19.97 -22.32 38.69
C PRO G 38 -18.98 -22.50 37.55
N LYS G 39 -18.12 -21.51 37.34
CA LYS G 39 -17.18 -21.49 36.22
C LYS G 39 -15.80 -21.86 36.71
N PRO G 40 -15.21 -23.00 36.31
CA PRO G 40 -13.83 -23.27 36.72
C PRO G 40 -12.85 -22.28 36.10
N GLY G 41 -11.76 -22.04 36.81
CA GLY G 41 -10.73 -21.14 36.34
C GLY G 41 -9.88 -20.64 37.48
N TYR G 42 -9.00 -19.70 37.14
CA TYR G 42 -8.12 -19.10 38.13
C TYR G 42 -7.73 -17.71 37.65
N PHE G 43 -7.26 -16.88 38.59
CA PHE G 43 -6.85 -15.53 38.26
C PHE G 43 -5.79 -15.08 39.26
N GLY G 44 -4.98 -14.11 38.83
CA GLY G 44 -3.90 -13.56 39.63
C GLY G 44 -3.91 -12.05 39.56
N LEU G 45 -2.72 -11.47 39.58
CA LEU G 45 -2.60 -10.02 39.55
C LEU G 45 -3.06 -9.46 38.21
N PHE G 46 -2.56 -10.03 37.11
CA PHE G 46 -2.83 -9.55 35.76
C PHE G 46 -3.29 -10.65 34.82
N HIS G 47 -2.76 -11.86 34.96
CA HIS G 47 -3.05 -12.96 34.05
C HIS G 47 -4.07 -13.89 34.68
N TYR G 48 -5.10 -14.25 33.91
CA TYR G 48 -6.21 -15.06 34.42
C TYR G 48 -6.79 -15.92 33.31
N CYS G 49 -7.20 -17.13 33.66
CA CYS G 49 -7.83 -18.06 32.74
C CYS G 49 -9.21 -18.42 33.27
N VAL G 50 -10.18 -18.49 32.35
CA VAL G 50 -11.57 -18.79 32.68
C VAL G 50 -12.07 -19.91 31.77
N GLY G 51 -12.86 -20.81 32.33
CA GLY G 51 -13.34 -21.95 31.57
C GLY G 51 -14.51 -21.59 30.66
N SER G 52 -14.47 -22.12 29.44
CA SER G 52 -15.58 -21.95 28.52
C SER G 52 -16.75 -22.86 28.89
N GLY G 53 -16.46 -24.05 29.38
CA GLY G 53 -17.51 -24.96 29.82
C GLY G 53 -18.31 -25.59 28.71
N LEU G 54 -17.75 -25.68 27.50
CA LEU G 54 -18.49 -26.27 26.40
C LEU G 54 -18.62 -27.79 26.56
N ALA G 55 -17.50 -28.49 26.55
CA ALA G 55 -17.45 -29.94 26.76
C ALA G 55 -16.51 -30.35 27.88
N GLY G 56 -15.35 -29.71 28.00
CA GLY G 56 -14.41 -29.95 29.07
C GLY G 56 -14.17 -28.70 29.88
N ARG G 57 -12.94 -28.17 29.80
CA ARG G 57 -12.61 -26.86 30.37
C ARG G 57 -12.36 -25.83 29.28
N GLU G 58 -11.40 -26.09 28.39
CA GLU G 58 -11.01 -25.16 27.33
C GLU G 58 -10.78 -23.75 27.89
N LEU G 59 -9.94 -23.69 28.93
CA LEU G 59 -9.71 -22.44 29.64
C LEU G 59 -9.11 -21.38 28.73
N THR G 60 -9.90 -20.37 28.37
CA THR G 60 -9.34 -19.24 27.65
C THR G 60 -8.56 -18.37 28.62
N CYS G 61 -7.33 -18.04 28.26
CA CYS G 61 -6.42 -17.29 29.10
C CYS G 61 -6.22 -15.90 28.52
N ARG G 62 -6.31 -14.90 29.38
CA ARG G 62 -6.19 -13.50 28.97
C ARG G 62 -5.57 -12.72 30.12
N GLY G 63 -4.92 -11.63 29.76
CA GLY G 63 -4.37 -10.70 30.75
C GLY G 63 -2.87 -10.75 30.89
N SER G 64 -2.25 -9.59 30.80
CA SER G 64 -0.83 -9.42 31.05
C SER G 64 -0.60 -8.04 31.64
N PHE G 65 0.45 -7.92 32.46
CA PHE G 65 0.72 -6.65 33.12
C PHE G 65 1.08 -5.58 32.09
N THR G 66 1.61 -5.98 30.94
CA THR G 66 1.94 -5.02 29.89
C THR G 66 0.71 -4.24 29.44
N ASP G 67 -0.41 -4.92 29.26
CA ASP G 67 -1.67 -4.28 28.90
C ASP G 67 -2.40 -3.82 30.16
N PHE G 68 -2.97 -2.61 30.07
CA PHE G 68 -3.71 -1.99 31.17
C PHE G 68 -5.19 -1.83 30.84
N SER G 69 -5.66 -2.49 29.77
CA SER G 69 -7.09 -2.59 29.46
C SER G 69 -7.62 -4.00 29.71
N THR G 70 -6.86 -4.84 30.39
CA THR G 70 -7.25 -6.23 30.68
C THR G 70 -7.26 -6.55 32.16
N ILE G 71 -6.84 -5.63 33.01
CA ILE G 71 -6.89 -5.86 34.45
C ILE G 71 -8.34 -5.72 34.93
N PRO G 72 -8.89 -6.67 35.68
CA PRO G 72 -10.30 -6.54 36.10
C PRO G 72 -10.61 -5.28 36.88
N SER G 73 -9.69 -4.80 37.72
CA SER G 73 -9.98 -3.65 38.56
C SER G 73 -8.67 -2.92 38.88
N SER G 74 -8.82 -1.65 39.26
CA SER G 74 -7.66 -0.84 39.61
C SER G 74 -6.96 -1.34 40.87
N ALA G 75 -7.66 -2.09 41.73
CA ALA G 75 -6.99 -2.66 42.90
C ALA G 75 -5.93 -3.65 42.47
N PHE G 76 -6.23 -4.50 41.49
CA PHE G 76 -5.21 -5.40 40.96
C PHE G 76 -4.08 -4.62 40.29
N LYS G 77 -4.40 -3.50 39.64
CA LYS G 77 -3.35 -2.67 39.05
C LYS G 77 -2.40 -2.15 40.13
N ALA G 78 -2.95 -1.65 41.23
CA ALA G 78 -2.11 -1.14 42.31
C ALA G 78 -1.31 -2.26 42.95
N ALA G 79 -1.91 -3.45 43.11
CA ALA G 79 -1.18 -4.57 43.68
C ALA G 79 -0.01 -4.96 42.79
N ALA G 80 -0.25 -5.05 41.48
CA ALA G 80 0.83 -5.39 40.55
C ALA G 80 1.92 -4.32 40.56
N PHE G 81 1.53 -3.05 40.62
CA PHE G 81 2.51 -1.97 40.68
C PHE G 81 3.37 -2.09 41.93
N PHE G 82 2.75 -2.34 43.09
CA PHE G 82 3.52 -2.43 44.32
C PHE G 82 4.44 -3.66 44.32
N VAL G 83 3.98 -4.77 43.74
CA VAL G 83 4.86 -5.92 43.61
C VAL G 83 6.01 -5.61 42.65
N LEU G 84 5.75 -4.80 41.63
CA LEU G 84 6.82 -4.34 40.76
C LEU G 84 7.89 -3.60 41.54
N LEU G 85 7.46 -2.65 42.38
CA LEU G 85 8.44 -1.92 43.19
C LEU G 85 9.18 -2.85 44.15
N SER G 86 8.49 -3.85 44.70
CA SER G 86 9.16 -4.82 45.57
C SER G 86 10.24 -5.57 44.81
N MET G 87 9.90 -6.07 43.61
CA MET G 87 10.88 -6.81 42.81
C MET G 87 12.05 -5.92 42.43
N VAL G 88 11.77 -4.67 42.06
CA VAL G 88 12.83 -3.75 41.68
C VAL G 88 13.76 -3.48 42.86
N LEU G 89 13.19 -3.30 44.06
CA LEU G 89 14.01 -3.01 45.23
C LEU G 89 14.90 -4.20 45.60
N ILE G 90 14.34 -5.41 45.59
CA ILE G 90 15.15 -6.57 45.95
C ILE G 90 16.24 -6.80 44.90
N LEU G 91 15.92 -6.58 43.62
CA LEU G 91 16.96 -6.70 42.60
C LEU G 91 18.02 -5.62 42.77
N GLY G 92 17.61 -4.42 43.19
CA GLY G 92 18.58 -3.37 43.44
C GLY G 92 19.55 -3.74 44.55
N CYS G 93 19.05 -4.34 45.62
CA CYS G 93 19.97 -4.78 46.66
C CYS G 93 20.84 -5.95 46.19
N ILE G 94 20.32 -6.83 45.36
CA ILE G 94 21.14 -7.91 44.81
C ILE G 94 22.26 -7.32 43.98
N THR G 95 21.99 -6.22 43.27
CA THR G 95 23.06 -5.47 42.63
C THR G 95 24.03 -4.91 43.65
N CYS G 96 23.49 -4.38 44.77
CA CYS G 96 24.33 -3.78 45.79
C CYS G 96 25.26 -4.79 46.45
N PHE G 97 24.94 -6.10 46.37
CA PHE G 97 25.91 -7.13 46.77
C PHE G 97 27.26 -6.91 46.09
N SER G 98 27.24 -6.54 44.81
CA SER G 98 28.47 -6.35 44.08
C SER G 98 29.20 -5.06 44.45
N LEU G 99 28.61 -4.21 45.29
CA LEU G 99 29.19 -2.93 45.68
C LEU G 99 30.11 -3.03 46.89
N PHE G 100 30.35 -4.24 47.42
CA PHE G 100 31.13 -4.36 48.65
C PHE G 100 32.59 -4.03 48.43
N PHE G 101 33.11 -4.21 47.21
CA PHE G 101 34.53 -4.05 46.98
C PHE G 101 35.00 -2.62 47.22
N PHE G 102 34.11 -1.64 47.06
CA PHE G 102 34.45 -0.23 47.21
C PHE G 102 33.91 0.35 48.51
N CYS G 103 32.60 0.24 48.73
CA CYS G 103 31.98 0.78 49.93
C CYS G 103 32.22 -0.14 51.13
N ASN G 104 32.26 0.47 52.32
CA ASN G 104 32.40 -0.30 53.54
C ASN G 104 31.14 -1.11 53.82
N THR G 105 31.31 -2.23 54.53
CA THR G 105 30.20 -3.12 54.79
C THR G 105 29.13 -2.46 55.65
N ALA G 106 29.55 -1.66 56.64
CA ALA G 106 28.62 -1.06 57.59
C ALA G 106 27.58 -0.17 56.92
N THR G 107 27.87 0.33 55.72
CA THR G 107 26.91 1.13 54.97
C THR G 107 26.11 0.29 53.99
N VAL G 108 26.73 -0.71 53.37
CA VAL G 108 26.03 -1.50 52.36
C VAL G 108 24.97 -2.39 53.00
N TYR G 109 25.30 -3.00 54.15
CA TYR G 109 24.28 -3.76 54.87
C TYR G 109 23.11 -2.88 55.26
N LYS G 110 23.37 -1.64 55.68
CA LYS G 110 22.29 -0.72 56.01
C LYS G 110 21.45 -0.38 54.78
N ILE G 111 22.12 -0.20 53.63
CA ILE G 111 21.39 0.15 52.41
C ILE G 111 20.44 -0.97 52.02
N CYS G 112 20.92 -2.21 51.99
CA CYS G 112 19.98 -3.32 51.77
C CYS G 112 18.98 -3.51 52.90
N ALA G 113 19.31 -3.15 54.14
CA ALA G 113 18.31 -3.25 55.18
C ALA G 113 17.12 -2.35 54.87
N TRP G 114 17.41 -1.11 54.51
CA TRP G 114 16.35 -0.18 54.15
C TRP G 114 15.64 -0.62 52.88
N MET G 115 16.40 -1.12 51.90
CA MET G 115 15.79 -1.55 50.64
C MET G 115 14.85 -2.73 50.84
N GLN G 116 15.29 -3.71 51.63
CA GLN G 116 14.44 -4.87 51.91
C GLN G 116 13.22 -4.47 52.72
N LEU G 117 13.38 -3.53 53.66
CA LEU G 117 12.21 -3.07 54.40
C LEU G 117 11.22 -2.37 53.48
N LEU G 118 11.71 -1.55 52.55
CA LEU G 118 10.80 -0.89 51.61
C LEU G 118 10.12 -1.90 50.70
N ALA G 119 10.85 -2.93 50.27
CA ALA G 119 10.25 -4.00 49.48
C ALA G 119 9.16 -4.72 50.28
N ALA G 120 9.42 -4.96 51.56
CA ALA G 120 8.42 -5.60 52.42
C ALA G 120 7.18 -4.74 52.54
N LEU G 121 7.35 -3.43 52.76
CA LEU G 121 6.19 -2.53 52.83
C LEU G 121 5.40 -2.54 51.53
N CYS G 122 6.10 -2.50 50.39
CA CYS G 122 5.41 -2.54 49.11
C CYS G 122 4.64 -3.84 48.95
N LEU G 123 5.26 -4.96 49.31
CA LEU G 123 4.62 -6.27 49.11
C LEU G 123 3.40 -6.42 50.02
N VAL G 124 3.49 -5.98 51.28
CA VAL G 124 2.33 -6.11 52.16
C VAL G 124 1.23 -5.17 51.72
N LEU G 125 1.57 -3.98 51.23
CA LEU G 125 0.54 -3.09 50.72
C LEU G 125 -0.17 -3.69 49.52
N GLY G 126 0.59 -4.30 48.61
CA GLY G 126 -0.04 -4.97 47.47
C GLY G 126 -0.90 -6.15 47.91
N CYS G 127 -0.42 -6.93 48.88
CA CYS G 127 -1.20 -8.07 49.36
C CYS G 127 -2.48 -7.62 50.02
N MET G 128 -2.43 -6.51 50.78
CA MET G 128 -3.64 -5.97 51.38
C MET G 128 -4.61 -5.47 50.33
N ILE G 129 -4.08 -4.84 49.27
CA ILE G 129 -4.96 -4.25 48.26
C ILE G 129 -5.58 -5.32 47.37
N PHE G 130 -4.91 -6.47 47.19
CA PHE G 130 -5.38 -7.45 46.22
C PHE G 130 -6.77 -8.00 46.52
N PRO G 131 -7.12 -8.40 47.75
CA PRO G 131 -8.50 -8.86 48.00
C PRO G 131 -9.55 -7.80 47.71
N ASP G 132 -9.20 -6.51 47.81
CA ASP G 132 -10.14 -5.45 47.49
C ASP G 132 -10.58 -5.47 46.04
N GLY G 133 -9.80 -6.11 45.15
CA GLY G 133 -10.12 -6.17 43.74
C GLY G 133 -11.04 -7.29 43.32
N TRP G 134 -11.55 -8.09 44.25
CA TRP G 134 -12.48 -9.16 43.91
C TRP G 134 -13.88 -8.65 43.58
N ASP G 135 -14.14 -7.35 43.75
CA ASP G 135 -15.44 -6.79 43.39
C ASP G 135 -15.64 -6.65 41.89
N ALA G 136 -14.62 -6.94 41.08
CA ALA G 136 -14.77 -6.85 39.64
C ALA G 136 -15.81 -7.84 39.13
N GLU G 137 -16.46 -7.47 38.03
CA GLU G 137 -17.58 -8.28 37.53
C GLU G 137 -17.12 -9.67 37.10
N THR G 138 -15.94 -9.78 36.50
CA THR G 138 -15.46 -11.08 36.06
C THR G 138 -15.17 -12.00 37.24
N ILE G 139 -14.59 -11.45 38.31
CA ILE G 139 -14.30 -12.27 39.49
C ILE G 139 -15.60 -12.72 40.14
N ARG G 140 -16.60 -11.83 40.21
CA ARG G 140 -17.89 -12.21 40.76
C ARG G 140 -18.55 -13.29 39.90
N ASP G 141 -18.48 -13.15 38.58
CA ASP G 141 -19.10 -14.13 37.69
C ASP G 141 -18.43 -15.50 37.83
N MET G 142 -17.09 -15.52 37.95
CA MET G 142 -16.39 -16.79 38.01
C MET G 142 -16.51 -17.43 39.40
N CYS G 143 -16.08 -16.71 40.44
CA CYS G 143 -16.18 -17.25 41.80
C CYS G 143 -17.63 -17.46 42.21
N GLY G 144 -18.45 -16.43 42.10
CA GLY G 144 -19.83 -16.50 42.53
C GLY G 144 -20.33 -15.14 42.97
N ALA G 145 -21.65 -15.06 43.16
CA ALA G 145 -22.27 -13.79 43.51
C ALA G 145 -21.81 -13.30 44.88
N LYS G 146 -21.79 -14.20 45.87
CA LYS G 146 -21.44 -13.79 47.23
C LYS G 146 -19.98 -13.39 47.36
N THR G 147 -19.13 -13.76 46.41
CA THR G 147 -17.75 -13.33 46.43
C THR G 147 -17.67 -11.81 46.26
N GLY G 148 -16.80 -11.19 47.04
CA GLY G 148 -16.69 -9.74 47.02
C GLY G 148 -15.48 -9.27 47.78
N LYS G 149 -15.52 -8.00 48.19
CA LYS G 149 -14.43 -7.38 48.91
C LYS G 149 -14.13 -8.14 50.20
N TYR G 150 -12.96 -8.78 50.28
CA TYR G 150 -12.57 -9.56 51.45
C TYR G 150 -13.58 -10.67 51.73
N SER G 151 -14.09 -11.28 50.66
CA SER G 151 -15.08 -12.35 50.75
C SER G 151 -14.74 -13.39 49.69
N LEU G 152 -14.04 -14.46 50.12
CA LEU G 152 -13.61 -15.48 49.17
C LEU G 152 -14.79 -16.21 48.55
N GLY G 153 -15.76 -16.59 49.36
CA GLY G 153 -16.90 -17.32 48.84
C GLY G 153 -16.48 -18.69 48.35
N ASP G 154 -16.90 -19.04 47.13
CA ASP G 154 -16.58 -20.34 46.57
C ASP G 154 -15.07 -20.49 46.35
N CYS G 155 -14.42 -19.42 45.90
CA CYS G 155 -13.00 -19.47 45.59
C CYS G 155 -12.18 -19.60 46.86
N SER G 156 -10.91 -19.98 46.69
CA SER G 156 -9.98 -20.17 47.79
C SER G 156 -8.60 -19.69 47.38
N VAL G 157 -7.80 -19.34 48.39
CA VAL G 157 -6.43 -18.88 48.13
C VAL G 157 -5.57 -20.07 47.75
N ARG G 158 -4.81 -19.92 46.67
CA ARG G 158 -3.97 -21.00 46.15
C ARG G 158 -2.58 -20.90 46.77
N TRP G 159 -1.64 -21.70 46.27
CA TRP G 159 -0.29 -21.73 46.80
C TRP G 159 0.41 -20.39 46.68
N ALA G 160 0.08 -19.59 45.65
CA ALA G 160 0.87 -18.41 45.36
C ALA G 160 0.58 -17.27 46.33
N TYR G 161 -0.67 -17.11 46.77
CA TYR G 161 -0.98 -16.04 47.72
C TYR G 161 -0.29 -16.30 49.06
N ILE G 162 -0.43 -17.51 49.59
CA ILE G 162 0.26 -17.84 50.82
C ILE G 162 1.78 -17.82 50.61
N LEU G 163 2.25 -18.11 49.40
CA LEU G 163 3.67 -17.97 49.11
C LEU G 163 4.09 -16.51 49.15
N ALA G 164 3.21 -15.60 48.75
CA ALA G 164 3.49 -14.17 48.88
C ALA G 164 3.56 -13.77 50.35
N ILE G 165 2.71 -14.37 51.18
CA ILE G 165 2.81 -14.11 52.63
C ILE G 165 4.13 -14.63 53.18
N ILE G 166 4.54 -15.82 52.73
CA ILE G 166 5.85 -16.37 53.07
C ILE G 166 6.96 -15.41 52.67
N GLY G 167 6.86 -14.85 51.45
CA GLY G 167 7.83 -13.86 51.02
C GLY G 167 7.81 -12.60 51.85
N ILE G 168 6.63 -12.20 52.32
CA ILE G 168 6.53 -11.04 53.21
C ILE G 168 7.33 -11.29 54.49
N LEU G 169 7.11 -12.45 55.10
CA LEU G 169 7.82 -12.78 56.33
C LEU G 169 9.32 -12.88 56.08
N ASN G 170 9.70 -13.44 54.93
CA ASN G 170 11.11 -13.49 54.56
C ASN G 170 11.70 -12.09 54.43
N ALA G 171 10.95 -11.18 53.81
CA ALA G 171 11.42 -9.81 53.66
C ALA G 171 11.63 -9.16 55.02
N LEU G 172 10.67 -9.33 55.92
CA LEU G 172 10.80 -8.73 57.25
C LEU G 172 12.02 -9.27 57.98
N ILE G 173 12.16 -10.60 58.04
CA ILE G 173 13.25 -11.18 58.82
C ILE G 173 14.60 -10.87 58.19
N LEU G 174 14.67 -10.87 56.86
CA LEU G 174 15.92 -10.50 56.20
C LEU G 174 16.27 -9.04 56.45
N SER G 175 15.26 -8.17 56.48
CA SER G 175 15.52 -6.77 56.77
C SER G 175 16.08 -6.60 58.18
N PHE G 176 15.49 -7.28 59.16
CA PHE G 176 16.00 -7.20 60.52
CA PHE G 176 16.01 -7.20 60.52
C PHE G 176 17.41 -7.78 60.61
N LEU G 177 17.65 -8.89 59.90
CA LEU G 177 18.98 -9.49 59.88
C LEU G 177 20.02 -8.51 59.33
N ALA G 178 19.67 -7.84 58.23
CA ALA G 178 20.59 -6.86 57.65
C ALA G 178 20.81 -5.69 58.60
N PHE G 179 19.75 -5.23 59.28
CA PHE G 179 19.90 -4.12 60.21
C PHE G 179 20.87 -4.48 61.33
N VAL G 180 20.71 -5.66 61.93
CA VAL G 180 21.61 -6.04 63.01
C VAL G 180 23.02 -6.30 62.48
N LEU G 181 23.14 -6.85 61.27
CA LEU G 181 24.46 -7.12 60.71
C LEU G 181 25.24 -5.84 60.46
N GLY G 182 24.55 -4.80 59.98
CA GLY G 182 25.24 -3.57 59.63
C GLY G 182 25.95 -2.94 60.82
N ASN G 183 25.25 -2.88 61.96
CA ASN G 183 25.88 -2.38 63.18
C ASN G 183 26.91 -3.36 63.72
N ARG G 184 26.64 -4.66 63.61
CA ARG G 184 27.59 -5.67 64.08
C ARG G 184 28.84 -5.65 63.21
N GLN G 185 29.98 -5.99 63.83
CA GLN G 185 31.27 -6.04 63.15
C GLN G 185 31.64 -4.67 62.60
N GLN H 1 -8.20 32.54 -17.07
CA GLN H 1 -8.09 33.48 -18.22
C GLN H 1 -6.64 33.67 -18.63
N VAL H 2 -6.41 33.87 -19.93
CA VAL H 2 -5.08 34.06 -20.48
C VAL H 2 -5.17 35.06 -21.63
N GLN H 3 -4.21 35.98 -21.69
CA GLN H 3 -4.14 37.00 -22.71
C GLN H 3 -2.94 36.71 -23.61
N LEU H 4 -3.18 36.71 -24.92
CA LEU H 4 -2.20 36.30 -25.92
C LEU H 4 -1.84 37.51 -26.76
N VAL H 5 -0.54 37.73 -26.95
CA VAL H 5 -0.02 38.87 -27.72
C VAL H 5 0.94 38.34 -28.77
N GLU H 6 0.85 38.89 -29.98
CA GLU H 6 1.62 38.45 -31.13
C GLU H 6 2.45 39.61 -31.67
N SER H 7 3.63 39.30 -32.19
CA SER H 7 4.55 40.29 -32.73
C SER H 7 5.45 39.62 -33.76
N GLY H 8 6.31 40.43 -34.38
CA GLY H 8 7.26 39.93 -35.35
C GLY H 8 6.77 39.83 -36.76
N GLY H 9 5.70 40.56 -37.11
CA GLY H 9 5.16 40.53 -38.46
C GLY H 9 6.15 40.98 -39.52
N GLY H 403 13.19 34.86 -47.78
CA GLY H 403 13.24 35.56 -46.51
C GLY H 403 12.68 34.74 -45.36
N SER H 404 12.83 35.25 -44.15
CA SER H 404 12.36 34.60 -42.94
C SER H 404 11.99 35.66 -41.90
N LEU H 405 10.70 35.70 -41.54
CA LEU H 405 10.19 36.64 -40.55
C LEU H 405 9.61 35.84 -39.39
N ARG H 406 10.40 35.69 -38.33
CA ARG H 406 10.06 34.83 -37.20
C ARG H 406 9.08 35.58 -36.29
N LEU H 407 7.86 35.05 -36.17
CA LEU H 407 6.87 35.63 -35.29
C LEU H 407 7.14 35.23 -33.84
N SER H 408 6.58 36.01 -32.91
CA SER H 408 6.68 35.74 -31.49
C SER H 408 5.30 35.85 -30.87
N CYS H 409 4.93 34.87 -30.05
CA CYS H 409 3.63 34.82 -29.39
C CYS H 409 3.82 34.56 -27.90
N ALA H 410 3.37 35.50 -27.07
CA ALA H 410 3.55 35.46 -25.63
C ALA H 410 2.19 35.38 -24.95
N ALA H 411 2.13 34.63 -23.84
CA ALA H 411 0.91 34.42 -23.08
C ALA H 411 1.08 34.94 -21.67
N SER H 412 0.00 35.46 -21.08
CA SER H 412 0.00 35.95 -19.72
C SER H 412 -1.27 35.50 -19.01
N GLY H 413 -1.12 34.82 -17.87
CA GLY H 413 -2.23 34.36 -17.06
C GLY H 413 -2.10 32.88 -16.71
N HIS H 414 -3.24 32.21 -16.61
CA HIS H 414 -3.28 30.78 -16.31
C HIS H 414 -3.02 29.99 -17.59
N THR H 415 -1.78 30.08 -18.06
CA THR H 415 -1.40 29.36 -19.27
C THR H 415 -1.38 27.85 -19.06
N PHE H 416 -1.27 27.38 -17.82
CA PHE H 416 -1.27 25.95 -17.57
C PHE H 416 -2.62 25.33 -17.93
N ASN H 417 -3.72 26.03 -17.66
CA ASN H 417 -5.04 25.49 -17.96
C ASN H 417 -5.27 25.32 -19.45
N TYR H 418 -4.49 26.00 -20.30
CA TYR H 418 -4.63 25.97 -21.75
C TYR H 418 -3.28 25.59 -22.35
N PRO H 419 -2.86 24.33 -22.18
CA PRO H 419 -1.49 23.94 -22.54
C PRO H 419 -1.16 24.09 -24.02
N ILE H 420 -1.93 23.43 -24.89
CA ILE H 420 -1.66 23.48 -26.33
C ILE H 420 -1.91 24.90 -26.84
N MET H 421 -0.98 25.41 -27.64
CA MET H 421 -1.20 26.62 -28.41
C MET H 421 -0.79 26.40 -29.86
N GLY H 422 -1.51 27.09 -30.75
CA GLY H 422 -1.34 26.86 -32.17
C GLY H 422 -1.51 28.13 -32.98
N TRP H 423 -0.92 28.08 -34.18
CA TRP H 423 -0.94 29.18 -35.13
C TRP H 423 -1.95 28.89 -36.23
N PHE H 424 -2.80 29.88 -36.52
CA PHE H 424 -3.75 29.88 -37.61
C PHE H 424 -3.49 31.11 -38.48
N ARG H 425 -4.07 31.11 -39.68
CA ARG H 425 -3.93 32.25 -40.58
C ARG H 425 -5.24 32.49 -41.33
N GLN H 426 -5.58 33.77 -41.49
CA GLN H 426 -6.75 34.24 -42.21
C GLN H 426 -6.25 35.08 -43.38
N ALA H 427 -6.44 34.58 -44.60
CA ALA H 427 -6.08 35.33 -45.79
C ALA H 427 -7.26 36.19 -46.25
N PRO H 428 -7.03 37.19 -47.10
CA PRO H 428 -8.17 37.99 -47.60
C PRO H 428 -9.14 37.14 -48.41
N GLY H 429 -10.36 37.02 -47.89
CA GLY H 429 -11.41 36.28 -48.56
C GLY H 429 -11.44 34.80 -48.26
N LYS H 430 -10.46 34.27 -47.55
CA LYS H 430 -10.39 32.85 -47.17
C LYS H 430 -10.43 32.75 -45.66
N GLU H 431 -11.27 31.85 -45.16
CA GLU H 431 -11.49 31.73 -43.73
C GLU H 431 -10.23 31.25 -43.02
N ARG H 432 -10.29 31.26 -41.69
CA ARG H 432 -9.15 30.84 -40.88
C ARG H 432 -8.79 29.39 -41.13
N GLU H 433 -7.49 29.11 -41.21
CA GLU H 433 -6.97 27.78 -41.48
C GLU H 433 -5.88 27.45 -40.47
N PHE H 434 -5.62 26.16 -40.33
CA PHE H 434 -4.69 25.66 -39.31
C PHE H 434 -3.28 25.60 -39.87
N VAL H 435 -2.37 26.36 -39.27
CA VAL H 435 -0.97 26.35 -39.67
C VAL H 435 -0.16 25.37 -38.84
N GLY H 436 -0.30 25.40 -37.51
CA GLY H 436 0.47 24.49 -36.68
C GLY H 436 0.02 24.51 -35.25
N ALA H 437 0.58 23.59 -34.45
CA ALA H 437 0.23 23.48 -33.05
C ALA H 437 1.38 22.84 -32.28
N ILE H 438 1.51 23.24 -31.01
CA ILE H 438 2.54 22.74 -30.11
C ILE H 438 1.95 22.57 -28.73
N SER H 439 2.49 21.61 -27.99
CA SER H 439 1.97 21.18 -26.70
C SER H 439 2.69 21.88 -25.55
N TRP H 440 2.35 21.45 -24.33
CA TRP H 440 2.90 22.07 -23.12
C TRP H 440 4.40 21.84 -23.02
N SER H 441 4.82 20.58 -23.15
CA SER H 441 6.24 20.25 -23.03
C SER H 441 7.04 20.89 -24.17
N GLY H 442 6.43 21.03 -25.34
CA GLY H 442 7.10 21.57 -26.50
C GLY H 442 7.89 20.56 -27.31
N GLY H 443 8.00 19.32 -26.84
CA GLY H 443 8.68 18.29 -27.59
C GLY H 443 7.87 17.65 -28.69
N SER H 444 6.58 17.96 -28.78
CA SER H 444 5.69 17.45 -29.81
C SER H 444 5.04 18.60 -30.54
N THR H 445 4.94 18.48 -31.87
CA THR H 445 4.36 19.51 -32.72
C THR H 445 3.57 18.85 -33.83
N SER H 446 2.68 19.62 -34.44
CA SER H 446 1.88 19.13 -35.55
C SER H 446 1.63 20.28 -36.52
N TYR H 447 2.00 20.06 -37.78
CA TYR H 447 1.87 21.06 -38.84
C TYR H 447 0.91 20.57 -39.91
N ALA H 448 0.36 21.51 -40.67
CA ALA H 448 -0.49 21.17 -41.80
C ALA H 448 0.36 20.72 -42.97
N ASP H 449 -0.28 20.04 -43.93
CA ASP H 449 0.45 19.51 -45.07
C ASP H 449 1.01 20.63 -45.94
N SER H 450 0.24 21.70 -46.14
CA SER H 450 0.67 22.75 -47.06
C SER H 450 1.91 23.49 -46.57
N VAL H 451 2.19 23.45 -45.27
CA VAL H 451 3.28 24.20 -44.66
C VAL H 451 4.30 23.29 -43.98
N LYS H 452 4.24 21.98 -44.22
CA LYS H 452 5.17 21.07 -43.57
C LYS H 452 6.56 21.21 -44.14
N ASP H 453 7.56 20.91 -43.31
CA ASP H 453 8.99 20.80 -43.61
C ASP H 453 9.60 22.22 -43.75
N ARG H 454 8.81 23.30 -43.66
CA ARG H 454 9.31 24.66 -43.86
C ARG H 454 9.24 25.52 -42.61
N PHE H 455 8.31 25.28 -41.70
CA PHE H 455 8.19 26.02 -40.44
C PHE H 455 8.45 25.09 -39.26
N THR H 456 8.95 25.67 -38.18
CA THR H 456 9.32 24.91 -36.98
C THR H 456 8.87 25.71 -35.76
N ILE H 457 7.68 25.38 -35.25
CA ILE H 457 7.19 26.02 -34.03
C ILE H 457 8.06 25.56 -32.85
N SER H 458 8.30 26.47 -31.91
CA SER H 458 9.15 26.20 -30.76
C SER H 458 8.58 26.85 -29.52
N ARG H 459 8.98 26.32 -28.36
CA ARG H 459 8.55 26.78 -27.06
C ARG H 459 9.75 26.98 -26.16
N ASP H 460 9.73 28.05 -25.37
CA ASP H 460 10.83 28.42 -24.47
C ASP H 460 10.38 28.62 -23.03
N ASN H 461 9.21 29.21 -22.81
CA ASN H 461 8.64 29.51 -21.50
C ASN H 461 9.42 30.56 -20.73
N ALA H 462 10.40 31.23 -21.34
CA ALA H 462 11.09 32.32 -20.66
C ALA H 462 10.12 33.45 -20.36
N LYS H 463 9.29 33.82 -21.33
CA LYS H 463 8.20 34.77 -21.18
C LYS H 463 6.92 34.17 -21.75
N ASN H 464 6.77 32.86 -21.59
CA ASN H 464 5.66 32.12 -22.20
C ASN H 464 5.62 32.32 -23.70
N THR H 465 6.79 32.34 -24.33
CA THR H 465 6.93 32.62 -25.75
C THR H 465 6.70 31.36 -26.57
N VAL H 466 6.13 31.54 -27.76
CA VAL H 466 5.89 30.44 -28.70
C VAL H 466 6.35 30.94 -30.06
N TYR H 467 7.57 30.58 -30.45
CA TYR H 467 8.12 31.01 -31.73
C TYR H 467 7.58 30.14 -32.86
N LEU H 468 7.63 30.68 -34.07
CA LEU H 468 7.13 30.03 -35.27
C LEU H 468 8.22 29.67 -36.27
N GLU H 469 9.25 30.50 -36.39
CA GLU H 469 10.38 30.27 -37.29
C GLU H 469 9.91 30.11 -38.74
N MET H 470 9.33 31.19 -39.26
CA MET H 470 8.95 31.24 -40.66
C MET H 470 10.21 31.12 -41.53
N ASN H 471 10.16 30.21 -42.50
CA ASN H 471 11.27 30.02 -43.42
C ASN H 471 10.73 29.56 -44.77
N ASN H 472 11.52 29.79 -45.81
CA ASN H 472 11.14 29.43 -47.19
C ASN H 472 9.81 30.08 -47.57
N LEU H 473 9.72 31.39 -47.33
CA LEU H 473 8.48 32.12 -47.55
C LEU H 473 8.13 32.13 -49.04
N LYS H 474 6.83 32.22 -49.31
CA LYS H 474 6.29 32.29 -50.66
C LYS H 474 5.18 33.33 -50.68
N PRO H 475 4.91 33.95 -51.84
CA PRO H 475 3.86 34.97 -51.87
C PRO H 475 2.49 34.44 -51.51
N GLU H 476 2.20 33.18 -51.82
CA GLU H 476 0.91 32.60 -51.46
C GLU H 476 0.73 32.53 -49.95
N ASP H 477 1.82 32.41 -49.19
CA ASP H 477 1.76 32.32 -47.74
C ASP H 477 1.77 33.71 -47.11
N THR H 478 0.72 34.48 -47.45
CA THR H 478 0.50 35.81 -46.89
C THR H 478 -0.91 35.85 -46.30
N ALA H 479 -1.01 36.27 -45.05
CA ALA H 479 -2.27 36.26 -44.33
C ALA H 479 -2.05 36.85 -42.95
N VAL H 480 -3.14 37.24 -42.30
CA VAL H 480 -3.08 37.66 -40.90
C VAL H 480 -2.96 36.42 -40.04
N TYR H 481 -1.82 36.28 -39.37
CA TYR H 481 -1.56 35.13 -38.52
C TYR H 481 -2.02 35.42 -37.09
N TYR H 482 -2.75 34.46 -36.52
CA TYR H 482 -3.14 34.48 -35.11
C TYR H 482 -2.48 33.33 -34.38
N CYS H 483 -2.19 33.54 -33.10
CA CYS H 483 -1.77 32.49 -32.19
C CYS H 483 -2.82 32.38 -31.10
N ALA H 484 -3.29 31.16 -30.85
CA ALA H 484 -4.39 30.90 -29.94
C ALA H 484 -4.04 29.75 -29.01
N ALA H 485 -4.81 29.63 -27.93
CA ALA H 485 -4.60 28.61 -26.91
C ALA H 485 -5.85 27.73 -26.82
N LYS H 486 -5.62 26.46 -26.48
CA LYS H 486 -6.67 25.46 -26.38
C LYS H 486 -6.59 24.77 -25.03
N GLY H 487 -7.75 24.31 -24.54
CA GLY H 487 -7.81 23.62 -23.28
C GLY H 487 -7.31 22.19 -23.37
N ARG H 488 -7.20 21.56 -22.19
CA ARG H 488 -6.68 20.20 -22.14
C ARG H 488 -7.62 19.22 -22.83
N TYR H 489 -8.93 19.35 -22.61
CA TYR H 489 -9.94 18.51 -23.23
C TYR H 489 -10.80 19.41 -24.12
N SER H 490 -10.42 19.52 -25.39
CA SER H 490 -11.15 20.32 -26.36
C SER H 490 -11.41 19.58 -27.65
N GLY H 491 -10.54 18.61 -27.99
CA GLY H 491 -10.72 17.79 -29.17
C GLY H 491 -9.63 17.99 -30.21
N GLY H 492 -10.04 18.19 -31.46
CA GLY H 492 -9.07 18.28 -32.54
C GLY H 492 -8.30 19.59 -32.53
N LEU H 493 -7.18 19.57 -33.24
CA LEU H 493 -6.32 20.75 -33.39
C LEU H 493 -6.72 21.65 -34.55
N TYR H 494 -7.24 21.06 -35.63
CA TYR H 494 -7.38 21.76 -36.90
C TYR H 494 -8.62 22.66 -36.97
N TYR H 495 -9.45 22.67 -35.93
CA TYR H 495 -10.75 23.33 -35.97
C TYR H 495 -10.73 24.58 -35.10
N PRO H 496 -10.87 25.80 -35.64
CA PRO H 496 -10.78 26.99 -34.78
C PRO H 496 -11.83 27.06 -33.69
N THR H 497 -12.97 26.38 -33.85
CA THR H 497 -14.04 26.47 -32.85
C THR H 497 -13.58 25.95 -31.50
N ASN H 498 -12.67 24.97 -31.48
CA ASN H 498 -12.21 24.41 -30.22
C ASN H 498 -11.28 25.33 -29.45
N TYR H 499 -10.79 26.39 -30.06
CA TYR H 499 -9.87 27.32 -29.40
C TYR H 499 -10.64 28.43 -28.72
N ASP H 500 -10.19 28.78 -27.51
CA ASP H 500 -10.92 29.72 -26.66
C ASP H 500 -10.37 31.14 -26.76
N TYR H 501 -9.08 31.33 -26.51
CA TYR H 501 -8.45 32.64 -26.46
C TYR H 501 -7.63 32.86 -27.72
N TRP H 502 -7.85 34.00 -28.39
CA TRP H 502 -7.26 34.31 -29.68
C TRP H 502 -6.50 35.62 -29.61
N GLY H 503 -5.44 35.74 -30.40
CA GLY H 503 -4.75 37.00 -30.52
C GLY H 503 -5.45 37.95 -31.47
N GLN H 504 -4.96 39.18 -31.51
CA GLN H 504 -5.57 40.19 -32.38
C GLN H 504 -5.26 39.92 -33.85
N GLY H 505 -4.12 39.28 -34.12
CA GLY H 505 -3.66 39.01 -35.47
C GLY H 505 -2.54 39.95 -35.88
N THR H 506 -1.64 39.41 -36.72
CA THR H 506 -0.51 40.17 -37.24
C THR H 506 -0.36 39.89 -38.73
N GLN H 507 -0.22 40.95 -39.51
CA GLN H 507 -0.19 40.86 -40.96
C GLN H 507 1.25 40.70 -41.43
N VAL H 508 1.46 39.79 -42.38
CA VAL H 508 2.76 39.56 -42.99
C VAL H 508 2.57 39.57 -44.50
N THR H 509 3.38 40.38 -45.20
CA THR H 509 3.32 40.52 -46.64
C THR H 509 4.73 40.55 -47.20
N VAL H 510 5.11 39.48 -47.90
CA VAL H 510 6.42 39.40 -48.53
C VAL H 510 6.45 38.22 -49.48
N GLN I 1 18.43 1.06 -35.67
CA GLN I 1 19.69 1.30 -36.43
C GLN I 1 20.83 0.46 -35.84
N VAL I 2 21.04 -0.72 -36.42
CA VAL I 2 22.07 -1.66 -35.98
C VAL I 2 22.89 -2.07 -37.20
N GLN I 3 24.20 -2.01 -37.07
CA GLN I 3 25.15 -2.46 -38.10
C GLN I 3 25.91 -3.66 -37.55
N LEU I 4 25.86 -4.77 -38.28
CA LEU I 4 26.54 -6.00 -37.90
C LEU I 4 27.74 -6.21 -38.81
N VAL I 5 28.91 -6.38 -38.22
CA VAL I 5 30.12 -6.72 -38.95
C VAL I 5 30.69 -7.99 -38.31
N GLU I 6 30.82 -9.05 -39.11
CA GLU I 6 31.25 -10.35 -38.62
C GLU I 6 32.54 -10.76 -39.31
N SER I 7 33.34 -11.53 -38.57
CA SER I 7 34.64 -11.99 -39.02
C SER I 7 34.81 -13.46 -38.68
N GLY I 8 35.69 -14.12 -39.44
CA GLY I 8 35.96 -15.53 -39.27
C GLY I 8 36.49 -16.16 -40.55
N GLY I 9 37.51 -17.00 -40.42
CA GLY I 9 38.13 -17.64 -41.57
C GLY I 9 37.18 -18.55 -42.32
N LEU I 405 37.58 -22.91 -35.33
CA LEU I 405 37.55 -21.51 -35.74
C LEU I 405 36.45 -20.77 -34.98
N ARG I 406 36.77 -19.55 -34.54
CA ARG I 406 35.87 -18.73 -33.73
C ARG I 406 35.34 -17.59 -34.61
N LEU I 407 34.09 -17.72 -35.03
CA LEU I 407 33.42 -16.60 -35.69
C LEU I 407 33.02 -15.56 -34.66
N SER I 408 33.15 -14.28 -35.03
CA SER I 408 32.78 -13.17 -34.17
C SER I 408 31.83 -12.26 -34.92
N CYS I 409 30.93 -11.61 -34.19
CA CYS I 409 30.01 -10.61 -34.76
C CYS I 409 29.95 -9.41 -33.83
N ALA I 410 30.16 -8.22 -34.40
CA ALA I 410 30.09 -6.96 -33.67
C ALA I 410 28.88 -6.18 -34.14
N ALA I 411 28.01 -5.83 -33.19
CA ALA I 411 26.81 -5.06 -33.43
C ALA I 411 27.03 -3.65 -32.89
N SER I 412 26.79 -2.65 -33.73
CA SER I 412 26.98 -1.25 -33.38
C SER I 412 25.69 -0.49 -33.60
N GLY I 413 25.33 0.37 -32.64
CA GLY I 413 24.14 1.19 -32.72
C GLY I 413 23.18 0.95 -31.57
N HIS I 414 21.88 1.01 -31.85
CA HIS I 414 20.84 0.81 -30.83
C HIS I 414 20.62 -0.69 -30.63
N THR I 415 21.67 -1.35 -30.11
CA THR I 415 21.63 -2.80 -29.96
C THR I 415 20.59 -3.25 -28.94
N PHE I 416 20.20 -2.40 -27.99
CA PHE I 416 19.24 -2.81 -26.97
C PHE I 416 17.88 -3.12 -27.58
N ASN I 417 17.47 -2.36 -28.59
CA ASN I 417 16.18 -2.58 -29.23
C ASN I 417 16.11 -3.89 -30.01
N TYR I 418 17.25 -4.55 -30.23
CA TYR I 418 17.32 -5.79 -31.00
C TYR I 418 18.08 -6.81 -30.17
N PRO I 419 17.49 -7.28 -29.05
CA PRO I 419 18.23 -8.12 -28.10
C PRO I 419 18.69 -9.45 -28.67
N ILE I 420 17.77 -10.27 -29.16
CA ILE I 420 18.13 -11.59 -29.67
C ILE I 420 18.85 -11.43 -31.00
N MET I 421 20.02 -12.08 -31.12
CA MET I 421 20.76 -12.13 -32.37
C MET I 421 21.29 -13.53 -32.58
N GLY I 422 21.48 -13.90 -33.85
CA GLY I 422 21.79 -15.27 -34.19
C GLY I 422 22.60 -15.41 -35.47
N TRP I 423 22.87 -16.67 -35.79
CA TRP I 423 23.65 -17.07 -36.95
C TRP I 423 22.78 -17.93 -37.86
N PHE I 424 22.89 -17.68 -39.17
CA PHE I 424 22.29 -18.47 -40.22
C PHE I 424 23.39 -18.93 -41.17
N ARG I 425 23.09 -19.94 -41.99
CA ARG I 425 24.02 -20.46 -42.99
C ARG I 425 23.34 -20.57 -44.34
N GLN I 426 24.14 -20.48 -45.40
CA GLN I 426 23.63 -20.72 -46.74
C GLN I 426 24.78 -21.16 -47.63
N ALA I 427 24.58 -22.24 -48.36
CA ALA I 427 25.51 -22.73 -49.36
C ALA I 427 25.04 -22.32 -50.74
N PRO I 428 25.92 -22.41 -51.76
CA PRO I 428 25.50 -22.00 -53.11
C PRO I 428 24.32 -22.82 -53.63
N GLY I 429 23.36 -22.13 -54.23
CA GLY I 429 22.16 -22.78 -54.72
C GLY I 429 21.20 -23.23 -53.64
N LYS I 430 21.42 -22.82 -52.40
CA LYS I 430 20.59 -23.20 -51.26
C LYS I 430 20.03 -21.95 -50.59
N GLU I 431 19.02 -22.15 -49.77
CA GLU I 431 18.33 -21.09 -49.03
C GLU I 431 18.93 -20.99 -47.63
N ARG I 432 18.77 -19.80 -47.03
CA ARG I 432 19.27 -19.57 -45.67
C ARG I 432 18.63 -20.55 -44.70
N GLU I 433 19.44 -21.03 -43.76
CA GLU I 433 19.01 -21.99 -42.75
C GLU I 433 19.46 -21.52 -41.37
N PHE I 434 18.61 -21.70 -40.38
CA PHE I 434 18.91 -21.27 -39.02
C PHE I 434 20.00 -22.13 -38.41
N VAL I 435 21.03 -21.49 -37.86
CA VAL I 435 22.12 -22.16 -37.15
C VAL I 435 21.97 -22.03 -35.65
N GLY I 436 21.77 -20.81 -35.16
CA GLY I 436 21.64 -20.64 -33.73
C GLY I 436 21.25 -19.23 -33.34
N ALA I 437 21.00 -19.05 -32.05
CA ALA I 437 20.52 -17.78 -31.53
C ALA I 437 20.93 -17.62 -30.07
N ILE I 438 21.16 -16.37 -29.69
CA ILE I 438 21.57 -15.97 -28.35
C ILE I 438 20.76 -14.75 -27.94
N SER I 439 20.39 -14.69 -26.67
CA SER I 439 19.53 -13.65 -26.12
C SER I 439 20.36 -12.58 -25.41
N TRP I 440 19.68 -11.53 -24.94
CA TRP I 440 20.36 -10.40 -24.33
C TRP I 440 21.09 -10.79 -23.05
N SER I 441 20.44 -11.60 -22.20
CA SER I 441 21.06 -11.99 -20.94
C SER I 441 22.31 -12.83 -21.17
N GLY I 442 22.27 -13.73 -22.16
CA GLY I 442 23.37 -14.61 -22.44
C GLY I 442 23.33 -15.94 -21.71
N GLY I 443 22.45 -16.09 -20.72
CA GLY I 443 22.29 -17.33 -20.00
C GLY I 443 21.41 -18.36 -20.67
N SER I 444 20.82 -18.04 -21.83
CA SER I 444 19.98 -18.95 -22.58
C SER I 444 20.43 -18.94 -24.04
N THR I 445 20.31 -20.11 -24.67
CA THR I 445 20.81 -20.31 -26.03
C THR I 445 19.74 -21.04 -26.84
N SER I 446 19.95 -21.12 -28.15
CA SER I 446 19.12 -21.99 -28.98
C SER I 446 19.94 -22.46 -30.17
N TYR I 447 19.92 -23.76 -30.43
CA TYR I 447 20.65 -24.36 -31.54
C TYR I 447 19.74 -25.30 -32.30
N ALA I 448 20.02 -25.44 -33.61
CA ALA I 448 19.29 -26.38 -34.43
C ALA I 448 19.77 -27.81 -34.17
N ASP I 449 18.93 -28.77 -34.52
CA ASP I 449 19.26 -30.17 -34.27
C ASP I 449 20.49 -30.60 -35.06
N SER I 450 20.62 -30.13 -36.30
CA SER I 450 21.73 -30.54 -37.14
C SER I 450 23.08 -30.07 -36.63
N VAL I 451 23.11 -29.07 -35.75
CA VAL I 451 24.35 -28.52 -35.22
C VAL I 451 24.36 -28.64 -33.70
N LYS I 452 23.71 -29.67 -33.17
CA LYS I 452 23.68 -29.90 -31.73
C LYS I 452 24.94 -30.62 -31.28
N ASP I 453 25.46 -30.20 -30.13
CA ASP I 453 26.61 -30.75 -29.42
C ASP I 453 27.93 -30.34 -30.09
N ARG I 454 27.91 -29.71 -31.26
CA ARG I 454 29.12 -29.38 -32.02
C ARG I 454 29.42 -27.89 -32.03
N PHE I 455 28.48 -27.06 -32.49
CA PHE I 455 28.65 -25.61 -32.53
C PHE I 455 28.06 -25.03 -31.25
N THR I 456 28.73 -24.01 -30.71
CA THR I 456 28.27 -23.33 -29.50
C THR I 456 28.28 -21.83 -29.73
N ILE I 457 27.47 -21.11 -28.97
CA ILE I 457 27.34 -19.66 -29.09
C ILE I 457 27.47 -19.05 -27.69
N SER I 458 28.14 -17.90 -27.61
CA SER I 458 28.36 -17.20 -26.35
C SER I 458 28.22 -15.70 -26.55
N ARG I 459 27.94 -15.00 -25.46
CA ARG I 459 27.71 -13.56 -25.44
C ARG I 459 28.71 -12.92 -24.48
N ASP I 460 29.11 -11.69 -24.80
CA ASP I 460 30.04 -10.89 -24.01
C ASP I 460 29.47 -9.48 -23.90
N ASN I 461 30.07 -8.66 -23.03
CA ASN I 461 29.68 -7.27 -22.88
C ASN I 461 30.30 -6.44 -24.01
N ALA I 462 30.22 -5.12 -23.89
CA ALA I 462 30.87 -4.18 -24.83
C ALA I 462 30.21 -4.34 -26.20
N LYS I 463 30.98 -4.41 -27.30
CA LYS I 463 30.44 -4.31 -28.65
C LYS I 463 30.29 -5.68 -29.30
N ASN I 464 31.38 -6.45 -29.34
CA ASN I 464 31.34 -7.79 -29.93
C ASN I 464 30.76 -8.76 -28.92
N THR I 465 29.43 -8.87 -28.94
CA THR I 465 28.68 -9.67 -27.97
C THR I 465 28.12 -10.95 -28.55
N VAL I 466 28.70 -11.46 -29.63
CA VAL I 466 28.26 -12.72 -30.25
C VAL I 466 29.49 -13.45 -30.77
N TYR I 467 29.76 -14.62 -30.20
CA TYR I 467 30.86 -15.47 -30.60
C TYR I 467 30.31 -16.87 -30.89
N LEU I 468 30.73 -17.45 -32.01
CA LEU I 468 30.31 -18.78 -32.43
C LEU I 468 31.54 -19.67 -32.54
N GLU I 469 31.58 -20.73 -31.72
CA GLU I 469 32.65 -21.71 -31.74
C GLU I 469 32.23 -22.89 -32.59
N MET I 470 33.09 -23.26 -33.54
CA MET I 470 32.84 -24.31 -34.52
C MET I 470 33.71 -25.51 -34.20
N ASN I 471 33.10 -26.69 -34.14
CA ASN I 471 33.83 -27.93 -33.88
C ASN I 471 33.27 -29.03 -34.78
N ASN I 472 34.16 -29.95 -35.16
CA ASN I 472 33.81 -31.11 -35.97
C ASN I 472 33.19 -30.67 -37.31
N LEU I 473 34.01 -29.98 -38.10
CA LEU I 473 33.56 -29.52 -39.40
C LEU I 473 33.39 -30.69 -40.37
N LYS I 474 32.48 -30.52 -41.31
CA LYS I 474 32.13 -31.51 -42.31
C LYS I 474 32.08 -30.84 -43.68
N PRO I 475 32.26 -31.60 -44.76
CA PRO I 475 32.20 -30.97 -46.10
C PRO I 475 30.88 -30.30 -46.41
N GLU I 476 29.77 -30.80 -45.87
CA GLU I 476 28.48 -30.15 -46.07
C GLU I 476 28.41 -28.79 -45.39
N ASP I 477 29.30 -28.49 -44.46
CA ASP I 477 29.31 -27.21 -43.77
C ASP I 477 29.89 -26.08 -44.61
N THR I 478 30.42 -26.38 -45.80
CA THR I 478 30.96 -25.34 -46.69
C THR I 478 29.85 -24.36 -47.06
N ALA I 479 29.95 -23.13 -46.58
CA ALA I 479 28.85 -22.19 -46.76
C ALA I 479 29.28 -20.80 -46.32
N VAL I 480 28.44 -19.82 -46.63
CA VAL I 480 28.56 -18.48 -46.09
C VAL I 480 27.61 -18.34 -44.91
N TYR I 481 28.14 -17.85 -43.79
CA TYR I 481 27.40 -17.72 -42.54
C TYR I 481 27.08 -16.25 -42.31
N TYR I 482 25.82 -15.95 -42.04
CA TYR I 482 25.34 -14.60 -41.82
C TYR I 482 25.00 -14.38 -40.35
N CYS I 483 25.50 -13.26 -39.82
CA CYS I 483 25.04 -12.74 -38.55
C CYS I 483 23.76 -11.94 -38.76
N ALA I 484 22.84 -12.04 -37.81
CA ALA I 484 21.55 -11.36 -37.94
C ALA I 484 21.06 -10.97 -36.56
N ALA I 485 20.19 -9.96 -36.52
CA ALA I 485 19.60 -9.46 -35.30
C ALA I 485 18.09 -9.34 -35.48
N LYS I 486 17.37 -9.50 -34.37
CA LYS I 486 15.91 -9.49 -34.36
C LYS I 486 15.41 -8.58 -33.26
N GLY I 487 14.22 -8.01 -33.48
CA GLY I 487 13.60 -7.17 -32.49
C GLY I 487 13.07 -7.98 -31.32
N ARG I 488 12.65 -7.24 -30.29
CA ARG I 488 12.15 -7.90 -29.09
C ARG I 488 10.85 -8.65 -29.36
N TYR I 489 9.81 -7.93 -29.80
CA TYR I 489 8.52 -8.52 -30.10
C TYR I 489 8.48 -8.89 -31.59
N SER I 490 8.93 -10.10 -31.89
CA SER I 490 8.92 -10.63 -33.23
C SER I 490 8.68 -12.13 -33.18
N GLY I 491 8.57 -12.73 -34.35
CA GLY I 491 8.21 -14.13 -34.44
C GLY I 491 9.32 -15.06 -33.96
N GLY I 492 9.24 -16.30 -34.43
CA GLY I 492 10.20 -17.30 -34.02
C GLY I 492 11.59 -17.02 -34.58
N LEU I 493 12.58 -17.65 -33.96
CA LEU I 493 13.97 -17.42 -34.36
C LEU I 493 14.28 -18.13 -35.67
N TYR I 494 13.62 -19.25 -35.94
CA TYR I 494 14.04 -20.12 -37.04
C TYR I 494 13.80 -19.48 -38.40
N TYR I 495 12.93 -18.48 -38.49
CA TYR I 495 12.50 -17.95 -39.79
C TYR I 495 13.29 -16.69 -40.11
N PRO I 496 14.01 -16.64 -41.26
CA PRO I 496 14.91 -15.49 -41.48
C PRO I 496 14.19 -14.19 -41.73
N THR I 497 12.98 -14.23 -42.29
CA THR I 497 12.29 -13.00 -42.67
C THR I 497 11.95 -12.13 -41.47
N ASN I 498 11.85 -12.72 -40.28
CA ASN I 498 11.62 -11.94 -39.07
C ASN I 498 12.80 -11.07 -38.68
N TYR I 499 13.99 -11.33 -39.23
CA TYR I 499 15.20 -10.60 -38.87
C TYR I 499 15.34 -9.36 -39.75
N ASP I 500 15.93 -8.32 -39.17
CA ASP I 500 16.25 -7.10 -39.89
C ASP I 500 17.66 -6.67 -39.50
N TYR I 501 18.25 -5.79 -40.32
CA TYR I 501 19.64 -5.38 -40.19
C TYR I 501 20.56 -6.61 -40.26
N TRP I 502 20.56 -7.24 -41.43
CA TRP I 502 21.40 -8.39 -41.68
C TRP I 502 22.87 -7.97 -41.76
N GLY I 503 23.76 -8.92 -41.47
CA GLY I 503 25.19 -8.71 -41.54
C GLY I 503 25.77 -9.16 -42.87
N GLN I 504 27.09 -8.97 -42.98
CA GLN I 504 27.83 -9.35 -44.18
C GLN I 504 28.34 -10.78 -44.01
N GLY I 505 27.84 -11.68 -44.86
CA GLY I 505 28.16 -13.09 -44.74
C GLY I 505 29.62 -13.42 -44.88
N THR I 506 30.15 -14.22 -43.96
CA THR I 506 31.54 -14.67 -43.98
C THR I 506 31.59 -16.09 -44.55
N GLN I 507 32.47 -16.28 -45.54
CA GLN I 507 32.55 -17.55 -46.25
C GLN I 507 33.53 -18.48 -45.56
N VAL I 508 33.10 -19.73 -45.32
CA VAL I 508 33.94 -20.76 -44.73
C VAL I 508 33.80 -22.01 -45.59
N THR I 509 34.93 -22.56 -46.04
CA THR I 509 34.97 -23.76 -46.87
C THR I 509 35.89 -24.76 -46.20
N VAL I 510 35.31 -25.89 -45.78
CA VAL I 510 36.07 -26.94 -45.13
C VAL I 510 37.00 -27.60 -46.14
N GLN J 1 -24.48 16.38 20.26
CA GLN J 1 -24.94 17.35 21.29
C GLN J 1 -24.29 18.71 21.08
N VAL J 2 -24.99 19.58 20.34
CA VAL J 2 -24.50 20.91 20.00
C VAL J 2 -25.54 21.93 20.42
N GLN J 3 -25.07 23.01 21.06
CA GLN J 3 -25.91 24.11 21.51
C GLN J 3 -25.53 25.36 20.75
N LEU J 4 -26.54 26.07 20.24
CA LEU J 4 -26.37 27.25 19.40
C LEU J 4 -26.88 28.49 20.13
N VAL J 5 -26.12 29.56 20.08
CA VAL J 5 -26.50 30.85 20.65
C VAL J 5 -26.35 31.91 19.55
N GLU J 6 -27.42 32.66 19.32
CA GLU J 6 -27.46 33.68 18.28
C GLU J 6 -27.38 35.06 18.91
N SER J 7 -26.54 35.92 18.34
CA SER J 7 -26.36 37.29 18.78
C SER J 7 -26.78 38.24 17.66
N GLY J 8 -26.60 39.54 17.91
CA GLY J 8 -26.93 40.55 16.94
C GLY J 8 -28.43 40.83 16.88
N GLY J 9 -28.80 41.63 15.91
CA GLY J 9 -30.19 42.00 15.70
C GLY J 9 -30.70 42.96 16.75
N GLY J 403 -29.78 48.80 8.06
CA GLY J 403 -28.94 48.99 6.89
C GLY J 403 -27.79 48.00 6.84
N SER J 404 -26.94 48.03 7.86
CA SER J 404 -25.79 47.13 7.99
C SER J 404 -25.88 46.43 9.33
N LEU J 405 -26.02 45.11 9.28
CA LEU J 405 -26.09 44.27 10.47
C LEU J 405 -25.10 43.12 10.32
N ARG J 406 -24.77 42.48 11.43
CA ARG J 406 -23.88 41.33 11.43
C ARG J 406 -24.24 40.37 12.55
N LEU J 407 -25.03 39.36 12.23
CA LEU J 407 -25.40 38.34 13.22
C LEU J 407 -24.25 37.37 13.41
N SER J 408 -24.13 36.77 14.59
CA SER J 408 -23.04 35.84 14.90
C SER J 408 -23.64 34.67 15.70
N CYS J 409 -23.85 33.55 15.02
CA CYS J 409 -24.34 32.33 15.65
C CYS J 409 -23.14 31.49 16.06
N ALA J 410 -22.95 31.33 17.37
CA ALA J 410 -21.88 30.51 17.92
C ALA J 410 -22.42 29.16 18.34
N ALA J 411 -21.57 28.13 18.25
CA ALA J 411 -21.93 26.76 18.58
C ALA J 411 -20.95 26.20 19.59
N SER J 412 -21.45 25.30 20.43
CA SER J 412 -20.63 24.63 21.44
C SER J 412 -21.05 23.18 21.54
N GLY J 413 -20.05 22.29 21.60
CA GLY J 413 -20.28 20.86 21.72
C GLY J 413 -19.62 20.09 20.59
N HIS J 414 -20.29 19.03 20.14
CA HIS J 414 -19.80 18.19 19.06
C HIS J 414 -20.11 18.83 17.71
N THR J 415 -19.42 19.94 17.44
CA THR J 415 -19.66 20.69 16.21
C THR J 415 -19.26 19.89 14.99
N PHE J 416 -18.22 19.06 15.11
CA PHE J 416 -17.76 18.28 13.97
C PHE J 416 -18.83 17.30 13.50
N ASN J 417 -19.66 16.82 14.42
CA ASN J 417 -20.74 15.93 14.03
C ASN J 417 -21.82 16.65 13.24
N TYR J 418 -21.91 17.98 13.38
CA TYR J 418 -22.93 18.80 12.73
C TYR J 418 -22.23 19.95 12.00
N PRO J 419 -21.55 19.66 10.89
CA PRO J 419 -20.77 20.71 10.21
C PRO J 419 -21.59 21.68 9.39
N ILE J 420 -22.64 21.19 8.71
CA ILE J 420 -23.31 22.04 7.73
C ILE J 420 -24.27 22.96 8.48
N MET J 421 -23.87 24.22 8.65
CA MET J 421 -24.60 25.15 9.51
C MET J 421 -25.27 26.20 8.63
N GLY J 422 -26.55 26.46 8.93
CA GLY J 422 -27.37 27.28 8.05
C GLY J 422 -28.24 28.25 8.82
N TRP J 423 -28.75 29.23 8.06
CA TRP J 423 -29.59 30.29 8.57
C TRP J 423 -30.94 30.22 7.88
N PHE J 424 -32.01 30.30 8.68
CA PHE J 424 -33.39 30.41 8.21
C PHE J 424 -33.98 31.70 8.76
N ARG J 425 -35.13 32.10 8.22
CA ARG J 425 -35.87 33.24 8.74
C ARG J 425 -37.35 32.95 8.66
N GLN J 426 -38.10 33.38 9.68
CA GLN J 426 -39.54 33.24 9.74
C GLN J 426 -40.13 34.64 9.94
N ALA J 427 -40.86 35.11 8.93
CA ALA J 427 -41.60 36.34 9.06
C ALA J 427 -42.86 36.07 9.89
N PRO J 428 -43.41 37.10 10.56
CA PRO J 428 -44.54 36.84 11.46
C PRO J 428 -45.78 36.41 10.69
N GLY J 429 -46.33 35.26 11.06
CA GLY J 429 -47.46 34.67 10.36
C GLY J 429 -47.11 33.89 9.12
N LYS J 430 -45.83 33.74 8.80
CA LYS J 430 -45.36 33.03 7.62
C LYS J 430 -44.61 31.77 8.02
N GLU J 431 -44.49 30.85 7.07
CA GLU J 431 -43.74 29.62 7.29
C GLU J 431 -42.24 29.89 7.24
N ARG J 432 -41.48 29.02 7.91
CA ARG J 432 -40.03 29.14 7.89
C ARG J 432 -39.50 28.92 6.48
N GLU J 433 -38.45 29.66 6.13
CA GLU J 433 -37.86 29.61 4.79
C GLU J 433 -36.34 29.56 4.89
N PHE J 434 -35.74 28.97 3.86
CA PHE J 434 -34.28 28.90 3.78
C PHE J 434 -33.70 30.26 3.43
N VAL J 435 -32.56 30.59 4.02
CA VAL J 435 -31.83 31.83 3.75
C VAL J 435 -30.40 31.54 3.32
N GLY J 436 -29.69 30.68 4.05
CA GLY J 436 -28.31 30.40 3.66
C GLY J 436 -27.76 29.18 4.34
N ALA J 437 -26.61 28.73 3.85
CA ALA J 437 -25.93 27.56 4.38
C ALA J 437 -24.43 27.71 4.18
N ILE J 438 -23.66 27.00 4.99
CA ILE J 438 -22.20 27.05 4.90
C ILE J 438 -21.64 25.77 5.49
N SER J 439 -20.50 25.34 4.95
CA SER J 439 -19.90 24.05 5.27
C SER J 439 -18.93 24.19 6.44
N TRP J 440 -18.16 23.13 6.69
CA TRP J 440 -17.18 23.15 7.77
C TRP J 440 -16.02 24.07 7.44
N SER J 441 -15.48 23.97 6.22
CA SER J 441 -14.34 24.79 5.83
C SER J 441 -14.70 26.25 5.64
N GLY J 442 -15.98 26.61 5.60
CA GLY J 442 -16.37 27.99 5.43
C GLY J 442 -16.04 28.57 4.08
N GLY J 443 -16.16 27.77 3.02
CA GLY J 443 -15.89 28.24 1.66
C GLY J 443 -16.84 27.65 0.63
N SER J 444 -18.03 27.25 1.06
CA SER J 444 -19.02 26.62 0.19
C SER J 444 -20.40 27.20 0.46
N THR J 445 -20.48 28.53 0.49
CA THR J 445 -21.74 29.20 0.79
C THR J 445 -22.78 28.90 -0.29
N SER J 446 -24.04 28.87 0.13
CA SER J 446 -25.17 28.69 -0.77
C SER J 446 -26.35 29.46 -0.23
N TYR J 447 -26.89 30.37 -1.03
CA TYR J 447 -27.98 31.26 -0.63
C TYR J 447 -29.21 30.99 -1.48
N ALA J 448 -30.37 31.25 -0.90
CA ALA J 448 -31.61 31.18 -1.66
C ALA J 448 -31.66 32.33 -2.67
N ASP J 449 -32.38 32.09 -3.77
CA ASP J 449 -32.44 33.09 -4.84
C ASP J 449 -33.07 34.39 -4.37
N SER J 450 -34.00 34.33 -3.42
CA SER J 450 -34.70 35.53 -2.95
C SER J 450 -33.83 36.43 -2.09
N VAL J 451 -32.67 35.95 -1.62
CA VAL J 451 -31.80 36.72 -0.73
C VAL J 451 -30.37 36.73 -1.27
N LYS J 452 -30.21 36.54 -2.58
CA LYS J 452 -28.89 36.51 -3.19
C LYS J 452 -28.43 37.94 -3.51
N ASP J 453 -27.11 38.11 -3.57
CA ASP J 453 -26.42 39.35 -3.92
C ASP J 453 -26.61 40.45 -2.87
N ARG J 454 -27.20 40.15 -1.72
CA ARG J 454 -27.31 41.11 -0.62
C ARG J 454 -27.10 40.44 0.74
N PHE J 455 -26.47 39.27 0.78
CA PHE J 455 -26.18 38.56 2.01
C PHE J 455 -24.78 37.99 1.91
N THR J 456 -24.18 37.68 3.06
CA THR J 456 -22.89 37.02 3.07
C THR J 456 -22.78 36.16 4.32
N ILE J 457 -22.11 35.03 4.20
CA ILE J 457 -21.90 34.10 5.31
C ILE J 457 -20.41 33.78 5.39
N SER J 458 -19.86 33.85 6.60
CA SER J 458 -18.48 33.48 6.87
C SER J 458 -18.45 32.59 8.10
N ARG J 459 -17.35 31.86 8.26
CA ARG J 459 -17.21 30.89 9.34
C ARG J 459 -15.81 30.98 9.93
N ASP J 460 -15.71 30.72 11.23
CA ASP J 460 -14.41 30.56 11.88
C ASP J 460 -14.50 29.44 12.90
N ASN J 461 -13.43 28.64 12.96
CA ASN J 461 -13.38 27.44 13.78
C ASN J 461 -12.51 27.58 15.03
N ALA J 462 -11.58 28.54 15.06
CA ALA J 462 -10.84 28.80 16.29
C ALA J 462 -11.78 29.22 17.40
N LYS J 463 -12.73 30.08 17.09
CA LYS J 463 -13.94 30.29 17.88
C LYS J 463 -15.11 29.85 17.00
N ASN J 464 -15.77 28.76 17.39
CA ASN J 464 -16.74 28.11 16.52
C ASN J 464 -17.93 29.03 16.33
N THR J 465 -17.97 29.72 15.19
CA THR J 465 -19.01 30.71 14.95
C THR J 465 -19.21 30.87 13.45
N VAL J 466 -20.45 31.23 13.08
CA VAL J 466 -20.79 31.62 11.72
C VAL J 466 -21.35 33.04 11.79
N TYR J 467 -20.83 33.92 10.95
CA TYR J 467 -21.27 35.31 10.86
C TYR J 467 -22.10 35.50 9.61
N LEU J 468 -23.30 36.06 9.79
CA LEU J 468 -24.20 36.44 8.70
C LEU J 468 -24.13 37.95 8.57
N GLU J 469 -23.53 38.42 7.48
CA GLU J 469 -23.32 39.83 7.23
C GLU J 469 -24.39 40.30 6.25
N MET J 470 -25.14 41.32 6.65
CA MET J 470 -26.26 41.85 5.90
C MET J 470 -25.82 43.02 5.00
N ASN J 471 -26.73 43.43 4.14
CA ASN J 471 -26.51 44.53 3.21
C ASN J 471 -27.85 45.24 3.05
N ASN J 472 -27.99 46.07 2.01
CA ASN J 472 -29.21 46.83 1.74
C ASN J 472 -30.45 45.96 1.84
N LEU J 473 -31.31 46.27 2.82
CA LEU J 473 -32.43 45.44 3.18
C LEU J 473 -33.70 45.94 2.50
N LYS J 474 -34.80 45.23 2.76
CA LYS J 474 -36.12 45.55 2.27
C LYS J 474 -37.10 45.37 3.42
N PRO J 475 -38.29 45.98 3.35
CA PRO J 475 -39.24 45.82 4.47
C PRO J 475 -39.67 44.38 4.70
N GLU J 476 -39.63 43.53 3.67
CA GLU J 476 -39.97 42.12 3.84
C GLU J 476 -38.95 41.38 4.67
N ASP J 477 -37.74 41.92 4.84
CA ASP J 477 -36.70 41.23 5.58
C ASP J 477 -36.96 41.14 7.07
N THR J 478 -37.95 41.87 7.59
CA THR J 478 -38.26 41.79 9.01
C THR J 478 -38.76 40.39 9.36
N ALA J 479 -38.13 39.77 10.36
CA ALA J 479 -38.43 38.38 10.69
C ALA J 479 -37.59 37.97 11.89
N VAL J 480 -37.91 36.79 12.43
CA VAL J 480 -37.08 36.13 13.42
C VAL J 480 -36.12 35.23 12.65
N TYR J 481 -34.82 35.50 12.76
CA TYR J 481 -33.79 34.73 12.08
C TYR J 481 -33.27 33.65 13.02
N TYR J 482 -33.30 32.41 12.55
CA TYR J 482 -32.84 31.24 13.29
C TYR J 482 -31.57 30.67 12.67
N CYS J 483 -30.79 30.00 13.52
CA CYS J 483 -29.53 29.37 13.13
C CYS J 483 -29.62 27.90 13.50
N ALA J 484 -29.34 27.02 12.55
CA ALA J 484 -29.44 25.57 12.74
C ALA J 484 -28.19 24.87 12.24
N ALA J 485 -28.04 23.62 12.65
CA ALA J 485 -26.90 22.79 12.29
C ALA J 485 -27.40 21.46 11.72
N LYS J 486 -26.63 20.89 10.81
CA LYS J 486 -26.97 19.64 10.15
C LYS J 486 -25.74 18.77 10.04
N GLY J 487 -25.97 17.46 10.17
CA GLY J 487 -24.91 16.46 10.15
C GLY J 487 -24.63 15.99 8.75
N ARG J 488 -23.40 15.55 8.53
CA ARG J 488 -23.03 14.92 7.27
C ARG J 488 -23.92 13.71 7.02
N TYR J 489 -24.31 13.51 5.77
CA TYR J 489 -25.24 12.46 5.38
C TYR J 489 -26.57 12.63 6.11
N SER J 490 -27.21 13.77 5.85
CA SER J 490 -28.51 14.10 6.42
C SER J 490 -29.58 14.33 5.36
N GLY J 491 -29.27 15.07 4.29
CA GLY J 491 -30.22 15.33 3.24
C GLY J 491 -30.02 16.68 2.58
N GLY J 492 -31.11 17.26 2.07
CA GLY J 492 -31.01 18.54 1.40
C GLY J 492 -30.85 19.70 2.37
N LEU J 493 -30.43 20.84 1.81
CA LEU J 493 -30.21 22.04 2.60
C LEU J 493 -31.49 22.84 2.83
N TYR J 494 -32.39 22.88 1.86
CA TYR J 494 -33.48 23.84 1.85
C TYR J 494 -34.62 23.48 2.80
N TYR J 495 -34.62 22.27 3.38
CA TYR J 495 -35.72 21.81 4.21
C TYR J 495 -35.35 21.87 5.70
N PRO J 496 -36.20 22.39 6.59
CA PRO J 496 -35.77 22.54 7.99
C PRO J 496 -35.87 21.26 8.80
N THR J 497 -36.62 20.25 8.34
CA THR J 497 -36.77 19.04 9.13
C THR J 497 -35.48 18.24 9.22
N ASN J 498 -34.59 18.37 8.24
CA ASN J 498 -33.31 17.68 8.26
C ASN J 498 -32.33 18.28 9.26
N TYR J 499 -32.63 19.45 9.83
CA TYR J 499 -31.77 20.11 10.80
C TYR J 499 -32.21 19.68 12.20
N ASP J 500 -31.23 19.32 13.03
CA ASP J 500 -31.51 18.74 14.35
C ASP J 500 -31.58 19.84 15.41
N TYR J 501 -30.49 20.59 15.59
CA TYR J 501 -30.36 21.53 16.69
C TYR J 501 -30.59 22.94 16.17
N TRP J 502 -31.61 23.61 16.71
CA TRP J 502 -31.99 24.96 16.30
C TRP J 502 -31.54 25.98 17.34
N GLY J 503 -31.53 27.24 16.93
CA GLY J 503 -31.27 28.34 17.82
C GLY J 503 -32.56 28.94 18.36
N GLN J 504 -32.40 29.89 19.28
CA GLN J 504 -33.56 30.51 19.91
C GLN J 504 -34.26 31.47 18.96
N GLY J 505 -33.50 32.13 18.08
CA GLY J 505 -34.05 33.04 17.11
C GLY J 505 -33.96 34.49 17.53
N THR J 506 -33.38 35.34 16.68
CA THR J 506 -33.20 36.77 16.96
C THR J 506 -34.13 37.57 16.06
N GLN J 507 -34.87 38.49 16.65
CA GLN J 507 -35.79 39.32 15.89
C GLN J 507 -35.05 40.47 15.24
N VAL J 508 -35.35 40.72 13.96
CA VAL J 508 -34.79 41.83 13.21
C VAL J 508 -35.94 42.53 12.50
N THR J 509 -35.95 43.86 12.57
CA THR J 509 -36.99 44.69 11.95
C THR J 509 -36.34 45.84 11.21
N VAL J 510 -36.70 46.00 9.94
CA VAL J 510 -36.21 47.11 9.13
C VAL J 510 -37.33 47.56 8.20
#